data_2JQ9
#
_entry.id   2JQ9
#
loop_
_entity.id
_entity.type
_entity.pdbx_description
1 polymer 'Vacuolar protein sorting-associating protein 4A'
2 polymer 'Chromatin-modifying protein 1a'
#
loop_
_entity_poly.entity_id
_entity_poly.type
_entity_poly.pdbx_seq_one_letter_code
_entity_poly.pdbx_strand_id
1 'polypeptide(L)'
;MTTSTLQKAIDLVTKATEEDKAKNYEEALRLYQHAVEYFLHAIKYEAHSDKAKESIRAKCVQYLDRAEKLKDYLRSKEKH
GKKP
;
A
2 'polypeptide(L)' VRSQEDQLSRRLAALRN B
#
# COMPACT_ATOMS: atom_id res chain seq x y z
N THR A 5 7.49 -4.18 11.37
CA THR A 5 6.65 -4.09 10.20
C THR A 5 6.04 -2.70 10.06
N LEU A 6 5.80 -2.06 11.20
CA LEU A 6 5.21 -0.72 11.22
C LEU A 6 6.11 0.27 10.49
N GLN A 7 7.37 0.31 10.87
CA GLN A 7 8.34 1.21 10.24
C GLN A 7 8.47 0.92 8.75
N LYS A 8 8.54 -0.36 8.41
CA LYS A 8 8.67 -0.77 7.03
C LYS A 8 7.45 -0.35 6.22
N ALA A 9 6.29 -0.37 6.85
CA ALA A 9 5.05 0.01 6.19
C ALA A 9 5.03 1.50 5.89
N ILE A 10 5.49 2.30 6.85
CA ILE A 10 5.51 3.75 6.70
C ILE A 10 6.68 4.18 5.81
N ASP A 11 7.85 3.62 6.08
CA ASP A 11 9.06 3.95 5.31
C ASP A 11 8.87 3.61 3.84
N LEU A 12 8.10 2.56 3.57
CA LEU A 12 7.84 2.13 2.21
C LEU A 12 6.94 3.14 1.48
N VAL A 13 5.80 3.44 2.08
CA VAL A 13 4.86 4.39 1.49
C VAL A 13 5.47 5.78 1.37
N THR A 14 6.31 6.13 2.35
CA THR A 14 6.97 7.43 2.36
C THR A 14 7.84 7.60 1.12
N LYS A 15 8.54 6.55 0.75
CA LYS A 15 9.41 6.59 -0.43
C LYS A 15 8.59 6.64 -1.71
N ALA A 16 7.41 6.03 -1.69
CA ALA A 16 6.53 6.00 -2.84
C ALA A 16 5.97 7.40 -3.12
N THR A 17 5.60 8.10 -2.06
CA THR A 17 5.04 9.45 -2.19
C THR A 17 6.05 10.39 -2.84
N GLU A 18 7.27 10.39 -2.33
CA GLU A 18 8.33 11.24 -2.86
C GLU A 18 8.59 10.93 -4.32
N GLU A 19 8.55 9.64 -4.66
CA GLU A 19 8.79 9.20 -6.03
C GLU A 19 7.74 9.77 -6.98
N ASP A 20 6.48 9.64 -6.60
CA ASP A 20 5.38 10.15 -7.41
C ASP A 20 5.53 11.64 -7.67
N LYS A 21 6.16 12.35 -6.73
CA LYS A 21 6.37 13.77 -6.87
C LYS A 21 7.53 14.07 -7.82
N ALA A 22 8.45 13.13 -7.93
CA ALA A 22 9.60 13.30 -8.80
C ALA A 22 9.38 12.62 -10.16
N LYS A 23 8.12 12.53 -10.57
CA LYS A 23 7.77 11.91 -11.84
C LYS A 23 8.25 10.48 -11.90
N ASN A 24 8.30 9.82 -10.74
CA ASN A 24 8.74 8.43 -10.67
C ASN A 24 7.58 7.50 -10.33
N TYR A 25 6.79 7.16 -11.36
CA TYR A 25 5.65 6.29 -11.17
C TYR A 25 6.10 4.85 -10.90
N GLU A 26 7.15 4.43 -11.58
CA GLU A 26 7.69 3.08 -11.42
C GLU A 26 8.16 2.86 -9.98
N GLU A 27 9.13 3.67 -9.55
CA GLU A 27 9.67 3.56 -8.20
C GLU A 27 8.58 3.82 -7.16
N ALA A 28 7.63 4.67 -7.51
CA ALA A 28 6.53 5.02 -6.60
C ALA A 28 5.56 3.86 -6.46
N LEU A 29 5.43 3.07 -7.51
CA LEU A 29 4.52 1.93 -7.50
C LEU A 29 5.07 0.80 -6.65
N ARG A 30 6.34 0.46 -6.88
CA ARG A 30 6.98 -0.61 -6.13
C ARG A 30 6.99 -0.31 -4.63
N LEU A 31 7.16 0.96 -4.30
CA LEU A 31 7.18 1.39 -2.90
C LEU A 31 5.77 1.40 -2.32
N TYR A 32 4.78 1.69 -3.16
CA TYR A 32 3.39 1.73 -2.73
C TYR A 32 2.87 0.33 -2.44
N GLN A 33 2.99 -0.56 -3.40
CA GLN A 33 2.53 -1.94 -3.25
C GLN A 33 3.25 -2.62 -2.09
N HIS A 34 4.50 -2.23 -1.86
CA HIS A 34 5.29 -2.80 -0.78
C HIS A 34 4.83 -2.28 0.57
N ALA A 35 4.42 -1.02 0.61
CA ALA A 35 3.95 -0.40 1.85
C ALA A 35 2.58 -0.93 2.24
N VAL A 36 1.62 -0.83 1.32
CA VAL A 36 0.27 -1.30 1.57
C VAL A 36 0.25 -2.79 1.88
N GLU A 37 1.05 -3.55 1.14
CA GLU A 37 1.12 -4.99 1.33
C GLU A 37 1.60 -5.32 2.74
N TYR A 38 2.56 -4.56 3.24
CA TYR A 38 3.10 -4.77 4.58
C TYR A 38 2.11 -4.30 5.64
N PHE A 39 1.33 -3.28 5.31
CA PHE A 39 0.35 -2.74 6.24
C PHE A 39 -0.77 -3.76 6.50
N LEU A 40 -1.30 -4.33 5.42
CA LEU A 40 -2.37 -5.32 5.54
C LEU A 40 -1.92 -6.52 6.35
N HIS A 41 -0.72 -7.00 6.08
CA HIS A 41 -0.17 -8.15 6.80
C HIS A 41 -0.05 -7.85 8.29
N ALA A 42 0.19 -6.59 8.62
CA ALA A 42 0.32 -6.18 10.01
C ALA A 42 -1.03 -6.19 10.73
N ILE A 43 -2.08 -5.86 9.99
CA ILE A 43 -3.42 -5.84 10.55
C ILE A 43 -3.92 -7.25 10.86
N LYS A 44 -3.78 -8.14 9.88
CA LYS A 44 -4.21 -9.53 10.05
C LYS A 44 -3.46 -10.19 11.21
N TYR A 45 -2.21 -9.78 11.41
CA TYR A 45 -1.39 -10.34 12.47
C TYR A 45 -1.72 -9.68 13.81
N GLU A 46 -1.67 -8.36 13.85
CA GLU A 46 -1.97 -7.62 15.06
C GLU A 46 -2.82 -6.39 14.76
N ALA A 47 -3.65 -5.99 15.72
CA ALA A 47 -4.51 -4.83 15.56
C ALA A 47 -4.99 -4.30 16.90
N HIS A 48 -5.64 -3.14 16.89
CA HIS A 48 -6.16 -2.54 18.11
C HIS A 48 -7.66 -2.74 18.23
N SER A 49 -8.39 -2.33 17.20
CA SER A 49 -9.84 -2.46 17.18
C SER A 49 -10.41 -2.07 15.82
N ASP A 50 -11.73 -2.07 15.72
CA ASP A 50 -12.40 -1.71 14.48
C ASP A 50 -12.08 -0.27 14.07
N LYS A 51 -12.04 0.61 15.06
CA LYS A 51 -11.74 2.02 14.82
C LYS A 51 -10.35 2.17 14.19
N ALA A 52 -9.33 1.71 14.89
CA ALA A 52 -7.96 1.79 14.40
C ALA A 52 -7.80 1.05 13.08
N LYS A 53 -8.38 -0.14 12.99
CA LYS A 53 -8.31 -0.94 11.78
C LYS A 53 -8.93 -0.22 10.60
N GLU A 54 -9.93 0.61 10.88
CA GLU A 54 -10.60 1.37 9.84
C GLU A 54 -9.68 2.43 9.26
N SER A 55 -9.01 3.17 10.13
CA SER A 55 -8.09 4.22 9.70
C SER A 55 -6.97 3.64 8.84
N ILE A 56 -6.50 2.46 9.22
CA ILE A 56 -5.43 1.80 8.48
C ILE A 56 -5.93 1.23 7.16
N ARG A 57 -7.20 0.81 7.15
CA ARG A 57 -7.81 0.24 5.96
C ARG A 57 -8.05 1.32 4.90
N ALA A 58 -8.64 2.43 5.32
CA ALA A 58 -8.92 3.54 4.41
C ALA A 58 -7.64 4.07 3.78
N LYS A 59 -6.59 4.15 4.57
CA LYS A 59 -5.30 4.63 4.09
C LYS A 59 -4.68 3.65 3.11
N CYS A 60 -4.96 2.36 3.32
CA CYS A 60 -4.43 1.32 2.45
C CYS A 60 -5.21 1.25 1.14
N VAL A 61 -6.53 1.29 1.25
CA VAL A 61 -7.40 1.23 0.07
C VAL A 61 -7.10 2.37 -0.89
N GLN A 62 -6.82 3.54 -0.35
CA GLN A 62 -6.51 4.70 -1.17
C GLN A 62 -5.13 4.57 -1.81
N TYR A 63 -4.18 4.01 -1.07
CA TYR A 63 -2.82 3.82 -1.56
C TYR A 63 -2.80 2.78 -2.69
N LEU A 64 -3.66 1.79 -2.57
CA LEU A 64 -3.74 0.73 -3.58
C LEU A 64 -4.25 1.28 -4.91
N ASP A 65 -5.26 2.15 -4.85
CA ASP A 65 -5.83 2.75 -6.03
C ASP A 65 -4.78 3.54 -6.81
N ARG A 66 -3.96 4.30 -6.08
CA ARG A 66 -2.91 5.10 -6.69
C ARG A 66 -1.88 4.21 -7.39
N ALA A 67 -1.65 3.03 -6.82
CA ALA A 67 -0.69 2.08 -7.38
C ALA A 67 -1.10 1.65 -8.79
N GLU A 68 -2.32 1.14 -8.92
CA GLU A 68 -2.83 0.69 -10.21
C GLU A 68 -2.81 1.82 -11.23
N LYS A 69 -2.97 3.06 -10.75
CA LYS A 69 -2.97 4.22 -11.61
C LYS A 69 -1.57 4.51 -12.13
N LEU A 70 -0.56 4.16 -11.35
CA LEU A 70 0.83 4.38 -11.74
C LEU A 70 1.28 3.32 -12.74
N LYS A 71 1.06 2.06 -12.40
CA LYS A 71 1.44 0.95 -13.27
C LYS A 71 0.74 1.06 -14.62
N ASP A 72 -0.47 1.60 -14.61
CA ASP A 72 -1.26 1.75 -15.84
C ASP A 72 -0.76 2.94 -16.64
N TYR A 73 -0.27 3.96 -15.96
CA TYR A 73 0.23 5.16 -16.61
C TYR A 73 1.39 4.82 -17.54
N LEU A 74 2.31 3.98 -17.07
CA LEU A 74 3.46 3.58 -17.86
C LEU A 74 3.11 2.41 -18.78
N ARG A 75 2.34 1.46 -18.25
CA ARG A 75 1.94 0.30 -19.02
C ARG A 75 1.14 0.70 -20.25
N GLU B 5 -11.34 -5.27 3.63
CA GLU B 5 -9.90 -5.52 3.64
C GLU B 5 -9.51 -6.53 2.57
N ASP B 6 -10.43 -7.45 2.29
CA ASP B 6 -10.18 -8.48 1.28
C ASP B 6 -10.17 -7.89 -0.12
N GLN B 7 -10.95 -6.81 -0.31
CA GLN B 7 -11.03 -6.15 -1.61
C GLN B 7 -9.66 -5.66 -2.04
N LEU B 8 -9.06 -4.77 -1.25
CA LEU B 8 -7.75 -4.22 -1.56
C LEU B 8 -6.65 -5.26 -1.36
N SER B 9 -6.89 -6.20 -0.43
CA SER B 9 -5.92 -7.25 -0.14
C SER B 9 -5.74 -8.16 -1.34
N ARG B 10 -6.83 -8.39 -2.08
CA ARG B 10 -6.79 -9.25 -3.26
C ARG B 10 -6.15 -8.53 -4.44
N ARG B 11 -6.62 -7.32 -4.72
CA ARG B 11 -6.09 -6.53 -5.82
C ARG B 11 -4.61 -6.24 -5.62
N LEU B 12 -4.19 -6.11 -4.36
CA LEU B 12 -2.80 -5.84 -4.03
C LEU B 12 -1.92 -7.04 -4.36
N ALA B 13 -2.37 -8.23 -3.98
CA ALA B 13 -1.63 -9.45 -4.23
C ALA B 13 -1.40 -9.66 -5.73
N ALA B 14 -2.35 -9.19 -6.53
CA ALA B 14 -2.26 -9.33 -7.97
C ALA B 14 -1.23 -8.36 -8.56
N LEU B 15 -1.12 -7.19 -7.94
CA LEU B 15 -0.18 -6.17 -8.39
C LEU B 15 1.26 -6.69 -8.32
N ARG B 16 1.65 -7.16 -7.14
CA ARG B 16 2.99 -7.69 -6.94
C ARG B 16 3.25 -8.89 -7.85
N ASN B 17 2.30 -9.81 -7.89
CA ASN B 17 2.42 -11.00 -8.72
C ASN B 17 1.96 -10.72 -10.15
N THR A 5 7.09 -3.86 11.51
CA THR A 5 6.25 -3.83 10.33
C THR A 5 5.62 -2.46 10.14
N LEU A 6 5.18 -1.87 11.24
CA LEU A 6 4.56 -0.54 11.19
C LEU A 6 5.55 0.51 10.72
N GLN A 7 6.74 0.50 11.31
CA GLN A 7 7.78 1.46 10.94
C GLN A 7 8.15 1.32 9.47
N LYS A 8 8.07 0.09 8.96
CA LYS A 8 8.41 -0.18 7.57
C LYS A 8 7.23 0.13 6.66
N ALA A 9 6.02 -0.12 7.15
CA ALA A 9 4.82 0.14 6.38
C ALA A 9 4.71 1.61 6.01
N ILE A 10 5.07 2.48 6.95
CA ILE A 10 5.01 3.92 6.72
C ILE A 10 6.19 4.39 5.87
N ASP A 11 7.38 3.90 6.20
CA ASP A 11 8.58 4.27 5.46
C ASP A 11 8.47 3.89 3.99
N LEU A 12 7.74 2.82 3.73
CA LEU A 12 7.55 2.34 2.35
C LEU A 12 6.62 3.28 1.58
N VAL A 13 5.43 3.51 2.12
CA VAL A 13 4.46 4.39 1.48
C VAL A 13 5.00 5.79 1.32
N THR A 14 5.76 6.25 2.33
CA THR A 14 6.34 7.58 2.30
C THR A 14 7.28 7.74 1.11
N LYS A 15 8.22 6.81 0.97
CA LYS A 15 9.17 6.85 -0.12
C LYS A 15 8.46 6.75 -1.47
N ALA A 16 7.35 6.02 -1.50
CA ALA A 16 6.59 5.86 -2.72
C ALA A 16 5.93 7.17 -3.14
N THR A 17 5.44 7.92 -2.16
CA THR A 17 4.79 9.21 -2.43
C THR A 17 5.75 10.16 -3.12
N GLU A 18 6.99 10.21 -2.63
CA GLU A 18 8.01 11.09 -3.20
C GLU A 18 8.28 10.72 -4.65
N GLU A 19 8.32 9.42 -4.93
CA GLU A 19 8.57 8.94 -6.29
C GLU A 19 7.52 9.48 -7.26
N ASP A 20 6.26 9.30 -6.91
CA ASP A 20 5.16 9.76 -7.76
C ASP A 20 5.26 11.25 -8.02
N LYS A 21 5.83 11.98 -7.05
CA LYS A 21 5.99 13.43 -7.17
C LYS A 21 7.19 13.77 -8.05
N ALA A 22 8.17 12.86 -8.08
CA ALA A 22 9.38 13.08 -8.88
C ALA A 22 9.28 12.36 -10.23
N LYS A 23 8.06 12.22 -10.72
CA LYS A 23 7.83 11.57 -12.01
C LYS A 23 8.34 10.13 -11.98
N ASN A 24 8.13 9.45 -10.86
CA ASN A 24 8.56 8.06 -10.72
C ASN A 24 7.39 7.15 -10.39
N TYR A 25 6.61 6.83 -11.41
CA TYR A 25 5.44 5.96 -11.23
C TYR A 25 5.87 4.52 -10.97
N GLU A 26 6.81 4.04 -11.76
CA GLU A 26 7.32 2.68 -11.62
C GLU A 26 7.97 2.48 -10.25
N GLU A 27 8.80 3.44 -9.85
CA GLU A 27 9.49 3.38 -8.58
C GLU A 27 8.50 3.43 -7.42
N ALA A 28 7.54 4.35 -7.51
CA ALA A 28 6.53 4.50 -6.47
C ALA A 28 5.72 3.22 -6.29
N LEU A 29 5.39 2.58 -7.41
CA LEU A 29 4.62 1.34 -7.37
C LEU A 29 5.36 0.26 -6.59
N ARG A 30 6.68 0.22 -6.76
CA ARG A 30 7.51 -0.76 -6.07
C ARG A 30 7.40 -0.60 -4.55
N LEU A 31 7.65 0.62 -4.08
CA LEU A 31 7.59 0.90 -2.65
C LEU A 31 6.14 0.86 -2.16
N TYR A 32 5.20 1.24 -3.03
CA TYR A 32 3.79 1.24 -2.67
C TYR A 32 3.31 -0.17 -2.36
N GLN A 33 3.66 -1.12 -3.22
CA GLN A 33 3.26 -2.51 -3.02
C GLN A 33 3.80 -3.05 -1.71
N HIS A 34 5.09 -2.86 -1.47
CA HIS A 34 5.73 -3.32 -0.24
C HIS A 34 5.08 -2.69 0.99
N ALA A 35 4.68 -1.43 0.85
CA ALA A 35 4.05 -0.71 1.94
C ALA A 35 2.68 -1.28 2.26
N VAL A 36 1.84 -1.39 1.23
CA VAL A 36 0.49 -1.92 1.39
C VAL A 36 0.52 -3.38 1.85
N GLU A 37 1.45 -4.15 1.29
CA GLU A 37 1.59 -5.56 1.64
C GLU A 37 1.91 -5.72 3.12
N TYR A 38 2.96 -5.04 3.57
CA TYR A 38 3.38 -5.10 4.97
C TYR A 38 2.27 -4.62 5.89
N PHE A 39 1.47 -3.67 5.40
CA PHE A 39 0.37 -3.13 6.19
C PHE A 39 -0.65 -4.21 6.53
N LEU A 40 -1.11 -4.92 5.50
CA LEU A 40 -2.09 -5.98 5.70
C LEU A 40 -1.54 -7.07 6.62
N HIS A 41 -0.23 -7.27 6.57
CA HIS A 41 0.43 -8.28 7.41
C HIS A 41 0.34 -7.90 8.88
N ALA A 42 0.41 -6.60 9.16
CA ALA A 42 0.34 -6.11 10.54
C ALA A 42 -1.08 -6.23 11.09
N ILE A 43 -2.07 -6.14 10.20
CA ILE A 43 -3.47 -6.23 10.60
C ILE A 43 -3.84 -7.67 10.94
N LYS A 44 -3.21 -8.61 10.25
CA LYS A 44 -3.49 -10.03 10.48
C LYS A 44 -2.65 -10.57 11.65
N TYR A 45 -1.38 -10.17 11.69
CA TYR A 45 -0.48 -10.60 12.75
C TYR A 45 -0.87 -9.97 14.09
N GLU A 46 -0.57 -8.69 14.24
CA GLU A 46 -0.89 -7.98 15.48
C GLU A 46 -1.64 -6.69 15.17
N ALA A 47 -2.93 -6.69 15.49
CA ALA A 47 -3.76 -5.51 15.26
C ALA A 47 -4.29 -4.94 16.57
N HIS A 48 -4.29 -3.62 16.67
CA HIS A 48 -4.77 -2.94 17.88
C HIS A 48 -6.23 -3.29 18.15
N SER A 49 -7.13 -2.70 17.36
CA SER A 49 -8.56 -2.95 17.51
C SER A 49 -9.30 -2.72 16.20
N ASP A 50 -10.62 -2.86 16.23
CA ASP A 50 -11.44 -2.67 15.04
C ASP A 50 -11.29 -1.27 14.49
N LYS A 51 -11.15 -0.30 15.39
CA LYS A 51 -10.99 1.10 15.00
C LYS A 51 -9.69 1.31 14.23
N ALA A 52 -8.60 0.78 14.76
CA ALA A 52 -7.30 0.90 14.13
C ALA A 52 -7.20 0.03 12.89
N LYS A 53 -7.85 -1.13 12.94
CA LYS A 53 -7.85 -2.06 11.81
C LYS A 53 -8.59 -1.48 10.62
N GLU A 54 -9.60 -0.66 10.90
CA GLU A 54 -10.39 -0.04 9.84
C GLU A 54 -9.64 1.12 9.21
N SER A 55 -8.94 1.89 10.04
CA SER A 55 -8.17 3.03 9.56
C SER A 55 -7.10 2.59 8.56
N ILE A 56 -6.45 1.47 8.86
CA ILE A 56 -5.40 0.94 8.00
C ILE A 56 -6.01 0.29 6.75
N ARG A 57 -7.12 -0.40 6.94
CA ARG A 57 -7.80 -1.07 5.83
C ARG A 57 -8.22 -0.07 4.76
N ALA A 58 -9.00 0.93 5.17
CA ALA A 58 -9.47 1.95 4.25
C ALA A 58 -8.31 2.64 3.56
N LYS A 59 -7.25 2.90 4.32
CA LYS A 59 -6.06 3.56 3.78
C LYS A 59 -5.34 2.66 2.80
N CYS A 60 -5.43 1.35 3.03
CA CYS A 60 -4.77 0.38 2.16
C CYS A 60 -5.52 0.23 0.84
N VAL A 61 -6.86 0.23 0.91
CA VAL A 61 -7.68 0.11 -0.28
C VAL A 61 -7.40 1.24 -1.27
N GLN A 62 -7.28 2.46 -0.76
CA GLN A 62 -7.01 3.62 -1.60
C GLN A 62 -5.59 3.55 -2.17
N TYR A 63 -4.67 3.03 -1.38
CA TYR A 63 -3.27 2.91 -1.81
C TYR A 63 -3.14 1.88 -2.93
N LEU A 64 -3.96 0.84 -2.87
CA LEU A 64 -3.93 -0.21 -3.88
C LEU A 64 -4.40 0.33 -5.23
N ASP A 65 -5.44 1.15 -5.22
CA ASP A 65 -5.97 1.73 -6.44
C ASP A 65 -4.92 2.58 -7.15
N ARG A 66 -4.20 3.38 -6.38
CA ARG A 66 -3.16 4.24 -6.93
C ARG A 66 -2.04 3.42 -7.55
N ALA A 67 -1.78 2.25 -6.97
CA ALA A 67 -0.73 1.36 -7.46
C ALA A 67 -1.01 0.94 -8.90
N GLU A 68 -2.19 0.40 -9.14
CA GLU A 68 -2.57 -0.05 -10.47
C GLU A 68 -2.54 1.11 -11.46
N LYS A 69 -2.81 2.31 -10.97
CA LYS A 69 -2.81 3.51 -11.82
C LYS A 69 -1.40 3.82 -12.29
N LEU A 70 -0.41 3.49 -11.47
CA LEU A 70 0.99 3.76 -11.80
C LEU A 70 1.52 2.70 -12.77
N LYS A 71 1.27 1.44 -12.45
CA LYS A 71 1.73 0.33 -13.28
C LYS A 71 1.02 0.34 -14.64
N ASP A 72 -0.24 0.78 -14.63
CA ASP A 72 -1.03 0.85 -15.86
C ASP A 72 -0.64 2.07 -16.68
N TYR A 73 -0.23 3.13 -16.01
CA TYR A 73 0.16 4.36 -16.69
C TYR A 73 1.33 4.10 -17.63
N LEU A 74 2.46 3.68 -17.07
CA LEU A 74 3.65 3.40 -17.86
C LEU A 74 3.42 2.22 -18.79
N ARG A 75 2.75 1.19 -18.28
CA ARG A 75 2.46 0.01 -19.07
C ARG A 75 1.59 0.35 -20.28
N GLU B 5 -11.61 -6.67 3.12
CA GLU B 5 -10.18 -6.98 3.12
C GLU B 5 -9.83 -7.88 1.94
N ASP B 6 -10.77 -8.72 1.54
CA ASP B 6 -10.57 -9.64 0.43
C ASP B 6 -10.49 -8.87 -0.90
N GLN B 7 -11.20 -7.75 -0.96
CA GLN B 7 -11.22 -6.94 -2.18
C GLN B 7 -9.81 -6.48 -2.54
N LEU B 8 -9.18 -5.73 -1.64
CA LEU B 8 -7.83 -5.23 -1.87
C LEU B 8 -6.81 -6.36 -1.79
N SER B 9 -7.11 -7.38 -0.99
CA SER B 9 -6.21 -8.51 -0.82
C SER B 9 -6.00 -9.23 -2.15
N ARG B 10 -7.09 -9.47 -2.87
CA ARG B 10 -7.03 -10.15 -4.16
C ARG B 10 -6.35 -9.27 -5.21
N ARG B 11 -6.68 -7.99 -5.19
CA ARG B 11 -6.11 -7.03 -6.14
C ARG B 11 -4.59 -6.98 -6.00
N LEU B 12 -4.11 -6.97 -4.75
CA LEU B 12 -2.68 -6.92 -4.48
C LEU B 12 -1.97 -8.13 -5.09
N ALA B 13 -2.54 -9.31 -4.90
CA ALA B 13 -1.97 -10.54 -5.42
C ALA B 13 -1.86 -10.49 -6.95
N ALA B 14 -2.84 -9.86 -7.58
CA ALA B 14 -2.86 -9.75 -9.03
C ALA B 14 -1.88 -8.68 -9.50
N LEU B 15 -1.71 -7.65 -8.69
CA LEU B 15 -0.79 -6.56 -9.03
C LEU B 15 0.66 -7.05 -9.06
N ARG B 16 1.11 -7.61 -7.94
CA ARG B 16 2.47 -8.11 -7.85
C ARG B 16 2.59 -9.50 -8.49
N ASN B 17 3.79 -10.06 -8.46
CA ASN B 17 4.03 -11.37 -9.04
C ASN B 17 5.37 -11.95 -8.56
N THR A 5 7.30 -3.95 11.87
CA THR A 5 6.65 -3.99 10.57
C THR A 5 6.01 -2.66 10.23
N LEU A 6 5.55 -1.95 11.27
CA LEU A 6 4.90 -0.66 11.09
C LEU A 6 5.90 0.37 10.52
N GLN A 7 7.11 0.38 11.07
CA GLN A 7 8.13 1.30 10.62
C GLN A 7 8.46 1.09 9.15
N LYS A 8 8.33 -0.16 8.70
CA LYS A 8 8.61 -0.50 7.31
C LYS A 8 7.46 -0.09 6.40
N ALA A 9 6.24 -0.15 6.95
CA ALA A 9 5.05 0.22 6.19
C ALA A 9 5.01 1.72 5.91
N ILE A 10 5.45 2.50 6.90
CA ILE A 10 5.47 3.95 6.75
C ILE A 10 6.64 4.42 5.89
N ASP A 11 7.83 3.89 6.18
CA ASP A 11 9.03 4.24 5.44
C ASP A 11 8.87 3.89 3.96
N LEU A 12 8.11 2.83 3.68
CA LEU A 12 7.88 2.39 2.31
C LEU A 12 6.95 3.35 1.58
N VAL A 13 5.77 3.57 2.16
CA VAL A 13 4.79 4.46 1.56
C VAL A 13 5.34 5.87 1.41
N THR A 14 6.11 6.31 2.41
CA THR A 14 6.70 7.64 2.40
C THR A 14 7.60 7.82 1.18
N LYS A 15 8.52 6.88 0.98
CA LYS A 15 9.44 6.94 -0.16
C LYS A 15 8.67 6.89 -1.47
N ALA A 16 7.56 6.15 -1.49
CA ALA A 16 6.75 6.02 -2.68
C ALA A 16 6.08 7.34 -3.05
N THR A 17 5.77 8.14 -2.03
CA THR A 17 5.13 9.44 -2.24
C THR A 17 6.07 10.40 -2.96
N GLU A 18 7.30 10.51 -2.45
CA GLU A 18 8.29 11.39 -3.04
C GLU A 18 8.58 10.99 -4.48
N GLU A 19 8.48 9.70 -4.77
CA GLU A 19 8.72 9.19 -6.11
C GLU A 19 7.73 9.78 -7.11
N ASP A 20 6.44 9.63 -6.81
CA ASP A 20 5.39 10.16 -7.68
C ASP A 20 5.55 11.65 -7.90
N LYS A 21 6.11 12.34 -6.91
CA LYS A 21 6.33 13.78 -7.00
C LYS A 21 7.55 14.10 -7.85
N ALA A 22 8.49 13.16 -7.90
CA ALA A 22 9.71 13.34 -8.69
C ALA A 22 9.59 12.68 -10.06
N LYS A 23 8.37 12.59 -10.57
CA LYS A 23 8.12 11.98 -11.87
C LYS A 23 8.61 10.54 -11.89
N ASN A 24 8.42 9.83 -10.78
CA ASN A 24 8.83 8.43 -10.67
C ASN A 24 7.65 7.54 -10.31
N TYR A 25 6.84 7.20 -11.32
CA TYR A 25 5.68 6.35 -11.11
C TYR A 25 6.07 4.88 -11.01
N GLU A 26 7.02 4.48 -11.85
CA GLU A 26 7.50 3.10 -11.86
C GLU A 26 8.16 2.74 -10.53
N GLU A 27 8.83 3.72 -9.93
CA GLU A 27 9.51 3.51 -8.66
C GLU A 27 8.53 3.66 -7.49
N ALA A 28 7.54 4.53 -7.67
CA ALA A 28 6.54 4.77 -6.65
C ALA A 28 5.64 3.55 -6.45
N LEU A 29 5.25 2.93 -7.57
CA LEU A 29 4.39 1.75 -7.52
C LEU A 29 5.06 0.61 -6.76
N ARG A 30 6.31 0.33 -7.10
CA ARG A 30 7.06 -0.73 -6.44
C ARG A 30 7.19 -0.46 -4.95
N LEU A 31 7.41 0.80 -4.59
CA LEU A 31 7.56 1.19 -3.20
C LEU A 31 6.21 1.18 -2.48
N TYR A 32 5.16 1.56 -3.21
CA TYR A 32 3.82 1.60 -2.64
C TYR A 32 3.32 0.19 -2.35
N GLN A 33 3.58 -0.73 -3.26
CA GLN A 33 3.16 -2.12 -3.10
C GLN A 33 3.78 -2.73 -1.84
N HIS A 34 5.09 -2.58 -1.71
CA HIS A 34 5.80 -3.12 -0.56
C HIS A 34 5.32 -2.47 0.74
N ALA A 35 4.91 -1.21 0.64
CA ALA A 35 4.42 -0.48 1.80
C ALA A 35 3.09 -1.04 2.29
N VAL A 36 2.09 -1.02 1.41
CA VAL A 36 0.77 -1.53 1.75
C VAL A 36 0.82 -3.00 2.14
N GLU A 37 1.74 -3.73 1.53
CA GLU A 37 1.91 -5.16 1.81
C GLU A 37 2.25 -5.37 3.28
N TYR A 38 3.16 -4.56 3.80
CA TYR A 38 3.58 -4.67 5.20
C TYR A 38 2.46 -4.24 6.13
N PHE A 39 1.64 -3.28 5.68
CA PHE A 39 0.54 -2.78 6.48
C PHE A 39 -0.48 -3.89 6.77
N LEU A 40 -0.91 -4.57 5.71
CA LEU A 40 -1.89 -5.64 5.85
C LEU A 40 -1.33 -6.76 6.74
N HIS A 41 -0.04 -7.02 6.62
CA HIS A 41 0.60 -8.06 7.41
C HIS A 41 0.69 -7.66 8.88
N ALA A 42 0.81 -6.35 9.12
CA ALA A 42 0.90 -5.84 10.48
C ALA A 42 -0.46 -5.84 11.16
N ILE A 43 -1.52 -5.67 10.38
CA ILE A 43 -2.87 -5.67 10.90
C ILE A 43 -3.34 -7.08 11.23
N LYS A 44 -3.10 -8.01 10.30
CA LYS A 44 -3.49 -9.40 10.48
C LYS A 44 -2.82 -9.99 11.73
N TYR A 45 -1.54 -9.70 11.89
CA TYR A 45 -0.79 -10.21 13.04
C TYR A 45 -1.21 -9.51 14.32
N GLU A 46 -1.12 -8.19 14.34
CA GLU A 46 -1.49 -7.41 15.50
C GLU A 46 -2.29 -6.17 15.10
N ALA A 47 -2.71 -5.39 16.09
CA ALA A 47 -3.47 -4.17 15.83
C ALA A 47 -3.72 -3.40 17.13
N HIS A 48 -4.40 -2.27 17.00
CA HIS A 48 -4.71 -1.43 18.16
C HIS A 48 -6.18 -1.54 18.54
N SER A 49 -7.04 -1.03 17.67
CA SER A 49 -8.48 -1.06 17.89
C SER A 49 -9.25 -1.05 16.58
N ASP A 50 -10.56 -1.19 16.67
CA ASP A 50 -11.42 -1.20 15.49
C ASP A 50 -11.29 0.11 14.72
N LYS A 51 -11.28 1.22 15.45
CA LYS A 51 -11.16 2.54 14.84
C LYS A 51 -9.86 2.67 14.06
N ALA A 52 -8.76 2.33 14.72
CA ALA A 52 -7.43 2.41 14.09
C ALA A 52 -7.33 1.45 12.91
N LYS A 53 -7.83 0.23 13.10
CA LYS A 53 -7.79 -0.78 12.04
C LYS A 53 -8.56 -0.31 10.82
N GLU A 54 -9.62 0.46 11.05
CA GLU A 54 -10.45 0.97 9.96
C GLU A 54 -9.69 2.04 9.17
N SER A 55 -8.92 2.84 9.88
CA SER A 55 -8.14 3.92 9.25
C SER A 55 -7.10 3.34 8.30
N ILE A 56 -6.59 2.16 8.63
CA ILE A 56 -5.58 1.50 7.82
C ILE A 56 -6.20 0.92 6.56
N ARG A 57 -7.41 0.40 6.68
CA ARG A 57 -8.11 -0.20 5.55
C ARG A 57 -8.34 0.84 4.46
N ALA A 58 -9.02 1.93 4.82
CA ALA A 58 -9.31 3.00 3.87
C ALA A 58 -8.04 3.53 3.24
N LYS A 59 -6.99 3.66 4.05
CA LYS A 59 -5.70 4.17 3.55
C LYS A 59 -5.08 3.19 2.56
N CYS A 60 -5.36 1.91 2.76
CA CYS A 60 -4.83 0.87 1.87
C CYS A 60 -5.60 0.83 0.56
N VAL A 61 -6.92 0.84 0.65
CA VAL A 61 -7.77 0.81 -0.53
C VAL A 61 -7.48 1.99 -1.45
N GLN A 62 -7.31 3.17 -0.85
CA GLN A 62 -7.02 4.38 -1.62
C GLN A 62 -5.65 4.30 -2.27
N TYR A 63 -4.70 3.69 -1.57
CA TYR A 63 -3.34 3.55 -2.08
C TYR A 63 -3.31 2.60 -3.27
N LEU A 64 -4.07 1.52 -3.20
CA LEU A 64 -4.14 0.54 -4.28
C LEU A 64 -4.62 1.19 -5.57
N ASP A 65 -5.61 2.07 -5.45
CA ASP A 65 -6.18 2.75 -6.60
C ASP A 65 -5.11 3.59 -7.31
N ARG A 66 -4.41 4.42 -6.55
CA ARG A 66 -3.37 5.26 -7.11
C ARG A 66 -2.21 4.42 -7.65
N ALA A 67 -1.92 3.32 -6.96
CA ALA A 67 -0.85 2.42 -7.37
C ALA A 67 -1.08 1.89 -8.79
N GLU A 68 -2.25 1.32 -9.02
CA GLU A 68 -2.60 0.77 -10.32
C GLU A 68 -2.55 1.85 -11.39
N LYS A 69 -2.86 3.08 -10.99
CA LYS A 69 -2.85 4.21 -11.92
C LYS A 69 -1.43 4.50 -12.41
N LEU A 70 -0.46 4.26 -11.54
CA LEU A 70 0.94 4.50 -11.88
C LEU A 70 1.46 3.44 -12.86
N LYS A 71 1.20 2.18 -12.53
CA LYS A 71 1.63 1.06 -13.38
C LYS A 71 1.01 1.17 -14.77
N ASP A 72 -0.19 1.73 -14.83
CA ASP A 72 -0.89 1.89 -16.10
C ASP A 72 -0.42 3.14 -16.83
N TYR A 73 -0.03 4.15 -16.06
CA TYR A 73 0.45 5.40 -16.64
C TYR A 73 1.67 5.17 -17.52
N LEU A 74 2.52 4.25 -17.10
CA LEU A 74 3.74 3.93 -17.85
C LEU A 74 3.44 2.93 -18.97
N ARG A 75 2.59 1.96 -18.67
CA ARG A 75 2.22 0.94 -19.65
C ARG A 75 1.52 1.57 -20.84
N GLU B 5 -11.78 -5.71 3.94
CA GLU B 5 -10.34 -5.93 3.87
C GLU B 5 -9.99 -6.86 2.71
N ASP B 6 -10.90 -7.79 2.41
CA ASP B 6 -10.68 -8.75 1.33
C ASP B 6 -10.73 -8.04 -0.03
N GLN B 7 -11.51 -6.98 -0.11
CA GLN B 7 -11.66 -6.22 -1.35
C GLN B 7 -10.31 -5.70 -1.83
N LEU B 8 -9.68 -4.86 -0.99
CA LEU B 8 -8.38 -4.29 -1.33
C LEU B 8 -7.29 -5.35 -1.29
N SER B 9 -7.46 -6.34 -0.43
CA SER B 9 -6.49 -7.42 -0.29
C SER B 9 -6.42 -8.26 -1.57
N ARG B 10 -7.57 -8.46 -2.19
CA ARG B 10 -7.65 -9.25 -3.42
C ARG B 10 -6.99 -8.50 -4.58
N ARG B 11 -7.26 -7.21 -4.68
CA ARG B 11 -6.68 -6.38 -5.74
C ARG B 11 -5.18 -6.28 -5.59
N LEU B 12 -4.71 -6.24 -4.35
CA LEU B 12 -3.28 -6.14 -4.07
C LEU B 12 -2.53 -7.32 -4.66
N ALA B 13 -3.02 -8.53 -4.38
CA ALA B 13 -2.40 -9.75 -4.88
C ALA B 13 -2.36 -9.76 -6.40
N ALA B 14 -3.42 -9.24 -7.02
CA ALA B 14 -3.51 -9.20 -8.48
C ALA B 14 -2.51 -8.19 -9.06
N LEU B 15 -2.24 -7.14 -8.29
CA LEU B 15 -1.31 -6.10 -8.72
C LEU B 15 0.08 -6.68 -8.95
N ARG B 16 0.61 -7.35 -7.92
CA ARG B 16 1.93 -7.96 -8.00
C ARG B 16 1.93 -9.16 -8.95
N ASN B 17 0.86 -9.95 -8.89
CA ASN B 17 0.73 -11.13 -9.73
C ASN B 17 -0.66 -11.21 -10.36
N THR A 5 6.74 -3.37 12.13
CA THR A 5 5.74 -3.40 11.07
C THR A 5 5.10 -2.02 10.88
N LEU A 6 4.74 -1.39 11.99
CA LEU A 6 4.11 -0.07 11.95
C LEU A 6 5.10 0.98 11.43
N GLN A 7 6.29 1.00 12.00
CA GLN A 7 7.31 1.96 11.59
C GLN A 7 7.68 1.77 10.12
N LYS A 8 7.80 0.51 9.71
CA LYS A 8 8.14 0.19 8.32
C LYS A 8 6.98 0.54 7.38
N ALA A 9 5.76 0.39 7.88
CA ALA A 9 4.58 0.69 7.08
C ALA A 9 4.56 2.15 6.64
N ILE A 10 4.75 3.05 7.60
CA ILE A 10 4.76 4.48 7.31
C ILE A 10 5.95 4.85 6.44
N ASP A 11 7.13 4.38 6.83
CA ASP A 11 8.36 4.67 6.09
C ASP A 11 8.26 4.15 4.65
N LEU A 12 7.51 3.06 4.47
CA LEU A 12 7.33 2.48 3.15
C LEU A 12 6.44 3.37 2.27
N VAL A 13 5.26 3.72 2.80
CA VAL A 13 4.32 4.56 2.07
C VAL A 13 4.90 5.96 1.86
N THR A 14 5.67 6.43 2.82
CA THR A 14 6.28 7.75 2.73
C THR A 14 7.18 7.86 1.51
N LYS A 15 8.08 6.89 1.36
CA LYS A 15 9.00 6.86 0.23
C LYS A 15 8.24 6.81 -1.09
N ALA A 16 7.12 6.10 -1.09
CA ALA A 16 6.30 5.97 -2.29
C ALA A 16 5.71 7.31 -2.71
N THR A 17 5.29 8.09 -1.72
CA THR A 17 4.71 9.41 -1.99
C THR A 17 5.70 10.31 -2.69
N GLU A 18 6.97 10.25 -2.26
CA GLU A 18 8.02 11.05 -2.86
C GLU A 18 8.24 10.67 -4.32
N GLU A 19 8.10 9.38 -4.61
CA GLU A 19 8.28 8.88 -5.97
C GLU A 19 7.06 9.22 -6.83
N ASP A 20 5.87 9.02 -6.28
CA ASP A 20 4.64 9.31 -7.01
C ASP A 20 4.54 10.79 -7.37
N LYS A 21 5.13 11.63 -6.51
CA LYS A 21 5.10 13.07 -6.75
C LYS A 21 6.26 13.51 -7.64
N ALA A 22 7.30 12.67 -7.71
CA ALA A 22 8.47 12.98 -8.52
C ALA A 22 8.38 12.30 -9.89
N LYS A 23 7.16 12.08 -10.36
CA LYS A 23 6.94 11.45 -11.65
C LYS A 23 7.58 10.05 -11.70
N ASN A 24 7.48 9.33 -10.59
CA ASN A 24 8.06 7.99 -10.50
C ASN A 24 7.01 6.98 -10.06
N TYR A 25 6.15 6.58 -10.99
CA TYR A 25 5.09 5.61 -10.70
C TYR A 25 5.67 4.22 -10.55
N GLU A 26 6.75 3.93 -11.26
CA GLU A 26 7.39 2.63 -11.19
C GLU A 26 7.91 2.35 -9.79
N GLU A 27 8.82 3.21 -9.31
CA GLU A 27 9.38 3.06 -7.98
C GLU A 27 8.33 3.26 -6.91
N ALA A 28 7.41 4.17 -7.16
CA ALA A 28 6.33 4.46 -6.21
C ALA A 28 5.49 3.22 -5.93
N LEU A 29 5.22 2.45 -6.99
CA LEU A 29 4.42 1.24 -6.86
C LEU A 29 5.14 0.20 -6.01
N ARG A 30 6.46 0.11 -6.18
CA ARG A 30 7.26 -0.85 -5.43
C ARG A 30 7.16 -0.57 -3.94
N LEU A 31 7.46 0.65 -3.54
CA LEU A 31 7.40 1.04 -2.13
C LEU A 31 5.96 1.04 -1.63
N TYR A 32 5.03 1.36 -2.52
CA TYR A 32 3.62 1.39 -2.16
C TYR A 32 3.12 0.00 -1.78
N GLN A 33 3.50 -1.00 -2.56
CA GLN A 33 3.10 -2.37 -2.31
C GLN A 33 3.58 -2.84 -0.94
N HIS A 34 4.87 -2.61 -0.67
CA HIS A 34 5.46 -3.01 0.62
C HIS A 34 4.76 -2.31 1.78
N ALA A 35 4.47 -1.02 1.59
CA ALA A 35 3.80 -0.25 2.63
C ALA A 35 2.44 -0.83 2.98
N VAL A 36 1.63 -1.07 1.95
CA VAL A 36 0.30 -1.63 2.15
C VAL A 36 0.37 -3.03 2.73
N GLU A 37 1.33 -3.82 2.24
CA GLU A 37 1.51 -5.19 2.72
C GLU A 37 1.83 -5.20 4.21
N TYR A 38 2.80 -4.38 4.61
CA TYR A 38 3.21 -4.29 6.00
C TYR A 38 2.04 -3.88 6.89
N PHE A 39 1.14 -3.06 6.33
CA PHE A 39 -0.03 -2.60 7.07
C PHE A 39 -1.00 -3.74 7.36
N LEU A 40 -1.35 -4.47 6.31
CA LEU A 40 -2.27 -5.60 6.44
C LEU A 40 -1.71 -6.65 7.39
N HIS A 41 -0.39 -6.78 7.42
CA HIS A 41 0.27 -7.75 8.29
C HIS A 41 0.20 -7.30 9.75
N ALA A 42 0.20 -5.99 9.97
CA ALA A 42 0.14 -5.44 11.31
C ALA A 42 -1.25 -5.66 11.93
N ILE A 43 -2.27 -5.68 11.08
CA ILE A 43 -3.64 -5.87 11.54
C ILE A 43 -3.90 -7.33 11.90
N LYS A 44 -3.52 -8.23 10.98
CA LYS A 44 -3.71 -9.65 11.21
C LYS A 44 -2.96 -10.12 12.45
N TYR A 45 -1.70 -9.71 12.57
CA TYR A 45 -0.89 -10.09 13.72
C TYR A 45 -1.39 -9.42 14.99
N GLU A 46 -1.14 -8.12 15.11
CA GLU A 46 -1.57 -7.37 16.28
C GLU A 46 -2.26 -6.08 15.87
N ALA A 47 -3.59 -6.11 15.93
CA ALA A 47 -4.39 -4.93 15.55
C ALA A 47 -4.76 -4.12 16.78
N HIS A 48 -4.79 -2.80 16.62
CA HIS A 48 -5.13 -1.89 17.72
C HIS A 48 -6.55 -2.17 18.23
N SER A 49 -7.54 -1.87 17.40
CA SER A 49 -8.93 -2.08 17.76
C SER A 49 -9.83 -2.02 16.53
N ASP A 50 -11.14 -2.12 16.76
CA ASP A 50 -12.11 -2.08 15.66
C ASP A 50 -12.05 -0.74 14.95
N LYS A 51 -12.13 0.35 15.71
CA LYS A 51 -12.09 1.69 15.14
C LYS A 51 -10.78 1.93 14.40
N ALA A 52 -9.67 1.62 15.05
CA ALA A 52 -8.35 1.80 14.45
C ALA A 52 -8.21 0.97 13.19
N LYS A 53 -8.80 -0.23 13.20
CA LYS A 53 -8.74 -1.12 12.04
C LYS A 53 -9.38 -0.47 10.82
N GLU A 54 -10.38 0.36 11.06
CA GLU A 54 -11.08 1.04 9.98
C GLU A 54 -10.21 2.14 9.37
N SER A 55 -9.52 2.88 10.23
CA SER A 55 -8.65 3.95 9.78
C SER A 55 -7.54 3.42 8.87
N ILE A 56 -6.94 2.32 9.27
CA ILE A 56 -5.87 1.70 8.49
C ILE A 56 -6.42 1.05 7.23
N ARG A 57 -7.65 0.56 7.32
CA ARG A 57 -8.30 -0.11 6.18
C ARG A 57 -8.53 0.89 5.05
N ALA A 58 -9.18 2.00 5.37
CA ALA A 58 -9.48 3.03 4.38
C ALA A 58 -8.20 3.56 3.74
N LYS A 59 -7.14 3.69 4.55
CA LYS A 59 -5.86 4.18 4.06
C LYS A 59 -5.19 3.16 3.15
N CYS A 60 -5.42 1.87 3.45
CA CYS A 60 -4.84 0.80 2.66
C CYS A 60 -5.63 0.57 1.37
N VAL A 61 -6.95 0.55 1.50
CA VAL A 61 -7.82 0.35 0.34
C VAL A 61 -7.61 1.44 -0.71
N GLN A 62 -7.41 2.67 -0.24
CA GLN A 62 -7.19 3.80 -1.14
C GLN A 62 -5.80 3.73 -1.76
N TYR A 63 -4.82 3.33 -0.96
CA TYR A 63 -3.44 3.23 -1.44
C TYR A 63 -3.29 2.08 -2.42
N LEU A 64 -4.07 1.02 -2.22
CA LEU A 64 -4.03 -0.14 -3.09
C LEU A 64 -4.54 0.20 -4.48
N ASP A 65 -5.63 0.97 -4.53
CA ASP A 65 -6.22 1.37 -5.80
C ASP A 65 -5.23 2.17 -6.65
N ARG A 66 -4.60 3.15 -6.02
CA ARG A 66 -3.62 3.99 -6.72
C ARG A 66 -2.47 3.14 -7.26
N ALA A 67 -1.99 2.21 -6.44
CA ALA A 67 -0.88 1.34 -6.83
C ALA A 67 -1.22 0.58 -8.11
N GLU A 68 -2.43 0.03 -8.17
CA GLU A 68 -2.87 -0.72 -9.34
C GLU A 68 -2.81 0.15 -10.59
N LYS A 69 -3.12 1.43 -10.43
CA LYS A 69 -3.11 2.38 -11.55
C LYS A 69 -1.68 2.79 -11.89
N LEU A 70 -0.80 2.78 -10.89
CA LEU A 70 0.59 3.15 -11.10
C LEU A 70 1.28 2.18 -12.06
N LYS A 71 1.18 0.89 -11.75
CA LYS A 71 1.79 -0.14 -12.58
C LYS A 71 1.10 -0.23 -13.93
N ASP A 72 -0.21 0.03 -13.94
CA ASP A 72 -1.00 -0.02 -15.17
C ASP A 72 -0.70 1.19 -16.05
N TYR A 73 -0.37 2.31 -15.42
CA TYR A 73 -0.07 3.54 -16.15
C TYR A 73 1.19 3.37 -17.00
N LEU A 74 2.26 2.93 -16.37
CA LEU A 74 3.53 2.73 -17.07
C LEU A 74 3.37 1.74 -18.21
N ARG A 75 2.91 0.55 -17.90
CA ARG A 75 2.71 -0.50 -18.90
C ARG A 75 1.75 -0.03 -19.99
N GLU B 5 -12.05 -6.20 3.84
CA GLU B 5 -10.62 -6.49 3.91
C GLU B 5 -10.23 -7.51 2.85
N ASP B 6 -11.14 -8.41 2.53
CA ASP B 6 -10.88 -9.45 1.54
C ASP B 6 -10.80 -8.85 0.13
N GLN B 7 -11.52 -7.77 -0.08
CA GLN B 7 -11.53 -7.09 -1.37
C GLN B 7 -10.13 -6.65 -1.77
N LEU B 8 -9.54 -5.78 -0.94
CA LEU B 8 -8.20 -5.27 -1.21
C LEU B 8 -7.14 -6.35 -0.97
N SER B 9 -7.45 -7.27 -0.05
CA SER B 9 -6.52 -8.35 0.27
C SER B 9 -6.24 -9.20 -0.96
N ARG B 10 -7.28 -9.44 -1.76
CA ARG B 10 -7.14 -10.25 -2.97
C ARG B 10 -6.45 -9.45 -4.07
N ARG B 11 -6.78 -8.17 -4.17
CA ARG B 11 -6.21 -7.31 -5.19
C ARG B 11 -4.70 -7.17 -4.98
N LEU B 12 -4.27 -7.17 -3.73
CA LEU B 12 -2.85 -7.05 -3.40
C LEU B 12 -2.11 -8.33 -3.74
N ALA B 13 -2.72 -9.47 -3.45
CA ALA B 13 -2.11 -10.76 -3.73
C ALA B 13 -1.84 -10.92 -5.22
N ALA B 14 -2.71 -10.36 -6.05
CA ALA B 14 -2.57 -10.45 -7.49
C ALA B 14 -1.65 -9.36 -8.02
N LEU B 15 -1.66 -8.21 -7.34
CA LEU B 15 -0.82 -7.08 -7.74
C LEU B 15 0.66 -7.46 -7.70
N ARG B 16 1.09 -8.03 -6.58
CA ARG B 16 2.48 -8.45 -6.42
C ARG B 16 2.79 -9.68 -7.26
N ASN B 17 4.01 -9.76 -7.76
CA ASN B 17 4.43 -10.90 -8.58
C ASN B 17 5.21 -11.90 -7.76
N THR A 5 7.26 -3.54 11.78
CA THR A 5 6.34 -3.56 10.65
C THR A 5 5.76 -2.17 10.40
N LEU A 6 5.26 -1.54 11.46
CA LEU A 6 4.68 -0.21 11.36
C LEU A 6 5.72 0.80 10.89
N GLN A 7 6.88 0.80 11.55
CA GLN A 7 7.95 1.72 11.19
C GLN A 7 8.40 1.51 9.76
N LYS A 8 8.30 0.27 9.29
CA LYS A 8 8.71 -0.07 7.93
C LYS A 8 7.60 0.27 6.94
N ALA A 9 6.36 -0.03 7.32
CA ALA A 9 5.22 0.24 6.46
C ALA A 9 5.10 1.73 6.15
N ILE A 10 5.55 2.56 7.09
CA ILE A 10 5.50 4.01 6.92
C ILE A 10 6.65 4.50 6.05
N ASP A 11 7.85 4.00 6.34
CA ASP A 11 9.04 4.39 5.58
C ASP A 11 8.88 4.04 4.12
N LEU A 12 8.16 2.97 3.83
CA LEU A 12 7.94 2.53 2.46
C LEU A 12 6.95 3.44 1.75
N VAL A 13 5.76 3.59 2.33
CA VAL A 13 4.73 4.44 1.74
C VAL A 13 5.21 5.88 1.60
N THR A 14 5.96 6.34 2.58
CA THR A 14 6.49 7.71 2.57
C THR A 14 7.37 7.93 1.34
N LYS A 15 8.32 7.02 1.13
CA LYS A 15 9.23 7.12 -0.01
C LYS A 15 8.46 7.06 -1.33
N ALA A 16 7.35 6.32 -1.33
CA ALA A 16 6.53 6.18 -2.52
C ALA A 16 5.82 7.50 -2.86
N THR A 17 5.35 8.19 -1.83
CA THR A 17 4.66 9.45 -2.01
C THR A 17 5.56 10.47 -2.70
N GLU A 18 6.81 10.55 -2.26
CA GLU A 18 7.77 11.48 -2.83
C GLU A 18 8.03 11.15 -4.29
N GLU A 19 8.15 9.86 -4.60
CA GLU A 19 8.39 9.41 -5.96
C GLU A 19 7.28 9.88 -6.91
N ASP A 20 6.04 9.61 -6.52
CA ASP A 20 4.90 10.01 -7.34
C ASP A 20 4.89 11.51 -7.57
N LYS A 21 5.43 12.26 -6.62
CA LYS A 21 5.49 13.71 -6.73
C LYS A 21 6.67 14.16 -7.58
N ALA A 22 7.70 13.33 -7.63
CA ALA A 22 8.89 13.63 -8.43
C ALA A 22 8.85 12.95 -9.78
N LYS A 23 7.64 12.74 -10.29
CA LYS A 23 7.45 12.10 -11.60
C LYS A 23 8.09 10.72 -11.62
N ASN A 24 8.00 10.01 -10.49
CA ASN A 24 8.57 8.68 -10.38
C ASN A 24 7.47 7.65 -10.08
N TYR A 25 6.74 7.27 -11.11
CA TYR A 25 5.66 6.29 -10.96
C TYR A 25 6.23 4.88 -10.84
N GLU A 26 7.27 4.59 -11.59
CA GLU A 26 7.90 3.28 -11.56
C GLU A 26 8.45 2.97 -10.18
N GLU A 27 9.01 3.99 -9.52
CA GLU A 27 9.57 3.83 -8.19
C GLU A 27 8.49 3.92 -7.13
N ALA A 28 7.51 4.80 -7.35
CA ALA A 28 6.42 4.98 -6.41
C ALA A 28 5.64 3.69 -6.22
N LEU A 29 5.30 3.04 -7.32
CA LEU A 29 4.55 1.78 -7.28
C LEU A 29 5.33 0.72 -6.50
N ARG A 30 6.64 0.68 -6.70
CA ARG A 30 7.49 -0.28 -6.02
C ARG A 30 7.40 -0.12 -4.51
N LEU A 31 7.74 1.07 -4.02
CA LEU A 31 7.69 1.35 -2.59
C LEU A 31 6.27 1.23 -2.05
N TYR A 32 5.30 1.54 -2.90
CA TYR A 32 3.90 1.46 -2.52
C TYR A 32 3.48 0.02 -2.26
N GLN A 33 3.96 -0.89 -3.10
CA GLN A 33 3.64 -2.31 -2.97
C GLN A 33 4.11 -2.84 -1.62
N HIS A 34 5.40 -2.68 -1.34
CA HIS A 34 5.96 -3.15 -0.08
C HIS A 34 5.29 -2.48 1.11
N ALA A 35 4.88 -1.23 0.93
CA ALA A 35 4.21 -0.49 1.99
C ALA A 35 2.92 -1.18 2.43
N VAL A 36 2.04 -1.43 1.47
CA VAL A 36 0.78 -2.10 1.76
C VAL A 36 0.99 -3.48 2.37
N GLU A 37 2.05 -4.15 1.91
CA GLU A 37 2.38 -5.48 2.40
C GLU A 37 2.64 -5.45 3.91
N TYR A 38 3.53 -4.56 4.33
CA TYR A 38 3.87 -4.43 5.74
C TYR A 38 2.64 -4.07 6.57
N PHE A 39 1.77 -3.25 5.99
CA PHE A 39 0.56 -2.81 6.67
C PHE A 39 -0.40 -3.99 6.88
N LEU A 40 -0.48 -4.86 5.88
CA LEU A 40 -1.36 -6.03 5.95
C LEU A 40 -0.96 -6.92 7.12
N HIS A 41 0.33 -7.04 7.36
CA HIS A 41 0.85 -7.86 8.43
C HIS A 41 0.55 -7.24 9.79
N ALA A 42 0.52 -5.91 9.83
CA ALA A 42 0.24 -5.19 11.07
C ALA A 42 -1.22 -5.36 11.48
N ILE A 43 -2.10 -5.50 10.49
CA ILE A 43 -3.52 -5.66 10.75
C ILE A 43 -3.82 -7.04 11.34
N LYS A 44 -3.32 -8.07 10.67
CA LYS A 44 -3.54 -9.45 11.12
C LYS A 44 -2.95 -9.66 12.51
N TYR A 45 -1.79 -9.06 12.76
CA TYR A 45 -1.12 -9.19 14.05
C TYR A 45 -1.49 -8.03 14.95
N GLU A 46 -0.92 -6.86 14.68
CA GLU A 46 -1.18 -5.67 15.48
C GLU A 46 -2.66 -5.30 15.43
N ALA A 47 -2.99 -4.12 15.95
CA ALA A 47 -4.36 -3.65 15.96
C ALA A 47 -5.26 -4.59 16.77
N HIS A 48 -6.39 -4.07 17.23
CA HIS A 48 -7.33 -4.87 18.02
C HIS A 48 -8.77 -4.46 17.70
N SER A 49 -9.17 -3.31 18.22
CA SER A 49 -10.53 -2.81 18.00
C SER A 49 -10.79 -2.56 16.52
N ASP A 50 -12.05 -2.65 16.12
CA ASP A 50 -12.43 -2.43 14.73
C ASP A 50 -12.04 -1.03 14.27
N LYS A 51 -12.08 -0.07 15.19
CA LYS A 51 -11.72 1.31 14.88
C LYS A 51 -10.29 1.41 14.39
N ALA A 52 -9.43 0.53 14.91
CA ALA A 52 -8.02 0.52 14.52
C ALA A 52 -7.83 -0.14 13.17
N LYS A 53 -8.60 -1.19 12.91
CA LYS A 53 -8.52 -1.91 11.65
C LYS A 53 -9.20 -1.14 10.53
N GLU A 54 -10.23 -0.38 10.88
CA GLU A 54 -10.96 0.41 9.91
C GLU A 54 -10.09 1.53 9.35
N SER A 55 -9.44 2.28 10.24
CA SER A 55 -8.57 3.37 9.84
C SER A 55 -7.44 2.87 8.96
N ILE A 56 -6.83 1.76 9.38
CA ILE A 56 -5.72 1.17 8.63
C ILE A 56 -6.20 0.53 7.35
N ARG A 57 -7.33 -0.17 7.43
CA ARG A 57 -7.90 -0.84 6.26
C ARG A 57 -8.24 0.17 5.17
N ALA A 58 -9.02 1.18 5.53
CA ALA A 58 -9.42 2.21 4.58
C ALA A 58 -8.20 2.87 3.95
N LYS A 59 -7.14 3.02 4.74
CA LYS A 59 -5.91 3.62 4.26
C LYS A 59 -5.16 2.67 3.34
N CYS A 60 -5.29 1.37 3.60
CA CYS A 60 -4.63 0.36 2.79
C CYS A 60 -5.34 0.19 1.45
N VAL A 61 -6.66 0.28 1.46
CA VAL A 61 -7.45 0.15 0.24
C VAL A 61 -7.11 1.26 -0.75
N GLN A 62 -7.00 2.48 -0.25
CA GLN A 62 -6.68 3.62 -1.10
C GLN A 62 -5.25 3.52 -1.64
N TYR A 63 -4.36 2.94 -0.83
CA TYR A 63 -2.97 2.78 -1.22
C TYR A 63 -2.84 1.84 -2.41
N LEU A 64 -3.67 0.80 -2.42
CA LEU A 64 -3.65 -0.18 -3.50
C LEU A 64 -4.14 0.45 -4.80
N ASP A 65 -5.15 1.31 -4.70
CA ASP A 65 -5.71 1.97 -5.87
C ASP A 65 -4.65 2.81 -6.58
N ARG A 66 -3.79 3.46 -5.79
CA ARG A 66 -2.72 4.29 -6.34
C ARG A 66 -1.65 3.43 -7.00
N ALA A 67 -1.45 2.23 -6.47
CA ALA A 67 -0.44 1.32 -7.00
C ALA A 67 -0.76 0.94 -8.45
N GLU A 68 -1.94 0.38 -8.67
CA GLU A 68 -2.37 -0.03 -10.00
C GLU A 68 -2.41 1.17 -10.94
N LYS A 69 -2.72 2.34 -10.40
CA LYS A 69 -2.79 3.56 -11.19
C LYS A 69 -1.44 3.88 -11.83
N LEU A 70 -0.40 3.91 -11.01
CA LEU A 70 0.94 4.20 -11.50
C LEU A 70 1.40 3.13 -12.48
N LYS A 71 0.97 1.90 -12.25
CA LYS A 71 1.34 0.78 -13.12
C LYS A 71 0.82 1.00 -14.53
N ASP A 72 -0.46 1.35 -14.64
CA ASP A 72 -1.08 1.59 -15.92
C ASP A 72 -0.39 2.72 -16.67
N TYR A 73 0.12 3.69 -15.91
CA TYR A 73 0.81 4.83 -16.49
C TYR A 73 2.05 4.39 -17.26
N LEU A 74 2.82 3.48 -16.66
CA LEU A 74 4.03 2.97 -17.29
C LEU A 74 3.70 1.98 -18.41
N ARG A 75 2.82 1.04 -18.10
CA ARG A 75 2.41 0.04 -19.08
C ARG A 75 1.74 0.69 -20.29
N GLU B 5 -11.34 -7.12 4.27
CA GLU B 5 -9.91 -7.37 4.15
C GLU B 5 -9.59 -8.18 2.91
N ASP B 6 -10.52 -9.06 2.52
CA ASP B 6 -10.34 -9.90 1.35
C ASP B 6 -10.43 -9.08 0.06
N GLN B 7 -11.21 -8.00 0.12
CA GLN B 7 -11.39 -7.13 -1.05
C GLN B 7 -10.05 -6.57 -1.51
N LEU B 8 -9.39 -5.82 -0.62
CA LEU B 8 -8.10 -5.22 -0.95
C LEU B 8 -7.01 -6.29 -1.02
N SER B 9 -7.18 -7.36 -0.26
CA SER B 9 -6.20 -8.44 -0.24
C SER B 9 -6.11 -9.12 -1.60
N ARG B 10 -7.26 -9.24 -2.27
CA ARG B 10 -7.30 -9.87 -3.58
C ARG B 10 -6.69 -8.96 -4.64
N ARG B 11 -7.04 -7.68 -4.59
CA ARG B 11 -6.53 -6.69 -5.54
C ARG B 11 -5.00 -6.62 -5.47
N LEU B 12 -4.46 -6.84 -4.27
CA LEU B 12 -3.02 -6.79 -4.08
C LEU B 12 -2.34 -8.02 -4.67
N ALA B 13 -3.01 -9.16 -4.56
CA ALA B 13 -2.48 -10.41 -5.09
C ALA B 13 -2.29 -10.33 -6.61
N ALA B 14 -3.29 -9.77 -7.28
CA ALA B 14 -3.25 -9.63 -8.73
C ALA B 14 -2.21 -8.60 -9.16
N LEU B 15 -2.01 -7.59 -8.31
CA LEU B 15 -1.04 -6.53 -8.61
C LEU B 15 0.36 -7.11 -8.75
N ARG B 16 0.76 -7.93 -7.78
CA ARG B 16 2.09 -8.54 -7.79
C ARG B 16 2.26 -9.42 -9.02
N ASN B 17 3.23 -9.07 -9.86
CA ASN B 17 3.50 -9.83 -11.08
C ASN B 17 4.32 -11.08 -10.78
N THR A 5 7.75 -3.89 11.86
CA THR A 5 7.02 -3.92 10.61
C THR A 5 6.35 -2.59 10.33
N LEU A 6 5.81 -1.98 11.38
CA LEU A 6 5.14 -0.69 11.26
C LEU A 6 6.10 0.39 10.78
N GLN A 7 7.30 0.40 11.36
CA GLN A 7 8.31 1.38 10.99
C GLN A 7 8.67 1.26 9.51
N LYS A 8 8.68 0.04 9.00
CA LYS A 8 9.01 -0.20 7.60
C LYS A 8 7.81 0.10 6.70
N ALA A 9 6.61 -0.11 7.24
CA ALA A 9 5.38 0.13 6.49
C ALA A 9 5.23 1.61 6.15
N ILE A 10 5.61 2.46 7.09
CA ILE A 10 5.51 3.90 6.90
C ILE A 10 6.66 4.43 6.05
N ASP A 11 7.87 3.97 6.36
CA ASP A 11 9.06 4.38 5.62
C ASP A 11 8.94 4.02 4.15
N LEU A 12 8.24 2.92 3.86
CA LEU A 12 8.04 2.47 2.49
C LEU A 12 7.08 3.39 1.75
N VAL A 13 5.89 3.55 2.30
CA VAL A 13 4.87 4.40 1.69
C VAL A 13 5.36 5.84 1.56
N THR A 14 6.14 6.29 2.54
CA THR A 14 6.69 7.63 2.54
C THR A 14 7.55 7.87 1.30
N LYS A 15 8.45 6.94 1.02
CA LYS A 15 9.33 7.04 -0.13
C LYS A 15 8.53 7.09 -1.43
N ALA A 16 7.39 6.40 -1.43
CA ALA A 16 6.52 6.36 -2.60
C ALA A 16 5.88 7.72 -2.86
N THR A 17 5.49 8.39 -1.79
CA THR A 17 4.85 9.70 -1.89
C THR A 17 5.78 10.69 -2.56
N GLU A 18 7.04 10.72 -2.11
CA GLU A 18 8.03 11.63 -2.67
C GLU A 18 8.23 11.37 -4.15
N GLU A 19 8.21 10.10 -4.53
CA GLU A 19 8.40 9.70 -5.92
C GLU A 19 7.19 10.12 -6.76
N ASP A 20 5.99 9.78 -6.29
CA ASP A 20 4.77 10.11 -7.00
C ASP A 20 4.65 11.62 -7.21
N LYS A 21 5.16 12.38 -6.24
CA LYS A 21 5.11 13.84 -6.32
C LYS A 21 6.33 14.39 -7.05
N ALA A 22 7.43 13.64 -7.02
CA ALA A 22 8.66 14.06 -7.68
C ALA A 22 8.79 13.41 -9.05
N LYS A 23 7.66 13.13 -9.69
CA LYS A 23 7.65 12.51 -11.01
C LYS A 23 8.36 11.16 -10.98
N ASN A 24 7.73 10.18 -10.33
CA ASN A 24 8.29 8.84 -10.24
C ASN A 24 7.19 7.82 -9.94
N TYR A 25 6.38 7.52 -10.93
CA TYR A 25 5.30 6.56 -10.79
C TYR A 25 5.83 5.14 -10.68
N GLU A 26 6.90 4.86 -11.42
CA GLU A 26 7.52 3.54 -11.41
C GLU A 26 8.17 3.26 -10.06
N GLU A 27 8.76 4.30 -9.46
CA GLU A 27 9.42 4.15 -8.17
C GLU A 27 8.40 4.24 -7.03
N ALA A 28 7.34 5.00 -7.24
CA ALA A 28 6.30 5.17 -6.23
C ALA A 28 5.49 3.89 -6.06
N LEU A 29 5.37 3.13 -7.14
CA LEU A 29 4.63 1.87 -7.12
C LEU A 29 5.36 0.82 -6.29
N ARG A 30 6.66 0.67 -6.56
CA ARG A 30 7.47 -0.31 -5.85
C ARG A 30 7.47 -0.03 -4.35
N LEU A 31 7.48 1.25 -3.99
CA LEU A 31 7.49 1.66 -2.60
C LEU A 31 6.10 1.48 -1.98
N TYR A 32 5.07 1.66 -2.79
CA TYR A 32 3.70 1.52 -2.32
C TYR A 32 3.35 0.05 -2.07
N GLN A 33 3.77 -0.81 -2.99
CA GLN A 33 3.50 -2.25 -2.86
C GLN A 33 4.13 -2.81 -1.59
N HIS A 34 5.42 -2.54 -1.40
CA HIS A 34 6.13 -3.01 -0.22
C HIS A 34 5.52 -2.44 1.06
N ALA A 35 4.99 -1.22 0.96
CA ALA A 35 4.38 -0.56 2.10
C ALA A 35 3.01 -1.17 2.42
N VAL A 36 2.17 -1.29 1.40
CA VAL A 36 0.83 -1.86 1.58
C VAL A 36 0.92 -3.31 2.05
N GLU A 37 1.87 -4.05 1.51
CA GLU A 37 2.05 -5.45 1.86
C GLU A 37 2.35 -5.60 3.35
N TYR A 38 3.36 -4.87 3.81
CA TYR A 38 3.75 -4.91 5.22
C TYR A 38 2.61 -4.46 6.12
N PHE A 39 1.79 -3.55 5.61
CA PHE A 39 0.65 -3.03 6.36
C PHE A 39 -0.35 -4.14 6.66
N LEU A 40 -0.76 -4.86 5.62
CA LEU A 40 -1.71 -5.95 5.78
C LEU A 40 -1.18 -7.03 6.71
N HIS A 41 0.14 -7.19 6.71
CA HIS A 41 0.78 -8.19 7.56
C HIS A 41 0.75 -7.76 9.03
N ALA A 42 0.77 -6.46 9.26
CA ALA A 42 0.74 -5.92 10.61
C ALA A 42 -0.65 -6.06 11.23
N ILE A 43 -1.68 -6.01 10.38
CA ILE A 43 -3.05 -6.13 10.84
C ILE A 43 -3.40 -7.57 11.16
N LYS A 44 -3.04 -8.49 10.25
CA LYS A 44 -3.32 -9.90 10.44
C LYS A 44 -2.63 -10.43 11.70
N TYR A 45 -1.37 -10.05 11.89
CA TYR A 45 -0.61 -10.47 13.05
C TYR A 45 -1.18 -9.87 14.33
N GLU A 46 -1.49 -8.58 14.28
CA GLU A 46 -2.04 -7.89 15.42
C GLU A 46 -2.90 -6.70 14.99
N ALA A 47 -3.67 -6.16 15.92
CA ALA A 47 -4.53 -5.01 15.63
C ALA A 47 -4.96 -4.32 16.91
N HIS A 48 -4.96 -3.00 16.89
CA HIS A 48 -5.35 -2.21 18.06
C HIS A 48 -6.80 -2.50 18.43
N SER A 49 -7.70 -2.36 17.47
CA SER A 49 -9.12 -2.60 17.70
C SER A 49 -9.90 -2.54 16.39
N ASP A 50 -11.22 -2.70 16.50
CA ASP A 50 -12.08 -2.66 15.31
C ASP A 50 -11.99 -1.31 14.62
N LYS A 51 -12.16 -0.24 15.37
CA LYS A 51 -12.08 1.10 14.81
C LYS A 51 -10.72 1.37 14.20
N ALA A 52 -9.67 1.00 14.93
CA ALA A 52 -8.30 1.19 14.47
C ALA A 52 -8.03 0.37 13.21
N LYS A 53 -8.59 -0.83 13.18
CA LYS A 53 -8.39 -1.73 12.04
C LYS A 53 -9.00 -1.13 10.77
N GLU A 54 -10.08 -0.37 10.94
CA GLU A 54 -10.75 0.26 9.81
C GLU A 54 -9.89 1.36 9.20
N SER A 55 -9.30 2.18 10.07
CA SER A 55 -8.45 3.28 9.62
C SER A 55 -7.24 2.74 8.83
N ILE A 56 -6.67 1.65 9.31
CA ILE A 56 -5.52 1.03 8.65
C ILE A 56 -5.93 0.38 7.34
N ARG A 57 -7.08 -0.30 7.36
CA ARG A 57 -7.58 -0.98 6.17
C ARG A 57 -8.01 0.03 5.11
N ALA A 58 -8.77 1.03 5.54
CA ALA A 58 -9.25 2.07 4.63
C ALA A 58 -8.09 2.74 3.90
N LYS A 59 -6.98 2.90 4.60
CA LYS A 59 -5.79 3.53 4.02
C LYS A 59 -5.12 2.59 3.02
N CYS A 60 -5.25 1.28 3.27
CA CYS A 60 -4.66 0.28 2.39
C CYS A 60 -5.45 0.16 1.10
N VAL A 61 -6.77 0.27 1.20
CA VAL A 61 -7.64 0.17 0.04
C VAL A 61 -7.35 1.27 -0.96
N GLN A 62 -7.32 2.50 -0.49
CA GLN A 62 -7.04 3.65 -1.34
C GLN A 62 -5.64 3.56 -1.93
N TYR A 63 -4.71 3.00 -1.17
CA TYR A 63 -3.34 2.85 -1.62
C TYR A 63 -3.24 1.85 -2.76
N LEU A 64 -4.11 0.86 -2.74
CA LEU A 64 -4.13 -0.17 -3.77
C LEU A 64 -4.54 0.42 -5.12
N ASP A 65 -5.61 1.21 -5.10
CA ASP A 65 -6.10 1.84 -6.33
C ASP A 65 -5.04 2.75 -6.94
N ARG A 66 -4.26 3.40 -6.09
CA ARG A 66 -3.21 4.29 -6.54
C ARG A 66 -2.06 3.52 -7.17
N ALA A 67 -1.74 2.37 -6.57
CA ALA A 67 -0.65 1.53 -7.07
C ALA A 67 -0.93 1.08 -8.51
N GLU A 68 -2.06 0.41 -8.70
CA GLU A 68 -2.45 -0.08 -10.02
C GLU A 68 -2.53 1.07 -11.02
N LYS A 69 -2.89 2.25 -10.53
CA LYS A 69 -3.00 3.42 -11.38
C LYS A 69 -1.63 3.89 -11.86
N LEU A 70 -0.62 3.67 -11.04
CA LEU A 70 0.74 4.06 -11.38
C LEU A 70 1.35 3.11 -12.41
N LYS A 71 1.25 1.81 -12.14
CA LYS A 71 1.78 0.81 -13.04
C LYS A 71 1.10 0.89 -14.41
N ASP A 72 -0.16 1.29 -14.42
CA ASP A 72 -0.92 1.41 -15.66
C ASP A 72 -0.55 2.69 -16.40
N TYR A 73 -0.20 3.71 -15.64
CA TYR A 73 0.17 5.00 -16.22
C TYR A 73 1.39 4.85 -17.13
N LEU A 74 2.38 4.09 -16.66
CA LEU A 74 3.60 3.88 -17.43
C LEU A 74 3.37 2.84 -18.53
N ARG A 75 2.63 1.78 -18.19
CA ARG A 75 2.33 0.72 -19.14
C ARG A 75 1.47 1.23 -20.28
N GLU B 5 -11.91 -6.93 3.56
CA GLU B 5 -10.49 -7.28 3.69
C GLU B 5 -10.04 -8.11 2.49
N ASP B 6 -10.96 -8.90 1.94
CA ASP B 6 -10.65 -9.74 0.80
C ASP B 6 -10.67 -8.94 -0.50
N GLN B 7 -11.42 -7.85 -0.51
CA GLN B 7 -11.53 -6.99 -1.69
C GLN B 7 -10.16 -6.49 -2.12
N LEU B 8 -9.49 -5.76 -1.24
CA LEU B 8 -8.17 -5.22 -1.53
C LEU B 8 -7.11 -6.31 -1.52
N SER B 9 -7.33 -7.34 -0.69
CA SER B 9 -6.40 -8.45 -0.59
C SER B 9 -6.27 -9.18 -1.92
N ARG B 10 -7.40 -9.34 -2.61
CA ARG B 10 -7.41 -10.03 -3.90
C ARG B 10 -6.74 -9.18 -4.98
N ARG B 11 -7.11 -7.89 -5.01
CA ARG B 11 -6.55 -6.98 -5.99
C ARG B 11 -5.03 -6.86 -5.83
N LEU B 12 -4.58 -6.88 -4.59
CA LEU B 12 -3.15 -6.78 -4.29
C LEU B 12 -2.38 -7.93 -4.93
N ALA B 13 -2.87 -9.15 -4.71
CA ALA B 13 -2.23 -10.34 -5.26
C ALA B 13 -2.18 -10.28 -6.78
N ALA B 14 -3.19 -9.64 -7.37
CA ALA B 14 -3.26 -9.52 -8.83
C ALA B 14 -2.36 -8.38 -9.33
N LEU B 15 -2.28 -7.31 -8.54
CA LEU B 15 -1.46 -6.17 -8.90
C LEU B 15 0.00 -6.56 -9.05
N ARG B 16 0.49 -7.35 -8.11
CA ARG B 16 1.88 -7.81 -8.12
C ARG B 16 2.01 -9.11 -8.92
N ASN B 17 3.20 -9.35 -9.46
CA ASN B 17 3.46 -10.55 -10.23
C ASN B 17 2.54 -10.63 -11.45
N THR A 5 7.62 -3.61 11.79
CA THR A 5 6.77 -3.63 10.62
C THR A 5 6.15 -2.26 10.36
N LEU A 6 5.60 -1.66 11.41
CA LEU A 6 4.97 -0.35 11.30
C LEU A 6 5.99 0.70 10.84
N GLN A 7 7.17 0.68 11.46
CA GLN A 7 8.21 1.62 11.11
C GLN A 7 8.61 1.49 9.64
N LYS A 8 8.53 0.27 9.14
CA LYS A 8 8.88 0.00 7.74
C LYS A 8 7.73 0.35 6.81
N ALA A 9 6.50 0.20 7.31
CA ALA A 9 5.31 0.49 6.53
C ALA A 9 5.24 1.97 6.18
N ILE A 10 5.54 2.82 7.15
CA ILE A 10 5.51 4.27 6.94
C ILE A 10 6.72 4.72 6.14
N ASP A 11 7.87 4.11 6.40
CA ASP A 11 9.09 4.46 5.71
C ASP A 11 8.96 4.23 4.21
N LEU A 12 8.34 3.11 3.84
CA LEU A 12 8.13 2.78 2.44
C LEU A 12 7.18 3.77 1.78
N VAL A 13 6.09 4.10 2.48
CA VAL A 13 5.11 5.03 1.96
C VAL A 13 5.72 6.40 1.71
N THR A 14 6.52 6.86 2.66
CA THR A 14 7.18 8.17 2.54
C THR A 14 8.03 8.24 1.27
N LYS A 15 8.71 7.14 0.97
CA LYS A 15 9.55 7.09 -0.23
C LYS A 15 8.71 7.06 -1.50
N ALA A 16 7.50 6.51 -1.39
CA ALA A 16 6.60 6.43 -2.53
C ALA A 16 5.93 7.77 -2.81
N THR A 17 5.59 8.48 -1.75
CA THR A 17 4.95 9.79 -1.88
C THR A 17 5.84 10.76 -2.64
N GLU A 18 7.10 10.84 -2.23
CA GLU A 18 8.06 11.73 -2.88
C GLU A 18 8.39 11.24 -4.28
N GLU A 19 8.36 9.93 -4.47
CA GLU A 19 8.65 9.34 -5.76
C GLU A 19 7.68 9.84 -6.84
N ASP A 20 6.40 9.57 -6.63
CA ASP A 20 5.36 10.00 -7.57
C ASP A 20 5.39 11.51 -7.75
N LYS A 21 5.78 12.23 -6.70
CA LYS A 21 5.85 13.68 -6.74
C LYS A 21 6.96 14.15 -7.67
N ALA A 22 8.01 13.34 -7.79
CA ALA A 22 9.14 13.68 -8.65
C ALA A 22 9.03 12.98 -10.00
N LYS A 23 7.79 12.75 -10.44
CA LYS A 23 7.55 12.09 -11.73
C LYS A 23 8.18 10.70 -11.75
N ASN A 24 7.60 9.78 -10.98
CA ASN A 24 8.09 8.41 -10.92
C ASN A 24 6.98 7.45 -10.48
N TYR A 25 6.06 7.19 -11.40
CA TYR A 25 4.95 6.28 -11.11
C TYR A 25 5.43 4.85 -10.97
N GLU A 26 6.49 4.51 -11.70
CA GLU A 26 7.06 3.17 -11.66
C GLU A 26 7.69 2.89 -10.30
N GLU A 27 8.64 3.72 -9.90
CA GLU A 27 9.32 3.57 -8.63
C GLU A 27 8.33 3.68 -7.47
N ALA A 28 7.40 4.62 -7.57
CA ALA A 28 6.40 4.83 -6.54
C ALA A 28 5.58 3.57 -6.31
N LEU A 29 5.14 2.94 -7.40
CA LEU A 29 4.34 1.72 -7.32
C LEU A 29 5.11 0.62 -6.60
N ARG A 30 6.43 0.60 -6.80
CA ARG A 30 7.27 -0.41 -6.17
C ARG A 30 7.27 -0.26 -4.65
N LEU A 31 7.67 0.91 -4.18
CA LEU A 31 7.72 1.18 -2.74
C LEU A 31 6.32 1.11 -2.14
N TYR A 32 5.32 1.51 -2.92
CA TYR A 32 3.93 1.50 -2.46
C TYR A 32 3.48 0.08 -2.18
N GLN A 33 3.85 -0.85 -3.05
CA GLN A 33 3.47 -2.26 -2.89
C GLN A 33 4.01 -2.81 -1.58
N HIS A 34 5.31 -2.64 -1.35
CA HIS A 34 5.94 -3.13 -0.13
C HIS A 34 5.30 -2.49 1.11
N ALA A 35 4.95 -1.22 1.00
CA ALA A 35 4.33 -0.50 2.11
C ALA A 35 3.02 -1.16 2.53
N VAL A 36 2.08 -1.23 1.59
CA VAL A 36 0.78 -1.83 1.86
C VAL A 36 0.93 -3.29 2.29
N GLU A 37 1.88 -3.99 1.68
CA GLU A 37 2.12 -5.39 1.99
C GLU A 37 2.50 -5.56 3.47
N TYR A 38 3.28 -4.62 3.98
CA TYR A 38 3.71 -4.66 5.38
C TYR A 38 2.58 -4.25 6.31
N PHE A 39 1.71 -3.36 5.83
CA PHE A 39 0.58 -2.89 6.62
C PHE A 39 -0.39 -4.02 6.91
N LEU A 40 -0.76 -4.76 5.86
CA LEU A 40 -1.70 -5.87 6.00
C LEU A 40 -1.13 -6.94 6.94
N HIS A 41 0.12 -7.31 6.72
CA HIS A 41 0.78 -8.32 7.54
C HIS A 41 0.83 -7.87 9.01
N ALA A 42 0.93 -6.56 9.22
CA ALA A 42 0.99 -6.01 10.56
C ALA A 42 -0.39 -6.01 11.22
N ILE A 43 -1.36 -5.42 10.53
CA ILE A 43 -2.72 -5.36 11.05
C ILE A 43 -3.33 -6.75 11.18
N LYS A 44 -2.96 -7.64 10.26
CA LYS A 44 -3.47 -9.01 10.28
C LYS A 44 -2.85 -9.80 11.42
N TYR A 45 -1.57 -9.55 11.69
CA TYR A 45 -0.86 -10.24 12.76
C TYR A 45 -1.17 -9.61 14.12
N GLU A 46 -1.41 -8.30 14.12
CA GLU A 46 -1.71 -7.58 15.35
C GLU A 46 -2.40 -6.26 15.03
N ALA A 47 -3.36 -5.90 15.88
CA ALA A 47 -4.09 -4.65 15.70
C ALA A 47 -4.50 -4.06 17.05
N HIS A 48 -4.64 -2.73 17.09
CA HIS A 48 -5.03 -2.04 18.31
C HIS A 48 -6.48 -2.33 18.66
N SER A 49 -7.39 -1.93 17.77
CA SER A 49 -8.81 -2.14 17.97
C SER A 49 -9.56 -2.15 16.64
N ASP A 50 -10.87 -2.37 16.71
CA ASP A 50 -11.70 -2.40 15.52
C ASP A 50 -11.64 -1.07 14.78
N LYS A 51 -11.82 0.02 15.51
CA LYS A 51 -11.79 1.35 14.92
C LYS A 51 -10.43 1.63 14.28
N ALA A 52 -9.36 1.36 15.02
CA ALA A 52 -8.01 1.58 14.54
C ALA A 52 -7.73 0.74 13.29
N LYS A 53 -8.31 -0.45 13.26
CA LYS A 53 -8.13 -1.37 12.13
C LYS A 53 -8.75 -0.78 10.86
N GLU A 54 -9.83 -0.02 11.03
CA GLU A 54 -10.52 0.59 9.90
C GLU A 54 -9.70 1.75 9.33
N SER A 55 -9.14 2.57 10.22
CA SER A 55 -8.34 3.72 9.80
C SER A 55 -7.13 3.26 9.00
N ILE A 56 -6.37 2.33 9.55
CA ILE A 56 -5.19 1.81 8.87
C ILE A 56 -5.56 1.13 7.55
N ARG A 57 -6.54 0.24 7.62
CA ARG A 57 -7.00 -0.48 6.43
C ARG A 57 -7.50 0.50 5.37
N ALA A 58 -8.25 1.51 5.81
CA ALA A 58 -8.80 2.51 4.90
C ALA A 58 -7.69 3.17 4.09
N LYS A 59 -6.53 3.36 4.71
CA LYS A 59 -5.40 3.98 4.04
C LYS A 59 -4.78 3.03 3.03
N CYS A 60 -4.86 1.73 3.31
CA CYS A 60 -4.31 0.72 2.42
C CYS A 60 -5.19 0.55 1.18
N VAL A 61 -6.50 0.64 1.37
CA VAL A 61 -7.45 0.51 0.27
C VAL A 61 -7.23 1.59 -0.78
N GLN A 62 -7.18 2.84 -0.32
CA GLN A 62 -6.97 3.98 -1.22
C GLN A 62 -5.60 3.90 -1.89
N TYR A 63 -4.64 3.34 -1.18
CA TYR A 63 -3.29 3.20 -1.70
C TYR A 63 -3.24 2.18 -2.84
N LEU A 64 -4.10 1.18 -2.77
CA LEU A 64 -4.17 0.14 -3.79
C LEU A 64 -4.73 0.71 -5.09
N ASP A 65 -5.75 1.55 -4.99
CA ASP A 65 -6.36 2.16 -6.16
C ASP A 65 -5.36 2.98 -6.95
N ARG A 66 -4.63 3.85 -6.24
CA ARG A 66 -3.64 4.70 -6.88
C ARG A 66 -2.50 3.86 -7.45
N ALA A 67 -2.17 2.77 -6.76
CA ALA A 67 -1.09 1.89 -7.20
C ALA A 67 -1.39 1.31 -8.57
N GLU A 68 -2.57 0.70 -8.72
CA GLU A 68 -2.97 0.11 -9.99
C GLU A 68 -3.00 1.15 -11.09
N LYS A 69 -3.30 2.39 -10.74
CA LYS A 69 -3.36 3.48 -11.70
C LYS A 69 -1.97 3.83 -12.21
N LEU A 70 -0.96 3.67 -11.34
CA LEU A 70 0.41 3.96 -11.70
C LEU A 70 0.96 2.92 -12.66
N LYS A 71 0.90 1.65 -12.25
CA LYS A 71 1.39 0.56 -13.06
C LYS A 71 0.70 0.53 -14.42
N ASP A 72 -0.57 0.96 -14.44
CA ASP A 72 -1.34 0.99 -15.68
C ASP A 72 -0.91 2.15 -16.57
N TYR A 73 -0.44 3.21 -15.94
CA TYR A 73 0.00 4.40 -16.68
C TYR A 73 1.19 4.06 -17.58
N LEU A 74 2.25 3.54 -16.97
CA LEU A 74 3.45 3.18 -17.72
C LEU A 74 3.18 1.97 -18.62
N ARG A 75 2.28 1.11 -18.19
CA ARG A 75 1.94 -0.08 -18.96
C ARG A 75 1.37 0.30 -20.33
N GLU B 5 -11.60 -6.52 4.10
CA GLU B 5 -10.16 -6.77 4.17
C GLU B 5 -9.74 -7.82 3.16
N ASP B 6 -10.64 -8.76 2.89
CA ASP B 6 -10.37 -9.84 1.94
C ASP B 6 -10.46 -9.32 0.50
N GLN B 7 -11.49 -8.53 0.22
CA GLN B 7 -11.69 -7.98 -1.11
C GLN B 7 -10.50 -7.11 -1.53
N LEU B 8 -10.20 -6.10 -0.73
CA LEU B 8 -9.09 -5.21 -1.01
C LEU B 8 -7.76 -5.97 -1.07
N SER B 9 -7.64 -6.96 -0.19
CA SER B 9 -6.42 -7.78 -0.15
C SER B 9 -6.24 -8.57 -1.44
N ARG B 10 -7.35 -9.05 -1.99
CA ARG B 10 -7.33 -9.83 -3.22
C ARG B 10 -6.75 -9.01 -4.36
N ARG B 11 -7.17 -7.75 -4.45
CA ARG B 11 -6.69 -6.86 -5.51
C ARG B 11 -5.19 -6.62 -5.38
N LEU B 12 -4.71 -6.56 -4.14
CA LEU B 12 -3.29 -6.34 -3.89
C LEU B 12 -2.45 -7.49 -4.45
N ALA B 13 -2.88 -8.72 -4.19
CA ALA B 13 -2.17 -9.89 -4.68
C ALA B 13 -2.08 -9.90 -6.20
N ALA B 14 -3.23 -9.67 -6.85
CA ALA B 14 -3.28 -9.65 -8.31
C ALA B 14 -2.38 -8.56 -8.87
N LEU B 15 -2.22 -7.48 -8.12
CA LEU B 15 -1.39 -6.36 -8.55
C LEU B 15 0.07 -6.78 -8.63
N ARG B 16 0.54 -7.50 -7.61
CA ARG B 16 1.92 -7.96 -7.57
C ARG B 16 2.10 -9.22 -8.41
N ASN B 17 2.90 -9.11 -9.46
CA ASN B 17 3.15 -10.24 -10.34
C ASN B 17 4.50 -10.88 -10.03
N THR A 5 6.12 -2.53 13.12
CA THR A 5 5.49 -2.72 11.82
C THR A 5 4.87 -1.43 11.33
N LEU A 6 4.21 -0.71 12.24
CA LEU A 6 3.56 0.55 11.89
C LEU A 6 4.58 1.59 11.47
N GLN A 7 5.65 1.73 12.25
CA GLN A 7 6.71 2.68 11.95
C GLN A 7 7.35 2.39 10.61
N LYS A 8 7.69 1.12 10.39
CA LYS A 8 8.31 0.71 9.13
C LYS A 8 7.38 0.95 7.95
N ALA A 9 6.08 0.83 8.21
CA ALA A 9 5.08 1.04 7.17
C ALA A 9 5.07 2.48 6.69
N ILE A 10 4.99 3.41 7.62
CA ILE A 10 4.97 4.83 7.29
C ILE A 10 6.27 5.26 6.62
N ASP A 11 7.38 4.71 7.11
CA ASP A 11 8.70 5.02 6.55
C ASP A 11 8.77 4.66 5.08
N LEU A 12 8.26 3.47 4.74
CA LEU A 12 8.26 3.01 3.36
C LEU A 12 7.35 3.87 2.50
N VAL A 13 6.21 4.26 3.04
CA VAL A 13 5.25 5.08 2.31
C VAL A 13 5.82 6.46 2.04
N THR A 14 6.54 7.00 3.02
CA THR A 14 7.15 8.32 2.89
C THR A 14 8.06 8.39 1.66
N LYS A 15 8.99 7.44 1.57
CA LYS A 15 9.92 7.40 0.45
C LYS A 15 9.19 7.17 -0.86
N ALA A 16 8.03 6.52 -0.78
CA ALA A 16 7.23 6.24 -1.97
C ALA A 16 6.50 7.49 -2.45
N THR A 17 6.04 8.30 -1.50
CA THR A 17 5.31 9.53 -1.82
C THR A 17 6.21 10.47 -2.62
N GLU A 18 7.47 10.58 -2.22
CA GLU A 18 8.42 11.45 -2.91
C GLU A 18 8.73 10.92 -4.30
N GLU A 19 8.88 9.61 -4.41
CA GLU A 19 9.19 8.97 -5.68
C GLU A 19 8.10 9.26 -6.71
N ASP A 20 6.85 8.97 -6.34
CA ASP A 20 5.72 9.20 -7.23
C ASP A 20 5.63 10.67 -7.63
N LYS A 21 6.09 11.55 -6.74
CA LYS A 21 6.06 12.98 -7.00
C LYS A 21 7.27 13.41 -7.82
N ALA A 22 8.35 12.64 -7.72
CA ALA A 22 9.58 12.95 -8.45
C ALA A 22 9.66 12.16 -9.76
N LYS A 23 8.50 11.83 -10.31
CA LYS A 23 8.44 11.08 -11.56
C LYS A 23 9.14 9.73 -11.42
N ASN A 24 8.98 9.11 -10.26
CA ASN A 24 9.60 7.81 -10.00
C ASN A 24 8.56 6.77 -9.65
N TYR A 25 7.87 6.27 -10.67
CA TYR A 25 6.83 5.25 -10.48
C TYR A 25 7.45 3.90 -10.17
N GLU A 26 8.62 3.64 -10.74
CA GLU A 26 9.32 2.38 -10.51
C GLU A 26 9.68 2.20 -9.05
N GLU A 27 10.48 3.13 -8.52
CA GLU A 27 10.90 3.08 -7.13
C GLU A 27 9.70 3.24 -6.19
N ALA A 28 8.75 4.08 -6.59
CA ALA A 28 7.55 4.32 -5.80
C ALA A 28 6.78 3.03 -5.56
N LEU A 29 6.54 2.29 -6.65
CA LEU A 29 5.80 1.03 -6.57
C LEU A 29 6.51 0.04 -5.66
N ARG A 30 7.84 -0.01 -5.76
CA ARG A 30 8.64 -0.91 -4.95
C ARG A 30 8.45 -0.62 -3.46
N LEU A 31 8.79 0.60 -3.05
CA LEU A 31 8.65 1.00 -1.66
C LEU A 31 7.19 0.93 -1.21
N TYR A 32 6.28 1.17 -2.15
CA TYR A 32 4.85 1.14 -1.85
C TYR A 32 4.40 -0.28 -1.50
N GLN A 33 4.93 -1.25 -2.24
CA GLN A 33 4.58 -2.65 -2.00
C GLN A 33 4.95 -3.07 -0.58
N HIS A 34 6.20 -2.87 -0.21
CA HIS A 34 6.68 -3.23 1.12
C HIS A 34 5.92 -2.47 2.20
N ALA A 35 5.53 -1.24 1.89
CA ALA A 35 4.79 -0.40 2.82
C ALA A 35 3.43 -1.02 3.15
N VAL A 36 2.64 -1.28 2.12
CA VAL A 36 1.33 -1.88 2.29
C VAL A 36 1.43 -3.28 2.90
N GLU A 37 2.46 -4.01 2.50
CA GLU A 37 2.67 -5.36 3.01
C GLU A 37 2.84 -5.35 4.53
N TYR A 38 3.53 -4.33 5.03
CA TYR A 38 3.77 -4.21 6.47
C TYR A 38 2.49 -3.77 7.19
N PHE A 39 1.69 -2.96 6.52
CA PHE A 39 0.45 -2.47 7.11
C PHE A 39 -0.51 -3.62 7.40
N LEU A 40 -0.76 -4.45 6.39
CA LEU A 40 -1.65 -5.60 6.54
C LEU A 40 -1.15 -6.55 7.62
N HIS A 41 0.18 -6.75 7.65
CA HIS A 41 0.79 -7.64 8.63
C HIS A 41 0.52 -7.14 10.04
N ALA A 42 0.42 -5.82 10.20
CA ALA A 42 0.18 -5.22 11.50
C ALA A 42 -1.27 -5.43 11.94
N ILE A 43 -2.17 -5.49 10.96
CA ILE A 43 -3.59 -5.69 11.25
C ILE A 43 -3.87 -7.14 11.63
N LYS A 44 -3.37 -8.07 10.82
CA LYS A 44 -3.57 -9.49 11.07
C LYS A 44 -2.94 -9.90 12.39
N TYR A 45 -1.85 -9.24 12.75
CA TYR A 45 -1.15 -9.54 14.00
C TYR A 45 -1.83 -8.86 15.18
N GLU A 46 -1.64 -7.56 15.29
CA GLU A 46 -2.24 -6.79 16.38
C GLU A 46 -2.88 -5.51 15.86
N ALA A 47 -4.20 -5.43 15.98
CA ALA A 47 -4.93 -4.25 15.52
C ALA A 47 -5.34 -3.37 16.69
N HIS A 48 -6.10 -2.32 16.40
CA HIS A 48 -6.57 -1.39 17.43
C HIS A 48 -8.05 -1.59 17.72
N SER A 49 -8.88 -1.29 16.73
CA SER A 49 -10.33 -1.44 16.87
C SER A 49 -11.01 -1.44 15.51
N ASP A 50 -12.34 -1.52 15.51
CA ASP A 50 -13.11 -1.54 14.28
C ASP A 50 -12.90 -0.24 13.49
N LYS A 51 -13.08 0.89 14.17
CA LYS A 51 -12.91 2.20 13.54
C LYS A 51 -11.49 2.36 13.00
N ALA A 52 -10.52 1.97 13.81
CA ALA A 52 -9.12 2.08 13.40
C ALA A 52 -8.80 1.14 12.26
N LYS A 53 -9.27 -0.10 12.36
CA LYS A 53 -9.03 -1.10 11.32
C LYS A 53 -9.63 -0.65 9.99
N GLU A 54 -10.75 0.07 10.07
CA GLU A 54 -11.42 0.55 8.87
C GLU A 54 -10.61 1.66 8.20
N SER A 55 -9.94 2.46 9.01
CA SER A 55 -9.13 3.56 8.50
C SER A 55 -7.95 3.04 7.69
N ILE A 56 -7.28 2.02 8.23
CA ILE A 56 -6.13 1.43 7.55
C ILE A 56 -6.54 0.80 6.23
N ARG A 57 -7.75 0.23 6.20
CA ARG A 57 -8.26 -0.41 5.00
C ARG A 57 -8.36 0.60 3.85
N ALA A 58 -9.00 1.72 4.11
CA ALA A 58 -9.16 2.76 3.10
C ALA A 58 -7.82 3.27 2.61
N LYS A 59 -6.82 3.23 3.49
CA LYS A 59 -5.48 3.69 3.15
C LYS A 59 -4.77 2.67 2.27
N CYS A 60 -5.09 1.40 2.47
CA CYS A 60 -4.49 0.33 1.69
C CYS A 60 -5.17 0.17 0.34
N VAL A 61 -6.50 0.20 0.35
CA VAL A 61 -7.27 0.07 -0.89
C VAL A 61 -6.91 1.17 -1.89
N GLN A 62 -6.69 2.38 -1.38
CA GLN A 62 -6.34 3.51 -2.23
C GLN A 62 -4.90 3.38 -2.73
N TYR A 63 -4.01 2.96 -1.84
CA TYR A 63 -2.60 2.80 -2.19
C TYR A 63 -2.41 1.63 -3.16
N LEU A 64 -3.27 0.62 -3.02
CA LEU A 64 -3.20 -0.55 -3.89
C LEU A 64 -3.49 -0.19 -5.34
N ASP A 65 -4.57 0.55 -5.55
CA ASP A 65 -4.96 0.98 -6.89
C ASP A 65 -3.86 1.84 -7.53
N ARG A 66 -3.23 2.67 -6.72
CA ARG A 66 -2.17 3.54 -7.20
C ARG A 66 -0.92 2.73 -7.55
N ALA A 67 -0.70 1.64 -6.83
CA ALA A 67 0.45 0.79 -7.07
C ALA A 67 0.40 0.17 -8.46
N GLU A 68 -0.68 -0.56 -8.74
CA GLU A 68 -0.85 -1.20 -10.04
C GLU A 68 -0.83 -0.17 -11.17
N LYS A 69 -1.29 1.04 -10.87
CA LYS A 69 -1.31 2.11 -11.86
C LYS A 69 0.10 2.52 -12.25
N LEU A 70 1.03 2.41 -11.30
CA LEU A 70 2.42 2.78 -11.54
C LEU A 70 3.13 1.69 -12.35
N LYS A 71 2.99 0.45 -11.92
CA LYS A 71 3.61 -0.67 -12.61
C LYS A 71 3.11 -0.78 -14.05
N ASP A 72 1.86 -0.39 -14.26
CA ASP A 72 1.26 -0.44 -15.59
C ASP A 72 1.74 0.73 -16.45
N TYR A 73 2.02 1.86 -15.81
CA TYR A 73 2.49 3.04 -16.51
C TYR A 73 3.85 2.79 -17.14
N LEU A 74 4.72 2.09 -16.41
CA LEU A 74 6.06 1.80 -16.90
C LEU A 74 6.04 0.58 -17.83
N ARG A 75 5.16 -0.37 -17.52
CA ARG A 75 5.04 -1.58 -18.32
C ARG A 75 4.58 -1.25 -19.73
N GLU B 5 -11.32 -5.79 2.67
CA GLU B 5 -9.89 -6.09 2.68
C GLU B 5 -9.54 -7.10 1.58
N ASP B 6 -10.48 -7.98 1.27
CA ASP B 6 -10.27 -8.99 0.24
C ASP B 6 -10.09 -8.36 -1.12
N GLN B 7 -10.72 -7.20 -1.33
CA GLN B 7 -10.63 -6.49 -2.60
C GLN B 7 -9.18 -6.12 -2.91
N LEU B 8 -8.58 -5.33 -2.02
CA LEU B 8 -7.19 -4.91 -2.20
C LEU B 8 -6.22 -6.05 -1.92
N SER B 9 -6.62 -6.93 -1.01
CA SER B 9 -5.79 -8.08 -0.65
C SER B 9 -5.53 -8.97 -1.86
N ARG B 10 -6.54 -9.11 -2.71
CA ARG B 10 -6.42 -9.94 -3.90
C ARG B 10 -5.58 -9.25 -4.96
N ARG B 11 -5.85 -7.95 -5.18
CA ARG B 11 -5.11 -7.18 -6.16
C ARG B 11 -3.63 -7.14 -5.82
N LEU B 12 -3.32 -7.17 -4.54
CA LEU B 12 -1.93 -7.14 -4.08
C LEU B 12 -1.22 -8.45 -4.40
N ALA B 13 -1.90 -9.57 -4.15
CA ALA B 13 -1.35 -10.88 -4.42
C ALA B 13 -0.99 -11.05 -5.89
N ALA B 14 -1.76 -10.39 -6.76
CA ALA B 14 -1.53 -10.45 -8.19
C ALA B 14 -0.42 -9.50 -8.61
N LEU B 15 -0.30 -8.38 -7.90
CA LEU B 15 0.71 -7.38 -8.20
C LEU B 15 2.12 -7.98 -8.09
N ARG B 16 2.40 -8.59 -6.94
CA ARG B 16 3.70 -9.21 -6.71
C ARG B 16 3.75 -10.63 -7.27
N ASN B 17 4.95 -11.12 -7.53
CA ASN B 17 5.13 -12.46 -8.06
C ASN B 17 5.11 -13.50 -6.95
N THR A 5 6.92 -3.40 12.28
CA THR A 5 6.18 -3.48 11.02
C THR A 5 5.63 -2.12 10.61
N LEU A 6 5.04 -1.42 11.57
CA LEU A 6 4.47 -0.10 11.31
C LEU A 6 5.55 0.87 10.84
N GLN A 7 6.71 0.82 11.49
CA GLN A 7 7.82 1.70 11.14
C GLN A 7 8.24 1.49 9.69
N LYS A 8 8.14 0.23 9.23
CA LYS A 8 8.52 -0.10 7.86
C LYS A 8 7.42 0.28 6.89
N ALA A 9 6.18 0.08 7.31
CA ALA A 9 5.02 0.41 6.47
C ALA A 9 5.00 1.90 6.12
N ILE A 10 5.12 2.74 7.13
CA ILE A 10 5.12 4.18 6.92
C ILE A 10 6.37 4.64 6.19
N ASP A 11 7.48 3.95 6.45
CA ASP A 11 8.75 4.27 5.81
C ASP A 11 8.64 4.16 4.30
N LEU A 12 7.93 3.15 3.83
CA LEU A 12 7.74 2.94 2.40
C LEU A 12 6.85 4.03 1.79
N VAL A 13 5.78 4.37 2.50
CA VAL A 13 4.86 5.39 2.03
C VAL A 13 5.56 6.73 1.87
N THR A 14 6.41 7.07 2.84
CA THR A 14 7.14 8.32 2.80
C THR A 14 7.99 8.42 1.53
N LYS A 15 8.73 7.36 1.25
CA LYS A 15 9.59 7.32 0.06
C LYS A 15 8.75 7.40 -1.22
N ALA A 16 7.52 6.90 -1.14
CA ALA A 16 6.62 6.91 -2.30
C ALA A 16 6.03 8.29 -2.50
N THR A 17 5.77 9.00 -1.40
CA THR A 17 5.20 10.33 -1.46
C THR A 17 6.11 11.28 -2.24
N GLU A 18 7.40 11.22 -1.93
CA GLU A 18 8.39 12.06 -2.61
C GLU A 18 8.57 11.64 -4.06
N GLU A 19 8.51 10.33 -4.29
CA GLU A 19 8.67 9.78 -5.63
C GLU A 19 7.48 10.17 -6.52
N ASP A 20 6.28 9.95 -6.02
CA ASP A 20 5.07 10.26 -6.76
C ASP A 20 5.01 11.74 -7.11
N LYS A 21 5.26 12.60 -6.12
CA LYS A 21 5.24 14.04 -6.33
C LYS A 21 6.34 14.47 -7.29
N ALA A 22 7.39 13.66 -7.39
CA ALA A 22 8.51 13.97 -8.27
C ALA A 22 8.37 13.26 -9.62
N LYS A 23 7.12 13.00 -10.02
CA LYS A 23 6.85 12.33 -11.29
C LYS A 23 7.56 10.98 -11.34
N ASN A 24 7.13 10.06 -10.48
CA ASN A 24 7.71 8.72 -10.43
C ASN A 24 6.63 7.67 -10.23
N TYR A 25 5.84 7.44 -11.26
CA TYR A 25 4.77 6.45 -11.21
C TYR A 25 5.34 5.04 -11.01
N GLU A 26 6.54 4.81 -11.54
CA GLU A 26 7.19 3.52 -11.43
C GLU A 26 7.66 3.28 -9.99
N GLU A 27 8.55 4.14 -9.51
CA GLU A 27 9.08 4.02 -8.17
C GLU A 27 7.98 4.14 -7.12
N ALA A 28 7.08 5.11 -7.32
CA ALA A 28 5.98 5.33 -6.40
C ALA A 28 5.11 4.09 -6.28
N LEU A 29 5.03 3.32 -7.35
CA LEU A 29 4.23 2.10 -7.37
C LEU A 29 4.92 0.99 -6.58
N ARG A 30 6.22 0.81 -6.84
CA ARG A 30 6.99 -0.22 -6.15
C ARG A 30 6.98 -0.01 -4.64
N LEU A 31 7.03 1.26 -4.24
CA LEU A 31 7.03 1.60 -2.81
C LEU A 31 5.64 1.43 -2.22
N TYR A 32 4.61 1.70 -3.02
CA TYR A 32 3.23 1.57 -2.57
C TYR A 32 2.93 0.14 -2.13
N GLN A 33 3.20 -0.81 -3.02
CA GLN A 33 2.96 -2.22 -2.72
C GLN A 33 3.76 -2.67 -1.50
N HIS A 34 5.03 -2.26 -1.46
CA HIS A 34 5.90 -2.62 -0.35
C HIS A 34 5.35 -2.10 0.97
N ALA A 35 4.78 -0.90 0.94
CA ALA A 35 4.20 -0.29 2.12
C ALA A 35 2.92 -0.98 2.55
N VAL A 36 2.05 -1.25 1.58
CA VAL A 36 0.79 -1.91 1.86
C VAL A 36 1.02 -3.32 2.41
N GLU A 37 1.98 -4.03 1.83
CA GLU A 37 2.30 -5.38 2.26
C GLU A 37 2.72 -5.40 3.72
N TYR A 38 3.53 -4.42 4.11
CA TYR A 38 4.01 -4.32 5.49
C TYR A 38 2.86 -3.96 6.44
N PHE A 39 1.93 -3.16 5.95
CA PHE A 39 0.79 -2.75 6.76
C PHE A 39 -0.12 -3.94 7.07
N LEU A 40 -0.47 -4.70 6.04
CA LEU A 40 -1.33 -5.87 6.20
C LEU A 40 -0.69 -6.89 7.15
N HIS A 41 0.64 -6.93 7.15
CA HIS A 41 1.37 -7.86 8.01
C HIS A 41 1.27 -7.42 9.48
N ALA A 42 1.18 -6.12 9.70
CA ALA A 42 1.08 -5.58 11.05
C ALA A 42 -0.30 -5.84 11.65
N ILE A 43 -1.30 -5.87 10.78
CA ILE A 43 -2.67 -6.11 11.23
C ILE A 43 -2.90 -7.58 11.56
N LYS A 44 -2.51 -8.46 10.64
CA LYS A 44 -2.66 -9.89 10.84
C LYS A 44 -1.90 -10.36 12.08
N TYR A 45 -0.69 -9.84 12.25
CA TYR A 45 0.14 -10.21 13.40
C TYR A 45 -0.41 -9.60 14.68
N GLU A 46 -0.23 -8.29 14.83
CA GLU A 46 -0.71 -7.59 16.02
C GLU A 46 -1.45 -6.31 15.63
N ALA A 47 -2.77 -6.34 15.76
CA ALA A 47 -3.59 -5.18 15.43
C ALA A 47 -3.91 -4.36 16.69
N HIS A 48 -4.68 -3.29 16.49
CA HIS A 48 -5.06 -2.42 17.60
C HIS A 48 -6.49 -2.72 18.05
N SER A 49 -7.46 -2.41 17.18
CA SER A 49 -8.87 -2.64 17.50
C SER A 49 -9.71 -2.61 16.23
N ASP A 50 -11.01 -2.80 16.39
CA ASP A 50 -11.93 -2.80 15.25
C ASP A 50 -11.90 -1.45 14.53
N LYS A 51 -12.03 -0.37 15.30
CA LYS A 51 -12.02 0.97 14.73
C LYS A 51 -10.70 1.25 14.02
N ALA A 52 -9.60 0.85 14.66
CA ALA A 52 -8.27 1.06 14.09
C ALA A 52 -8.07 0.23 12.83
N LYS A 53 -8.60 -0.99 12.84
CA LYS A 53 -8.49 -1.88 11.70
C LYS A 53 -9.15 -1.28 10.47
N GLU A 54 -10.19 -0.49 10.68
CA GLU A 54 -10.91 0.15 9.59
C GLU A 54 -10.12 1.33 9.04
N SER A 55 -9.57 2.14 9.95
CA SER A 55 -8.78 3.31 9.55
C SER A 55 -7.55 2.89 8.74
N ILE A 56 -6.78 1.95 9.28
CA ILE A 56 -5.59 1.46 8.62
C ILE A 56 -5.93 0.83 7.28
N ARG A 57 -6.97 -0.01 7.28
CA ARG A 57 -7.40 -0.69 6.07
C ARG A 57 -7.84 0.32 5.00
N ALA A 58 -8.59 1.32 5.42
CA ALA A 58 -9.08 2.35 4.51
C ALA A 58 -7.92 3.04 3.80
N LYS A 59 -6.79 3.15 4.48
CA LYS A 59 -5.61 3.78 3.92
C LYS A 59 -4.95 2.87 2.89
N CYS A 60 -5.07 1.55 3.11
CA CYS A 60 -4.49 0.57 2.20
C CYS A 60 -5.29 0.49 0.91
N VAL A 61 -6.62 0.65 1.04
CA VAL A 61 -7.50 0.58 -0.12
C VAL A 61 -7.25 1.75 -1.07
N GLN A 62 -7.07 2.94 -0.51
CA GLN A 62 -6.82 4.14 -1.29
C GLN A 62 -5.47 4.05 -2.01
N TYR A 63 -4.50 3.44 -1.33
CA TYR A 63 -3.16 3.29 -1.90
C TYR A 63 -3.18 2.34 -3.09
N LEU A 64 -4.07 1.36 -3.05
CA LEU A 64 -4.19 0.39 -4.14
C LEU A 64 -4.76 1.05 -5.39
N ASP A 65 -5.71 1.95 -5.19
CA ASP A 65 -6.33 2.66 -6.32
C ASP A 65 -5.30 3.45 -7.11
N ARG A 66 -4.59 4.34 -6.42
CA ARG A 66 -3.56 5.15 -7.06
C ARG A 66 -2.47 4.28 -7.67
N ALA A 67 -2.01 3.30 -6.90
CA ALA A 67 -0.96 2.39 -7.36
C ALA A 67 -1.39 1.68 -8.65
N GLU A 68 -2.63 1.18 -8.65
CA GLU A 68 -3.16 0.47 -9.80
C GLU A 68 -3.12 1.35 -11.05
N LYS A 69 -3.26 2.65 -10.84
CA LYS A 69 -3.24 3.61 -11.95
C LYS A 69 -1.81 3.99 -12.31
N LEU A 70 -0.91 3.93 -11.34
CA LEU A 70 0.49 4.27 -11.56
C LEU A 70 1.15 3.26 -12.48
N LYS A 71 0.88 1.98 -12.25
CA LYS A 71 1.45 0.92 -13.06
C LYS A 71 0.76 0.85 -14.43
N ASP A 72 -0.56 0.97 -14.42
CA ASP A 72 -1.33 0.92 -15.66
C ASP A 72 -1.01 2.13 -16.55
N TYR A 73 -0.65 3.24 -15.92
CA TYR A 73 -0.32 4.46 -16.67
C TYR A 73 0.98 4.28 -17.44
N LEU A 74 2.03 3.87 -16.75
CA LEU A 74 3.33 3.66 -17.38
C LEU A 74 3.24 2.61 -18.49
N ARG A 75 2.71 1.45 -18.15
CA ARG A 75 2.57 0.36 -19.12
C ARG A 75 1.70 0.79 -20.30
N GLU B 5 -11.08 -6.73 3.15
CA GLU B 5 -9.63 -6.84 3.28
C GLU B 5 -9.04 -7.72 2.18
N ASP B 6 -9.82 -8.70 1.73
CA ASP B 6 -9.38 -9.61 0.68
C ASP B 6 -9.32 -8.90 -0.67
N GLN B 7 -10.18 -7.89 -0.84
CA GLN B 7 -10.23 -7.14 -2.09
C GLN B 7 -8.88 -6.49 -2.39
N LEU B 8 -8.44 -5.63 -1.48
CA LEU B 8 -7.16 -4.93 -1.64
C LEU B 8 -5.99 -5.90 -1.48
N SER B 9 -6.19 -6.93 -0.68
CA SER B 9 -5.15 -7.93 -0.45
C SER B 9 -4.86 -8.73 -1.72
N ARG B 10 -5.93 -9.17 -2.38
CA ARG B 10 -5.79 -9.95 -3.61
C ARG B 10 -5.10 -9.12 -4.69
N ARG B 11 -5.51 -7.87 -4.83
CA ARG B 11 -4.92 -6.98 -5.83
C ARG B 11 -3.43 -6.76 -5.55
N LEU B 12 -3.06 -6.77 -4.28
CA LEU B 12 -1.68 -6.57 -3.89
C LEU B 12 -0.77 -7.66 -4.48
N ALA B 13 -1.16 -8.91 -4.26
CA ALA B 13 -0.40 -10.05 -4.77
C ALA B 13 -0.29 -10.00 -6.29
N ALA B 14 -1.35 -9.52 -6.93
CA ALA B 14 -1.38 -9.42 -8.39
C ALA B 14 -0.39 -8.39 -8.89
N LEU B 15 -0.23 -7.31 -8.13
CA LEU B 15 0.70 -6.25 -8.49
C LEU B 15 2.13 -6.74 -8.50
N ARG B 16 2.46 -7.61 -7.53
CA ARG B 16 3.81 -8.16 -7.42
C ARG B 16 3.87 -9.56 -8.03
N ASN B 17 3.12 -9.75 -9.11
CA ASN B 17 3.09 -11.04 -9.79
C ASN B 17 2.85 -10.86 -11.29
N THR A 5 7.31 -3.30 12.17
CA THR A 5 6.59 -3.46 10.91
C THR A 5 5.87 -2.17 10.53
N LEU A 6 5.40 -1.43 11.54
CA LEU A 6 4.70 -0.18 11.30
C LEU A 6 5.63 0.88 10.73
N GLN A 7 6.83 0.98 11.31
CA GLN A 7 7.81 1.95 10.85
C GLN A 7 8.19 1.69 9.40
N LYS A 8 8.15 0.44 9.00
CA LYS A 8 8.49 0.06 7.63
C LYS A 8 7.32 0.31 6.69
N ALA A 9 6.11 0.16 7.22
CA ALA A 9 4.90 0.38 6.43
C ALA A 9 4.74 1.85 6.06
N ILE A 10 5.05 2.73 7.01
CA ILE A 10 4.94 4.16 6.78
C ILE A 10 6.10 4.69 5.95
N ASP A 11 7.31 4.33 6.34
CA ASP A 11 8.51 4.76 5.63
C ASP A 11 8.47 4.29 4.18
N LEU A 12 7.85 3.14 3.95
CA LEU A 12 7.75 2.58 2.60
C LEU A 12 6.78 3.39 1.75
N VAL A 13 5.57 3.59 2.27
CA VAL A 13 4.55 4.35 1.55
C VAL A 13 4.98 5.81 1.37
N THR A 14 5.68 6.34 2.36
CA THR A 14 6.14 7.72 2.31
C THR A 14 7.06 7.94 1.10
N LYS A 15 8.03 7.06 0.93
CA LYS A 15 8.96 7.16 -0.18
C LYS A 15 8.23 7.03 -1.52
N ALA A 16 7.15 6.25 -1.52
CA ALA A 16 6.37 6.04 -2.74
C ALA A 16 5.64 7.32 -3.14
N THR A 17 5.12 8.04 -2.15
CA THR A 17 4.40 9.29 -2.40
C THR A 17 5.30 10.29 -3.10
N GLU A 18 6.53 10.44 -2.61
CA GLU A 18 7.48 11.36 -3.20
C GLU A 18 7.79 11.00 -4.64
N GLU A 19 7.93 9.70 -4.90
CA GLU A 19 8.23 9.22 -6.24
C GLU A 19 7.14 9.63 -7.22
N ASP A 20 5.88 9.38 -6.86
CA ASP A 20 4.76 9.73 -7.71
C ASP A 20 4.74 11.22 -8.01
N LYS A 21 5.25 12.01 -7.08
CA LYS A 21 5.30 13.46 -7.24
C LYS A 21 6.48 13.87 -8.13
N ALA A 22 7.52 13.05 -8.14
CA ALA A 22 8.70 13.33 -8.95
C ALA A 22 8.65 12.58 -10.28
N LYS A 23 7.45 12.34 -10.78
CA LYS A 23 7.26 11.64 -12.04
C LYS A 23 7.90 10.25 -12.00
N ASN A 24 7.81 9.60 -10.84
CA ASN A 24 8.37 8.26 -10.68
C ASN A 24 7.30 7.26 -10.29
N TYR A 25 6.53 6.81 -11.28
CA TYR A 25 5.45 5.85 -11.03
C TYR A 25 6.02 4.46 -10.80
N GLU A 26 7.12 4.15 -11.47
CA GLU A 26 7.77 2.86 -11.33
C GLU A 26 8.27 2.64 -9.90
N GLU A 27 8.98 3.63 -9.38
CA GLU A 27 9.50 3.55 -8.02
C GLU A 27 8.38 3.63 -6.99
N ALA A 28 7.43 4.52 -7.23
CA ALA A 28 6.30 4.70 -6.32
C ALA A 28 5.50 3.41 -6.19
N LEU A 29 5.23 2.76 -7.32
CA LEU A 29 4.47 1.52 -7.33
C LEU A 29 5.19 0.44 -6.53
N ARG A 30 6.51 0.36 -6.70
CA ARG A 30 7.31 -0.63 -5.99
C ARG A 30 7.20 -0.44 -4.48
N LEU A 31 7.56 0.75 -4.01
CA LEU A 31 7.49 1.06 -2.59
C LEU A 31 6.07 0.93 -2.06
N TYR A 32 5.10 1.22 -2.92
CA TYR A 32 3.69 1.15 -2.54
C TYR A 32 3.30 -0.29 -2.21
N GLN A 33 3.77 -1.23 -3.02
CA GLN A 33 3.48 -2.64 -2.80
C GLN A 33 3.99 -3.11 -1.44
N HIS A 34 5.28 -2.95 -1.22
CA HIS A 34 5.90 -3.35 0.05
C HIS A 34 5.27 -2.60 1.22
N ALA A 35 4.88 -1.36 0.97
CA ALA A 35 4.28 -0.53 2.01
C ALA A 35 2.98 -1.16 2.52
N VAL A 36 2.01 -1.31 1.63
CA VAL A 36 0.73 -1.90 2.00
C VAL A 36 0.91 -3.33 2.54
N GLU A 37 1.89 -4.04 1.98
CA GLU A 37 2.17 -5.41 2.40
C GLU A 37 2.52 -5.46 3.88
N TYR A 38 3.28 -4.47 4.35
CA TYR A 38 3.70 -4.40 5.74
C TYR A 38 2.52 -4.00 6.64
N PHE A 39 1.62 -3.19 6.10
CA PHE A 39 0.45 -2.74 6.85
C PHE A 39 -0.46 -3.91 7.18
N LEU A 40 -0.84 -4.68 6.18
CA LEU A 40 -1.71 -5.82 6.37
C LEU A 40 -1.08 -6.84 7.32
N HIS A 41 0.23 -7.04 7.18
CA HIS A 41 0.96 -7.97 8.02
C HIS A 41 0.85 -7.58 9.49
N ALA A 42 0.76 -6.28 9.75
CA ALA A 42 0.64 -5.77 11.11
C ALA A 42 -0.75 -6.01 11.67
N ILE A 43 -1.75 -6.00 10.79
CA ILE A 43 -3.13 -6.22 11.21
C ILE A 43 -3.39 -7.69 11.50
N LYS A 44 -3.02 -8.55 10.56
CA LYS A 44 -3.22 -9.99 10.71
C LYS A 44 -2.47 -10.51 11.93
N TYR A 45 -1.33 -9.88 12.23
CA TYR A 45 -0.51 -10.28 13.37
C TYR A 45 -1.05 -9.67 14.67
N GLU A 46 -0.82 -8.38 14.84
CA GLU A 46 -1.28 -7.68 16.04
C GLU A 46 -1.93 -6.34 15.67
N ALA A 47 -3.24 -6.27 15.87
CA ALA A 47 -3.98 -5.04 15.56
C ALA A 47 -4.40 -4.32 16.83
N HIS A 48 -4.57 -3.01 16.74
CA HIS A 48 -4.97 -2.21 17.89
C HIS A 48 -6.40 -2.54 18.31
N SER A 49 -7.36 -2.24 17.45
CA SER A 49 -8.77 -2.50 17.73
C SER A 49 -9.61 -2.44 16.46
N ASP A 50 -10.92 -2.62 16.62
CA ASP A 50 -11.82 -2.58 15.47
C ASP A 50 -11.79 -1.22 14.79
N LYS A 51 -11.94 -0.16 15.59
CA LYS A 51 -11.93 1.20 15.07
C LYS A 51 -10.61 1.51 14.37
N ALA A 52 -9.50 1.23 15.05
CA ALA A 52 -8.18 1.47 14.50
C ALA A 52 -7.97 0.68 13.21
N LYS A 53 -8.42 -0.57 13.21
CA LYS A 53 -8.28 -1.43 12.03
C LYS A 53 -9.00 -0.83 10.83
N GLU A 54 -10.09 -0.10 11.10
CA GLU A 54 -10.87 0.53 10.04
C GLU A 54 -10.08 1.64 9.38
N SER A 55 -9.40 2.45 10.19
CA SER A 55 -8.60 3.57 9.67
C SER A 55 -7.50 3.06 8.75
N ILE A 56 -6.89 1.94 9.13
CA ILE A 56 -5.82 1.36 8.34
C ILE A 56 -6.36 0.74 7.05
N ARG A 57 -7.52 0.10 7.16
CA ARG A 57 -8.15 -0.54 6.01
C ARG A 57 -8.44 0.48 4.90
N ALA A 58 -9.18 1.52 5.25
CA ALA A 58 -9.52 2.57 4.29
C ALA A 58 -8.27 3.19 3.69
N LYS A 59 -7.22 3.30 4.52
CA LYS A 59 -5.96 3.87 4.07
C LYS A 59 -5.21 2.90 3.16
N CYS A 60 -5.41 1.61 3.41
CA CYS A 60 -4.76 0.57 2.63
C CYS A 60 -5.46 0.36 1.30
N VAL A 61 -6.79 0.40 1.33
CA VAL A 61 -7.59 0.23 0.12
C VAL A 61 -7.28 1.31 -0.90
N GLN A 62 -7.12 2.54 -0.42
CA GLN A 62 -6.82 3.67 -1.30
C GLN A 62 -5.39 3.58 -1.81
N TYR A 63 -4.48 3.12 -0.97
CA TYR A 63 -3.07 3.00 -1.33
C TYR A 63 -2.90 1.97 -2.45
N LEU A 64 -3.73 0.94 -2.44
CA LEU A 64 -3.67 -0.11 -3.45
C LEU A 64 -4.19 0.40 -4.79
N ASP A 65 -5.24 1.21 -4.74
CA ASP A 65 -5.83 1.77 -5.95
C ASP A 65 -4.83 2.61 -6.72
N ARG A 66 -3.97 3.32 -5.98
CA ARG A 66 -2.95 4.17 -6.59
C ARG A 66 -1.86 3.33 -7.23
N ALA A 67 -1.49 2.25 -6.56
CA ALA A 67 -0.45 1.35 -7.06
C ALA A 67 -0.82 0.78 -8.42
N GLU A 68 -2.04 0.25 -8.51
CA GLU A 68 -2.53 -0.33 -9.76
C GLU A 68 -2.53 0.71 -10.89
N LYS A 69 -2.91 1.94 -10.54
CA LYS A 69 -2.96 3.02 -11.51
C LYS A 69 -1.56 3.33 -12.05
N LEU A 70 -0.56 3.18 -11.19
CA LEU A 70 0.82 3.44 -11.59
C LEU A 70 1.31 2.41 -12.59
N LYS A 71 0.84 1.17 -12.43
CA LYS A 71 1.23 0.09 -13.33
C LYS A 71 0.78 0.36 -14.74
N ASP A 72 -0.49 0.73 -14.89
CA ASP A 72 -1.06 1.01 -16.21
C ASP A 72 -0.39 2.24 -16.82
N TYR A 73 0.04 3.16 -15.97
CA TYR A 73 0.69 4.38 -16.44
C TYR A 73 1.96 4.05 -17.21
N LEU A 74 2.74 3.11 -16.69
CA LEU A 74 3.98 2.69 -17.33
C LEU A 74 3.72 1.64 -18.41
N ARG A 75 2.70 0.82 -18.18
CA ARG A 75 2.35 -0.24 -19.12
C ARG A 75 1.68 0.35 -20.36
N GLU B 5 -11.86 -6.57 3.96
CA GLU B 5 -10.41 -6.78 4.01
C GLU B 5 -9.96 -7.67 2.88
N ASP B 6 -10.83 -8.60 2.47
CA ASP B 6 -10.52 -9.53 1.40
C ASP B 6 -10.50 -8.81 0.05
N GLN B 7 -11.30 -7.76 -0.07
CA GLN B 7 -11.38 -6.99 -1.30
C GLN B 7 -10.01 -6.42 -1.69
N LEU B 8 -9.45 -5.61 -0.81
CA LEU B 8 -8.14 -5.00 -1.05
C LEU B 8 -7.04 -6.05 -1.01
N SER B 9 -7.25 -7.09 -0.20
CA SER B 9 -6.27 -8.16 -0.06
C SER B 9 -6.02 -8.85 -1.41
N ARG B 10 -7.11 -9.17 -2.11
CA ARG B 10 -7.02 -9.82 -3.40
C ARG B 10 -6.36 -8.90 -4.43
N ARG B 11 -6.72 -7.62 -4.38
CA ARG B 11 -6.16 -6.64 -5.30
C ARG B 11 -4.65 -6.54 -5.16
N LEU B 12 -4.15 -6.77 -3.95
CA LEU B 12 -2.72 -6.71 -3.68
C LEU B 12 -1.99 -7.86 -4.36
N ALA B 13 -2.48 -9.07 -4.14
CA ALA B 13 -1.87 -10.26 -4.73
C ALA B 13 -1.95 -10.21 -6.25
N ALA B 14 -3.10 -9.80 -6.77
CA ALA B 14 -3.30 -9.72 -8.21
C ALA B 14 -2.39 -8.67 -8.82
N LEU B 15 -2.16 -7.58 -8.09
CA LEU B 15 -1.31 -6.50 -8.57
C LEU B 15 0.13 -6.99 -8.77
N ARG B 16 0.61 -7.77 -7.82
CA ARG B 16 1.97 -8.31 -7.88
C ARG B 16 2.02 -9.54 -8.79
N ASN B 17 3.11 -9.66 -9.56
CA ASN B 17 3.27 -10.79 -10.46
C ASN B 17 4.64 -10.73 -11.16
N THR A 5 7.11 -3.98 11.89
CA THR A 5 6.28 -4.14 10.72
C THR A 5 5.68 -2.80 10.28
N LEU A 6 5.25 -2.00 11.25
CA LEU A 6 4.66 -0.70 10.97
C LEU A 6 5.71 0.26 10.42
N GLN A 7 6.85 0.35 11.11
CA GLN A 7 7.92 1.23 10.68
C GLN A 7 8.38 0.90 9.27
N LYS A 8 8.40 -0.39 8.95
CA LYS A 8 8.81 -0.84 7.62
C LYS A 8 7.80 -0.41 6.57
N ALA A 9 6.54 -0.32 6.96
CA ALA A 9 5.49 0.09 6.04
C ALA A 9 5.62 1.56 5.67
N ILE A 10 6.15 2.36 6.59
CA ILE A 10 6.32 3.78 6.36
C ILE A 10 7.43 4.04 5.33
N ASP A 11 8.57 3.39 5.53
CA ASP A 11 9.69 3.55 4.62
C ASP A 11 9.32 3.14 3.20
N LEU A 12 8.46 2.13 3.09
CA LEU A 12 8.02 1.64 1.79
C LEU A 12 7.12 2.66 1.11
N VAL A 13 6.06 3.06 1.80
CA VAL A 13 5.11 4.03 1.26
C VAL A 13 5.80 5.36 0.96
N THR A 14 6.74 5.73 1.81
CA THR A 14 7.48 6.98 1.62
C THR A 14 8.21 6.99 0.28
N LYS A 15 8.97 5.93 0.02
CA LYS A 15 9.73 5.82 -1.22
C LYS A 15 8.79 5.85 -2.43
N ALA A 16 7.58 5.33 -2.24
CA ALA A 16 6.59 5.30 -3.32
C ALA A 16 6.08 6.70 -3.63
N THR A 17 5.89 7.50 -2.59
CA THR A 17 5.42 8.87 -2.76
C THR A 17 6.38 9.68 -3.63
N GLU A 18 7.67 9.49 -3.40
CA GLU A 18 8.70 10.20 -4.16
C GLU A 18 8.72 9.73 -5.61
N GLU A 19 8.67 8.41 -5.80
CA GLU A 19 8.69 7.82 -7.13
C GLU A 19 7.52 8.34 -7.97
N ASP A 20 6.31 8.21 -7.43
CA ASP A 20 5.11 8.68 -8.13
C ASP A 20 5.21 10.16 -8.46
N LYS A 21 5.92 10.91 -7.62
CA LYS A 21 6.09 12.34 -7.83
C LYS A 21 7.23 12.62 -8.80
N ALA A 22 8.18 11.69 -8.89
CA ALA A 22 9.32 11.84 -9.78
C ALA A 22 9.09 11.11 -11.10
N LYS A 23 7.83 11.00 -11.50
CA LYS A 23 7.48 10.33 -12.75
C LYS A 23 7.96 8.89 -12.75
N ASN A 24 7.90 8.24 -11.59
CA ASN A 24 8.33 6.85 -11.47
C ASN A 24 7.17 5.96 -11.04
N TYR A 25 6.31 5.62 -11.99
CA TYR A 25 5.16 4.77 -11.70
C TYR A 25 5.60 3.35 -11.40
N GLU A 26 6.56 2.85 -12.16
CA GLU A 26 7.07 1.50 -11.96
C GLU A 26 7.67 1.34 -10.57
N GLU A 27 8.68 2.14 -10.28
CA GLU A 27 9.34 2.09 -8.97
C GLU A 27 8.36 2.41 -7.85
N ALA A 28 7.38 3.27 -8.16
CA ALA A 28 6.37 3.66 -7.17
C ALA A 28 5.43 2.50 -6.86
N LEU A 29 5.21 1.64 -7.86
CA LEU A 29 4.33 0.49 -7.68
C LEU A 29 4.96 -0.55 -6.76
N ARG A 30 6.22 -0.87 -7.04
CA ARG A 30 6.94 -1.86 -6.23
C ARG A 30 7.00 -1.44 -4.77
N LEU A 31 7.13 -0.13 -4.55
CA LEU A 31 7.20 0.39 -3.18
C LEU A 31 5.82 0.39 -2.53
N TYR A 32 4.81 0.85 -3.26
CA TYR A 32 3.45 0.89 -2.74
C TYR A 32 2.96 -0.51 -2.40
N GLN A 33 3.32 -1.48 -3.23
CA GLN A 33 2.91 -2.87 -3.00
C GLN A 33 3.45 -3.39 -1.67
N HIS A 34 4.77 -3.31 -1.50
CA HIS A 34 5.41 -3.77 -0.27
C HIS A 34 4.90 -2.98 0.93
N ALA A 35 4.56 -1.72 0.70
CA ALA A 35 4.06 -0.85 1.77
C ALA A 35 2.77 -1.41 2.36
N VAL A 36 1.73 -1.50 1.52
CA VAL A 36 0.45 -2.01 1.96
C VAL A 36 0.56 -3.43 2.50
N GLU A 37 1.47 -4.20 1.90
CA GLU A 37 1.69 -5.59 2.31
C GLU A 37 2.11 -5.65 3.78
N TYR A 38 2.96 -4.72 4.19
CA TYR A 38 3.44 -4.68 5.56
C TYR A 38 2.33 -4.22 6.52
N PHE A 39 1.48 -3.33 6.04
CA PHE A 39 0.39 -2.81 6.85
C PHE A 39 -0.62 -3.91 7.17
N LEU A 40 -1.02 -4.65 6.15
CA LEU A 40 -1.98 -5.74 6.32
C LEU A 40 -1.44 -6.78 7.30
N HIS A 41 -0.14 -7.05 7.21
CA HIS A 41 0.48 -8.03 8.09
C HIS A 41 0.43 -7.58 9.54
N ALA A 42 0.46 -6.27 9.75
CA ALA A 42 0.41 -5.70 11.09
C ALA A 42 -0.96 -5.88 11.71
N ILE A 43 -2.00 -5.82 10.88
CA ILE A 43 -3.36 -5.97 11.35
C ILE A 43 -3.65 -7.42 11.74
N LYS A 44 -3.37 -8.34 10.83
CA LYS A 44 -3.59 -9.76 11.07
C LYS A 44 -2.78 -10.24 12.28
N TYR A 45 -1.62 -9.63 12.49
CA TYR A 45 -0.77 -10.00 13.60
C TYR A 45 -1.21 -9.29 14.88
N GLU A 46 -0.94 -7.99 14.95
CA GLU A 46 -1.31 -7.20 16.13
C GLU A 46 -1.79 -5.82 15.71
N ALA A 47 -3.07 -5.54 15.97
CA ALA A 47 -3.66 -4.25 15.63
C ALA A 47 -3.69 -3.32 16.84
N HIS A 48 -3.93 -2.04 16.59
CA HIS A 48 -3.98 -1.05 17.65
C HIS A 48 -5.37 -1.01 18.29
N SER A 49 -6.39 -0.73 17.46
CA SER A 49 -7.76 -0.66 17.95
C SER A 49 -8.73 -0.52 16.79
N ASP A 50 -10.02 -0.47 17.11
CA ASP A 50 -11.06 -0.34 16.10
C ASP A 50 -10.88 0.96 15.30
N LYS A 51 -10.68 2.06 16.01
CA LYS A 51 -10.50 3.36 15.38
C LYS A 51 -9.26 3.35 14.48
N ALA A 52 -8.16 2.82 14.99
CA ALA A 52 -6.92 2.76 14.24
C ALA A 52 -7.03 1.78 13.08
N LYS A 53 -7.62 0.61 13.35
CA LYS A 53 -7.79 -0.42 12.33
C LYS A 53 -8.63 0.10 11.17
N GLU A 54 -9.57 1.00 11.48
CA GLU A 54 -10.44 1.57 10.46
C GLU A 54 -9.69 2.59 9.61
N SER A 55 -8.73 3.28 10.23
CA SER A 55 -7.94 4.29 9.53
C SER A 55 -7.02 3.63 8.50
N ILE A 56 -6.55 2.44 8.82
CA ILE A 56 -5.66 1.70 7.93
C ILE A 56 -6.42 1.10 6.76
N ARG A 57 -7.66 0.68 7.01
CA ARG A 57 -8.50 0.09 5.97
C ARG A 57 -8.73 1.09 4.84
N ALA A 58 -9.28 2.24 5.16
CA ALA A 58 -9.55 3.28 4.17
C ALA A 58 -8.27 3.69 3.45
N LYS A 59 -7.19 3.81 4.22
CA LYS A 59 -5.91 4.21 3.65
C LYS A 59 -5.36 3.12 2.75
N CYS A 60 -5.69 1.87 3.05
CA CYS A 60 -5.25 0.74 2.25
C CYS A 60 -5.99 0.67 0.92
N VAL A 61 -7.29 0.93 0.97
CA VAL A 61 -8.12 0.90 -0.23
C VAL A 61 -7.63 1.91 -1.26
N GLN A 62 -7.21 3.07 -0.79
CA GLN A 62 -6.71 4.12 -1.68
C GLN A 62 -5.30 3.80 -2.16
N TYR A 63 -4.53 3.10 -1.32
CA TYR A 63 -3.16 2.73 -1.66
C TYR A 63 -3.15 1.70 -2.78
N LEU A 64 -3.89 0.61 -2.58
CA LEU A 64 -3.94 -0.46 -3.57
C LEU A 64 -4.50 0.06 -4.90
N ASP A 65 -5.46 0.98 -4.81
CA ASP A 65 -6.07 1.56 -6.00
C ASP A 65 -5.02 2.27 -6.86
N ARG A 66 -4.13 3.00 -6.20
CA ARG A 66 -3.07 3.73 -6.90
C ARG A 66 -2.04 2.77 -7.49
N ALA A 67 -1.85 1.64 -6.81
CA ALA A 67 -0.88 0.64 -7.27
C ALA A 67 -1.31 0.05 -8.61
N GLU A 68 -2.50 -0.53 -8.66
CA GLU A 68 -3.01 -1.13 -9.89
C GLU A 68 -3.08 -0.09 -11.01
N LYS A 69 -3.31 1.17 -10.64
CA LYS A 69 -3.39 2.25 -11.61
C LYS A 69 -2.04 2.53 -12.23
N LEU A 70 -0.98 2.32 -11.45
CA LEU A 70 0.38 2.55 -11.92
C LEU A 70 0.85 1.42 -12.82
N LYS A 71 0.63 0.18 -12.37
CA LYS A 71 1.03 -0.99 -13.13
C LYS A 71 0.33 -1.02 -14.50
N ASP A 72 -0.88 -0.47 -14.55
CA ASP A 72 -1.64 -0.43 -15.78
C ASP A 72 -1.16 0.71 -16.68
N TYR A 73 -0.70 1.79 -16.06
CA TYR A 73 -0.21 2.94 -16.81
C TYR A 73 0.96 2.56 -17.70
N LEU A 74 1.88 1.77 -17.16
CA LEU A 74 3.05 1.32 -17.91
C LEU A 74 2.69 0.19 -18.87
N ARG A 75 1.72 -0.63 -18.47
CA ARG A 75 1.29 -1.75 -19.28
C ARG A 75 0.46 -1.27 -20.47
N GLU B 5 -12.04 -6.03 5.50
CA GLU B 5 -10.62 -6.13 5.18
C GLU B 5 -10.36 -7.18 4.11
N ASP B 6 -11.19 -8.22 4.10
CA ASP B 6 -11.05 -9.29 3.12
C ASP B 6 -11.32 -8.77 1.71
N GLN B 7 -12.18 -7.77 1.59
CA GLN B 7 -12.51 -7.18 0.30
C GLN B 7 -11.27 -6.64 -0.39
N LEU B 8 -10.63 -5.67 0.26
CA LEU B 8 -9.42 -5.07 -0.29
C LEU B 8 -8.23 -6.02 -0.20
N SER B 9 -8.23 -6.85 0.84
CA SER B 9 -7.15 -7.81 1.04
C SER B 9 -7.05 -8.77 -0.13
N ARG B 10 -8.20 -9.25 -0.60
CA ARG B 10 -8.24 -10.17 -1.73
C ARG B 10 -7.80 -9.49 -3.02
N ARG B 11 -8.34 -8.29 -3.26
CA ARG B 11 -8.01 -7.53 -4.46
C ARG B 11 -6.51 -7.23 -4.50
N LEU B 12 -5.94 -6.90 -3.35
CA LEU B 12 -4.52 -6.58 -3.27
C LEU B 12 -3.67 -7.77 -3.67
N ALA B 13 -4.11 -8.96 -3.29
CA ALA B 13 -3.39 -10.19 -3.61
C ALA B 13 -3.25 -10.37 -5.12
N ALA B 14 -4.37 -10.20 -5.83
CA ALA B 14 -4.37 -10.34 -7.28
C ALA B 14 -3.44 -9.32 -7.94
N LEU B 15 -3.30 -8.16 -7.30
CA LEU B 15 -2.44 -7.10 -7.82
C LEU B 15 -1.00 -7.59 -7.93
N ARG B 16 -0.43 -8.03 -6.81
CA ARG B 16 0.95 -8.52 -6.78
C ARG B 16 1.04 -9.90 -7.43
N ASN B 17 1.83 -10.00 -8.49
CA ASN B 17 2.01 -11.26 -9.20
C ASN B 17 3.01 -12.15 -8.47
N THR A 5 7.06 -3.89 11.60
CA THR A 5 6.18 -3.78 10.44
C THR A 5 5.71 -2.35 10.24
N LEU A 6 5.40 -1.67 11.35
CA LEU A 6 4.94 -0.29 11.29
C LEU A 6 6.05 0.63 10.81
N GLN A 7 7.25 0.44 11.34
CA GLN A 7 8.39 1.26 10.95
C GLN A 7 8.69 1.13 9.47
N LYS A 8 8.39 -0.05 8.91
CA LYS A 8 8.63 -0.31 7.50
C LYS A 8 7.46 0.20 6.65
N ALA A 9 6.26 0.14 7.22
CA ALA A 9 5.07 0.60 6.53
C ALA A 9 5.14 2.09 6.22
N ILE A 10 5.70 2.86 7.17
CA ILE A 10 5.82 4.30 7.00
C ILE A 10 7.00 4.65 6.10
N ASP A 11 8.15 4.05 6.38
CA ASP A 11 9.36 4.28 5.60
C ASP A 11 9.13 3.93 4.14
N LEU A 12 8.28 2.95 3.90
CA LEU A 12 7.98 2.50 2.54
C LEU A 12 7.13 3.53 1.81
N VAL A 13 6.02 3.92 2.42
CA VAL A 13 5.12 4.90 1.82
C VAL A 13 5.81 6.25 1.68
N THR A 14 6.68 6.58 2.62
CA THR A 14 7.41 7.84 2.60
C THR A 14 8.22 7.98 1.31
N LYS A 15 9.04 6.98 1.03
CA LYS A 15 9.88 6.99 -0.17
C LYS A 15 9.01 7.05 -1.42
N ALA A 16 7.83 6.46 -1.36
CA ALA A 16 6.91 6.45 -2.48
C ALA A 16 6.41 7.85 -2.79
N THR A 17 6.10 8.61 -1.74
CA THR A 17 5.61 9.97 -1.89
C THR A 17 6.63 10.84 -2.62
N GLU A 18 7.89 10.68 -2.25
CA GLU A 18 8.97 11.45 -2.88
C GLU A 18 9.10 11.10 -4.35
N GLU A 19 8.89 9.82 -4.67
CA GLU A 19 8.98 9.36 -6.05
C GLU A 19 7.81 9.87 -6.88
N ASP A 20 6.60 9.75 -6.33
CA ASP A 20 5.40 10.20 -7.01
C ASP A 20 5.43 11.71 -7.26
N LYS A 21 6.07 12.43 -6.35
CA LYS A 21 6.18 13.88 -6.47
C LYS A 21 7.41 14.28 -7.29
N ALA A 22 8.41 13.41 -7.29
CA ALA A 22 9.65 13.67 -8.03
C ALA A 22 9.62 12.99 -9.39
N LYS A 23 8.43 12.82 -9.95
CA LYS A 23 8.28 12.18 -11.26
C LYS A 23 8.89 10.78 -11.26
N ASN A 24 8.25 9.86 -10.55
CA ASN A 24 8.73 8.48 -10.47
C ASN A 24 7.59 7.53 -10.13
N TYR A 25 6.76 7.22 -11.12
CA TYR A 25 5.64 6.32 -10.93
C TYR A 25 6.09 4.87 -10.88
N GLU A 26 7.15 4.56 -11.63
CA GLU A 26 7.70 3.22 -11.67
C GLU A 26 8.27 2.81 -10.31
N GLU A 27 9.07 3.69 -9.73
CA GLU A 27 9.69 3.43 -8.43
C GLU A 27 8.67 3.61 -7.31
N ALA A 28 7.78 4.58 -7.47
CA ALA A 28 6.75 4.85 -6.47
C ALA A 28 5.87 3.63 -6.24
N LEU A 29 5.51 2.96 -7.33
CA LEU A 29 4.66 1.76 -7.25
C LEU A 29 5.34 0.68 -6.42
N ARG A 30 6.66 0.59 -6.55
CA ARG A 30 7.43 -0.41 -5.81
C ARG A 30 7.27 -0.21 -4.31
N LEU A 31 7.41 1.04 -3.86
CA LEU A 31 7.28 1.36 -2.44
C LEU A 31 5.85 1.16 -1.97
N TYR A 32 4.90 1.55 -2.80
CA TYR A 32 3.48 1.41 -2.47
C TYR A 32 3.12 -0.05 -2.22
N GLN A 33 3.70 -0.94 -3.03
CA GLN A 33 3.44 -2.37 -2.90
C GLN A 33 3.88 -2.89 -1.53
N HIS A 34 5.16 -2.71 -1.22
CA HIS A 34 5.71 -3.16 0.06
C HIS A 34 5.05 -2.42 1.22
N ALA A 35 4.78 -1.13 1.01
CA ALA A 35 4.15 -0.30 2.04
C ALA A 35 2.79 -0.86 2.43
N VAL A 36 1.92 -1.03 1.44
CA VAL A 36 0.58 -1.56 1.68
C VAL A 36 0.64 -2.98 2.24
N GLU A 37 1.54 -3.79 1.68
CA GLU A 37 1.69 -5.17 2.11
C GLU A 37 2.07 -5.24 3.59
N TYR A 38 3.02 -4.39 3.99
CA TYR A 38 3.47 -4.34 5.38
C TYR A 38 2.35 -3.88 6.31
N PHE A 39 1.48 -3.02 5.78
CA PHE A 39 0.37 -2.49 6.57
C PHE A 39 -0.63 -3.60 6.90
N LEU A 40 -1.06 -4.32 5.88
CA LEU A 40 -2.02 -5.40 6.06
C LEU A 40 -1.46 -6.47 6.99
N HIS A 41 -0.17 -6.76 6.86
CA HIS A 41 0.47 -7.76 7.69
C HIS A 41 0.46 -7.34 9.16
N ALA A 42 0.49 -6.04 9.40
CA ALA A 42 0.48 -5.51 10.76
C ALA A 42 -0.91 -5.66 11.39
N ILE A 43 -1.94 -5.60 10.56
CA ILE A 43 -3.31 -5.72 11.03
C ILE A 43 -3.65 -7.18 11.36
N LYS A 44 -3.38 -8.06 10.40
CA LYS A 44 -3.66 -9.48 10.59
C LYS A 44 -2.87 -10.04 11.77
N TYR A 45 -1.68 -9.48 12.00
CA TYR A 45 -0.83 -9.92 13.10
C TYR A 45 -1.29 -9.33 14.42
N GLU A 46 -1.67 -8.05 14.39
CA GLU A 46 -2.14 -7.37 15.59
C GLU A 46 -3.02 -6.18 15.23
N ALA A 47 -3.75 -5.66 16.21
CA ALA A 47 -4.63 -4.53 16.00
C ALA A 47 -5.07 -3.92 17.32
N HIS A 48 -4.95 -2.60 17.44
CA HIS A 48 -5.34 -1.89 18.65
C HIS A 48 -6.84 -2.05 18.91
N SER A 49 -7.64 -1.60 17.95
CA SER A 49 -9.10 -1.69 18.08
C SER A 49 -9.76 -1.68 16.69
N ASP A 50 -11.09 -1.71 16.68
CA ASP A 50 -11.84 -1.71 15.44
C ASP A 50 -11.72 -0.37 14.74
N LYS A 51 -11.66 0.70 15.52
CA LYS A 51 -11.54 2.05 14.97
C LYS A 51 -10.23 2.21 14.19
N ALA A 52 -9.14 1.75 14.79
CA ALA A 52 -7.84 1.83 14.15
C ALA A 52 -7.77 0.97 12.89
N LYS A 53 -8.34 -0.22 12.98
CA LYS A 53 -8.35 -1.15 11.84
C LYS A 53 -9.10 -0.55 10.66
N GLU A 54 -10.12 0.25 10.95
CA GLU A 54 -10.91 0.90 9.91
C GLU A 54 -10.13 2.03 9.26
N SER A 55 -9.47 2.84 10.09
CA SER A 55 -8.69 3.96 9.60
C SER A 55 -7.57 3.49 8.67
N ILE A 56 -6.83 2.48 9.11
CA ILE A 56 -5.73 1.94 8.32
C ILE A 56 -6.24 1.33 7.02
N ARG A 57 -7.42 0.71 7.09
CA ARG A 57 -8.01 0.08 5.92
C ARG A 57 -8.26 1.12 4.82
N ALA A 58 -8.96 2.20 5.18
CA ALA A 58 -9.27 3.26 4.24
C ALA A 58 -8.00 3.82 3.61
N LYS A 59 -6.92 3.81 4.38
CA LYS A 59 -5.64 4.31 3.91
C LYS A 59 -4.97 3.31 2.97
N CYS A 60 -5.23 2.03 3.22
CA CYS A 60 -4.64 0.97 2.39
C CYS A 60 -5.41 0.84 1.08
N VAL A 61 -6.70 1.07 1.13
CA VAL A 61 -7.55 0.97 -0.06
C VAL A 61 -7.22 2.09 -1.06
N GLN A 62 -6.99 3.28 -0.53
CA GLN A 62 -6.65 4.43 -1.36
C GLN A 62 -5.25 4.31 -1.92
N TYR A 63 -4.36 3.69 -1.16
CA TYR A 63 -2.98 3.50 -1.59
C TYR A 63 -2.88 2.48 -2.72
N LEU A 64 -3.75 1.48 -2.68
CA LEU A 64 -3.77 0.44 -3.71
C LEU A 64 -4.27 1.00 -5.03
N ASP A 65 -5.27 1.87 -4.96
CA ASP A 65 -5.84 2.48 -6.16
C ASP A 65 -4.79 3.27 -6.92
N ARG A 66 -4.06 4.12 -6.21
CA ARG A 66 -3.02 4.94 -6.82
C ARG A 66 -1.92 4.06 -7.41
N ALA A 67 -1.68 2.91 -6.78
CA ALA A 67 -0.66 1.99 -7.25
C ALA A 67 -0.95 1.53 -8.68
N GLU A 68 -2.13 0.98 -8.90
CA GLU A 68 -2.52 0.51 -10.22
C GLU A 68 -2.47 1.64 -11.25
N LYS A 69 -2.73 2.86 -10.78
CA LYS A 69 -2.71 4.02 -11.66
C LYS A 69 -1.29 4.33 -12.12
N LEU A 70 -0.31 4.02 -11.27
CA LEU A 70 1.09 4.26 -11.60
C LEU A 70 1.64 3.16 -12.50
N LYS A 71 1.43 1.92 -12.10
CA LYS A 71 1.90 0.77 -12.87
C LYS A 71 1.24 0.74 -14.25
N ASP A 72 0.01 1.23 -14.34
CA ASP A 72 -0.72 1.26 -15.59
C ASP A 72 -0.27 2.44 -16.46
N TYR A 73 0.13 3.51 -15.80
CA TYR A 73 0.58 4.71 -16.51
C TYR A 73 1.79 4.39 -17.39
N LEU A 74 2.75 3.66 -16.83
CA LEU A 74 3.95 3.29 -17.56
C LEU A 74 3.71 2.05 -18.41
N ARG A 75 3.01 1.08 -17.85
CA ARG A 75 2.70 -0.16 -18.56
C ARG A 75 1.87 0.12 -19.80
N GLU B 5 -12.07 -5.68 3.72
CA GLU B 5 -10.67 -6.08 3.72
C GLU B 5 -10.34 -6.91 2.49
N ASP B 6 -11.32 -7.67 2.01
CA ASP B 6 -11.14 -8.51 0.84
C ASP B 6 -11.08 -7.68 -0.44
N GLN B 7 -11.77 -6.54 -0.43
CA GLN B 7 -11.80 -5.65 -1.58
C GLN B 7 -10.40 -5.19 -1.95
N LEU B 8 -9.74 -4.51 -1.01
CA LEU B 8 -8.39 -4.01 -1.24
C LEU B 8 -7.39 -5.15 -1.27
N SER B 9 -7.69 -6.22 -0.55
CA SER B 9 -6.80 -7.39 -0.50
C SER B 9 -6.73 -8.07 -1.86
N ARG B 10 -7.86 -8.16 -2.54
CA ARG B 10 -7.93 -8.78 -3.85
C ARG B 10 -7.15 -7.96 -4.88
N ARG B 11 -7.37 -6.65 -4.88
CA ARG B 11 -6.69 -5.77 -5.81
C ARG B 11 -5.18 -5.83 -5.63
N LEU B 12 -4.75 -6.07 -4.39
CA LEU B 12 -3.33 -6.16 -4.09
C LEU B 12 -2.68 -7.34 -4.80
N ALA B 13 -3.29 -8.52 -4.66
CA ALA B 13 -2.77 -9.72 -5.30
C ALA B 13 -2.75 -9.57 -6.81
N ALA B 14 -3.83 -9.03 -7.37
CA ALA B 14 -3.92 -8.83 -8.81
C ALA B 14 -2.85 -7.86 -9.30
N LEU B 15 -2.48 -6.91 -8.45
CA LEU B 15 -1.46 -5.92 -8.80
C LEU B 15 -0.13 -6.60 -9.09
N ARG B 16 0.34 -7.39 -8.14
CA ARG B 16 1.61 -8.10 -8.29
C ARG B 16 1.57 -9.06 -9.48
N ASN B 17 2.37 -8.78 -10.50
CA ASN B 17 2.41 -9.62 -11.69
C ASN B 17 3.81 -9.62 -12.30
N THR A 5 6.83 -4.18 11.13
CA THR A 5 6.01 -4.21 9.93
C THR A 5 5.42 -2.84 9.63
N LEU A 6 4.78 -2.25 10.63
CA LEU A 6 4.17 -0.93 10.48
C LEU A 6 5.22 0.12 10.10
N GLN A 7 6.33 0.12 10.84
CA GLN A 7 7.41 1.08 10.59
C GLN A 7 7.93 0.92 9.16
N LYS A 8 7.99 -0.31 8.68
CA LYS A 8 8.46 -0.59 7.33
C LYS A 8 7.41 -0.22 6.29
N ALA A 9 6.15 -0.34 6.69
CA ALA A 9 5.05 -0.02 5.79
C ALA A 9 5.04 1.45 5.42
N ILE A 10 5.06 2.32 6.44
CA ILE A 10 5.07 3.76 6.21
C ILE A 10 6.33 4.20 5.50
N ASP A 11 7.44 3.52 5.79
CA ASP A 11 8.73 3.84 5.17
C ASP A 11 8.64 3.72 3.66
N LEU A 12 7.97 2.68 3.18
CA LEU A 12 7.81 2.45 1.76
C LEU A 12 6.94 3.53 1.12
N VAL A 13 5.89 3.93 1.82
CA VAL A 13 4.98 4.96 1.33
C VAL A 13 5.70 6.30 1.21
N THR A 14 6.58 6.58 2.17
CA THR A 14 7.32 7.83 2.17
C THR A 14 8.14 7.99 0.89
N LYS A 15 9.01 7.02 0.63
CA LYS A 15 9.85 7.05 -0.56
C LYS A 15 9.00 7.09 -1.82
N ALA A 16 7.77 6.58 -1.74
CA ALA A 16 6.86 6.56 -2.88
C ALA A 16 6.25 7.95 -3.11
N THR A 17 5.94 8.65 -2.02
CA THR A 17 5.36 9.97 -2.10
C THR A 17 6.29 10.94 -2.82
N GLU A 18 7.59 10.77 -2.58
CA GLU A 18 8.59 11.63 -3.21
C GLU A 18 8.77 11.26 -4.69
N GLU A 19 8.70 9.96 -4.97
CA GLU A 19 8.85 9.47 -6.34
C GLU A 19 7.64 9.86 -7.19
N ASP A 20 6.44 9.58 -6.68
CA ASP A 20 5.21 9.89 -7.39
C ASP A 20 5.12 11.39 -7.67
N LYS A 21 5.65 12.20 -6.77
CA LYS A 21 5.62 13.65 -6.93
C LYS A 21 6.84 14.14 -7.72
N ALA A 22 7.92 13.37 -7.66
CA ALA A 22 9.14 13.73 -8.37
C ALA A 22 9.24 13.00 -9.71
N LYS A 23 8.09 12.69 -10.30
CA LYS A 23 8.04 12.00 -11.58
C LYS A 23 8.78 10.66 -11.50
N ASN A 24 8.18 9.71 -10.77
CA ASN A 24 8.77 8.38 -10.62
C ASN A 24 7.69 7.35 -10.32
N TYR A 25 6.76 7.17 -11.25
CA TYR A 25 5.68 6.21 -11.08
C TYR A 25 6.23 4.78 -11.01
N GLU A 26 7.32 4.54 -11.71
CA GLU A 26 7.94 3.22 -11.72
C GLU A 26 8.52 2.88 -10.35
N GLU A 27 9.13 3.88 -9.71
CA GLU A 27 9.73 3.69 -8.40
C GLU A 27 8.68 3.81 -7.30
N ALA A 28 7.67 4.64 -7.53
CA ALA A 28 6.60 4.84 -6.57
C ALA A 28 5.71 3.61 -6.47
N LEU A 29 5.36 3.05 -7.63
CA LEU A 29 4.51 1.87 -7.68
C LEU A 29 5.15 0.70 -6.93
N ARG A 30 6.42 0.45 -7.23
CA ARG A 30 7.15 -0.64 -6.59
C ARG A 30 7.20 -0.45 -5.08
N LEU A 31 7.44 0.77 -4.64
CA LEU A 31 7.51 1.09 -3.22
C LEU A 31 6.11 1.06 -2.59
N TYR A 32 5.14 1.61 -3.30
CA TYR A 32 3.76 1.64 -2.81
C TYR A 32 3.21 0.24 -2.66
N GLN A 33 3.55 -0.64 -3.61
CA GLN A 33 3.08 -2.02 -3.57
C GLN A 33 3.54 -2.72 -2.29
N HIS A 34 4.85 -2.75 -2.08
CA HIS A 34 5.41 -3.39 -0.89
C HIS A 34 4.89 -2.73 0.39
N ALA A 35 4.62 -1.43 0.31
CA ALA A 35 4.12 -0.68 1.45
C ALA A 35 2.79 -1.25 1.94
N VAL A 36 1.85 -1.41 1.02
CA VAL A 36 0.54 -1.95 1.36
C VAL A 36 0.65 -3.35 1.96
N GLU A 37 1.55 -4.16 1.40
CA GLU A 37 1.76 -5.52 1.88
C GLU A 37 2.20 -5.52 3.33
N TYR A 38 2.94 -4.48 3.72
CA TYR A 38 3.43 -4.37 5.09
C TYR A 38 2.31 -3.90 6.03
N PHE A 39 1.41 -3.09 5.50
CA PHE A 39 0.30 -2.57 6.29
C PHE A 39 -0.67 -3.70 6.67
N LEU A 40 -1.13 -4.43 5.66
CA LEU A 40 -2.06 -5.53 5.90
C LEU A 40 -1.45 -6.58 6.82
N HIS A 41 -0.17 -6.89 6.61
CA HIS A 41 0.53 -7.86 7.43
C HIS A 41 0.57 -7.43 8.89
N ALA A 42 0.61 -6.11 9.11
CA ALA A 42 0.65 -5.56 10.45
C ALA A 42 -0.69 -5.73 11.16
N ILE A 43 -1.77 -5.70 10.38
CA ILE A 43 -3.11 -5.84 10.93
C ILE A 43 -3.39 -7.28 11.34
N LYS A 44 -3.09 -8.22 10.43
CA LYS A 44 -3.30 -9.64 10.70
C LYS A 44 -2.41 -10.11 11.85
N TYR A 45 -1.19 -9.58 11.90
CA TYR A 45 -0.24 -9.95 12.94
C TYR A 45 -0.68 -9.40 14.30
N GLU A 46 -0.54 -8.08 14.47
CA GLU A 46 -0.92 -7.44 15.71
C GLU A 46 -1.79 -6.22 15.45
N ALA A 47 -3.08 -6.33 15.78
CA ALA A 47 -4.00 -5.22 15.57
C ALA A 47 -4.39 -4.57 16.91
N HIS A 48 -5.01 -3.40 16.83
CA HIS A 48 -5.43 -2.68 18.02
C HIS A 48 -6.92 -2.84 18.25
N SER A 49 -7.73 -2.35 17.32
CA SER A 49 -9.18 -2.44 17.42
C SER A 49 -9.83 -2.31 16.05
N ASP A 50 -11.16 -2.42 16.03
CA ASP A 50 -11.90 -2.32 14.77
C ASP A 50 -11.68 -0.96 14.12
N LYS A 51 -11.60 0.08 14.95
CA LYS A 51 -11.40 1.44 14.45
C LYS A 51 -10.06 1.55 13.72
N ALA A 52 -8.99 1.18 14.41
CA ALA A 52 -7.65 1.24 13.83
C ALA A 52 -7.55 0.36 12.58
N LYS A 53 -8.12 -0.83 12.66
CA LYS A 53 -8.09 -1.77 11.54
C LYS A 53 -8.78 -1.17 10.33
N GLU A 54 -9.78 -0.33 10.56
CA GLU A 54 -10.52 0.31 9.49
C GLU A 54 -9.72 1.45 8.88
N SER A 55 -9.14 2.28 9.74
CA SER A 55 -8.35 3.42 9.29
C SER A 55 -7.16 2.95 8.45
N ILE A 56 -6.50 1.90 8.90
CA ILE A 56 -5.35 1.36 8.20
C ILE A 56 -5.76 0.74 6.87
N ARG A 57 -6.87 0.02 6.88
CA ARG A 57 -7.39 -0.63 5.68
C ARG A 57 -7.83 0.41 4.66
N ALA A 58 -8.56 1.42 5.13
CA ALA A 58 -9.06 2.48 4.25
C ALA A 58 -7.91 3.14 3.50
N LYS A 59 -6.77 3.27 4.17
CA LYS A 59 -5.60 3.89 3.57
C LYS A 59 -4.97 2.96 2.53
N CYS A 60 -5.11 1.65 2.75
CA CYS A 60 -4.57 0.66 1.82
C CYS A 60 -5.40 0.58 0.55
N VAL A 61 -6.71 0.74 0.70
CA VAL A 61 -7.62 0.69 -0.43
C VAL A 61 -7.34 1.82 -1.41
N GLN A 62 -7.24 3.04 -0.89
CA GLN A 62 -6.98 4.21 -1.72
C GLN A 62 -5.61 4.09 -2.39
N TYR A 63 -4.66 3.48 -1.68
CA TYR A 63 -3.31 3.31 -2.21
C TYR A 63 -3.30 2.32 -3.37
N LEU A 64 -4.16 1.31 -3.29
CA LEU A 64 -4.25 0.30 -4.32
C LEU A 64 -4.70 0.91 -5.64
N ASP A 65 -5.70 1.79 -5.57
CA ASP A 65 -6.22 2.44 -6.77
C ASP A 65 -5.13 3.24 -7.46
N ARG A 66 -4.41 4.06 -6.69
CA ARG A 66 -3.34 4.89 -7.24
C ARG A 66 -2.27 4.02 -7.89
N ALA A 67 -1.89 2.94 -7.22
CA ALA A 67 -0.88 2.02 -7.74
C ALA A 67 -1.28 1.48 -9.11
N GLU A 68 -2.54 1.06 -9.23
CA GLU A 68 -3.04 0.52 -10.48
C GLU A 68 -2.88 1.53 -11.62
N LYS A 69 -3.03 2.81 -11.28
CA LYS A 69 -2.90 3.88 -12.26
C LYS A 69 -1.43 4.20 -12.53
N LEU A 70 -0.59 3.99 -11.53
CA LEU A 70 0.84 4.25 -11.68
C LEU A 70 1.47 3.31 -12.71
N LYS A 71 1.25 2.02 -12.53
CA LYS A 71 1.79 1.02 -13.45
C LYS A 71 1.15 1.14 -14.82
N ASP A 72 -0.15 1.45 -14.85
CA ASP A 72 -0.87 1.59 -16.09
C ASP A 72 -0.37 2.79 -16.88
N TYR A 73 0.09 3.81 -16.16
CA TYR A 73 0.60 5.02 -16.80
C TYR A 73 1.87 4.73 -17.58
N LEU A 74 2.84 4.10 -16.92
CA LEU A 74 4.11 3.76 -17.54
C LEU A 74 3.92 2.68 -18.61
N ARG A 75 3.14 1.66 -18.27
CA ARG A 75 2.88 0.56 -19.20
C ARG A 75 2.15 1.06 -20.43
N GLU B 5 -11.92 -5.96 3.34
CA GLU B 5 -10.50 -6.31 3.29
C GLU B 5 -10.20 -7.16 2.05
N ASP B 6 -11.18 -7.94 1.63
CA ASP B 6 -11.02 -8.80 0.46
C ASP B 6 -10.95 -7.98 -0.82
N GLN B 7 -11.62 -6.82 -0.82
CA GLN B 7 -11.63 -5.94 -1.97
C GLN B 7 -10.22 -5.50 -2.35
N LEU B 8 -9.55 -4.83 -1.41
CA LEU B 8 -8.19 -4.36 -1.65
C LEU B 8 -7.21 -5.52 -1.64
N SER B 9 -7.53 -6.57 -0.89
CA SER B 9 -6.66 -7.74 -0.81
C SER B 9 -6.49 -8.39 -2.17
N ARG B 10 -7.61 -8.63 -2.85
CA ARG B 10 -7.59 -9.26 -4.17
C ARG B 10 -6.88 -8.35 -5.18
N ARG B 11 -7.16 -7.06 -5.10
CA ARG B 11 -6.56 -6.09 -6.01
C ARG B 11 -5.03 -6.09 -5.87
N LEU B 12 -4.56 -6.20 -4.64
CA LEU B 12 -3.11 -6.22 -4.38
C LEU B 12 -2.46 -7.43 -5.04
N ALA B 13 -3.17 -8.55 -5.03
CA ALA B 13 -2.66 -9.78 -5.63
C ALA B 13 -2.37 -9.59 -7.11
N ALA B 14 -3.31 -8.98 -7.82
CA ALA B 14 -3.17 -8.74 -9.25
C ALA B 14 -2.22 -7.57 -9.51
N LEU B 15 -2.20 -6.62 -8.59
CA LEU B 15 -1.33 -5.44 -8.72
C LEU B 15 0.13 -5.86 -8.78
N ARG B 16 0.49 -6.87 -8.00
CA ARG B 16 1.86 -7.36 -7.96
C ARG B 16 2.10 -8.40 -9.05
N ASN B 17 3.36 -8.56 -9.45
CA ASN B 17 3.72 -9.53 -10.48
C ASN B 17 5.02 -10.23 -10.14
N THR A 5 6.95 -3.55 11.84
CA THR A 5 6.01 -3.53 10.72
C THR A 5 5.50 -2.13 10.47
N LEU A 6 4.91 -1.52 11.49
CA LEU A 6 4.38 -0.17 11.38
C LEU A 6 5.47 0.82 11.00
N GLN A 7 6.63 0.70 11.65
CA GLN A 7 7.76 1.58 11.38
C GLN A 7 8.19 1.48 9.92
N LYS A 8 8.15 0.26 9.39
CA LYS A 8 8.55 0.03 8.00
C LYS A 8 7.44 0.46 7.05
N ALA A 9 6.20 0.24 7.46
CA ALA A 9 5.05 0.60 6.63
C ALA A 9 5.02 2.10 6.35
N ILE A 10 5.21 2.89 7.40
CA ILE A 10 5.20 4.35 7.26
C ILE A 10 6.36 4.82 6.38
N ASP A 11 7.57 4.40 6.73
CA ASP A 11 8.77 4.77 5.98
C ASP A 11 8.66 4.32 4.54
N LEU A 12 7.96 3.22 4.31
CA LEU A 12 7.78 2.67 2.97
C LEU A 12 6.82 3.54 2.16
N VAL A 13 5.66 3.82 2.74
CA VAL A 13 4.65 4.65 2.07
C VAL A 13 5.14 6.08 1.91
N THR A 14 5.90 6.57 2.89
CA THR A 14 6.43 7.92 2.85
C THR A 14 7.28 8.14 1.61
N LYS A 15 8.29 7.29 1.44
CA LYS A 15 9.18 7.39 0.29
C LYS A 15 8.39 7.25 -1.02
N ALA A 16 7.33 6.48 -0.99
CA ALA A 16 6.48 6.26 -2.17
C ALA A 16 5.76 7.55 -2.56
N THR A 17 5.39 8.34 -1.56
CA THR A 17 4.69 9.60 -1.80
C THR A 17 5.62 10.61 -2.47
N GLU A 18 6.89 10.60 -2.07
CA GLU A 18 7.86 11.52 -2.64
C GLU A 18 8.15 11.19 -4.09
N GLU A 19 8.32 9.90 -4.38
CA GLU A 19 8.59 9.44 -5.74
C GLU A 19 7.47 9.85 -6.69
N ASP A 20 6.24 9.53 -6.31
CA ASP A 20 5.08 9.87 -7.13
C ASP A 20 4.99 11.37 -7.37
N LYS A 21 5.48 12.14 -6.40
CA LYS A 21 5.46 13.60 -6.51
C LYS A 21 6.65 14.10 -7.30
N ALA A 22 7.74 13.35 -7.28
CA ALA A 22 8.95 13.72 -8.01
C ALA A 22 9.03 13.01 -9.35
N LYS A 23 7.87 12.70 -9.92
CA LYS A 23 7.81 12.01 -11.21
C LYS A 23 8.54 10.68 -11.16
N ASN A 24 7.97 9.72 -10.44
CA ASN A 24 8.56 8.40 -10.31
C ASN A 24 7.49 7.34 -10.05
N TYR A 25 6.74 7.01 -11.09
CA TYR A 25 5.68 6.01 -10.99
C TYR A 25 6.26 4.62 -10.78
N GLU A 26 7.45 4.38 -11.33
CA GLU A 26 8.11 3.09 -11.20
C GLU A 26 8.65 2.90 -9.78
N GLU A 27 9.16 3.98 -9.20
CA GLU A 27 9.71 3.94 -7.85
C GLU A 27 8.60 4.07 -6.81
N ALA A 28 7.55 4.79 -7.16
CA ALA A 28 6.42 4.99 -6.26
C ALA A 28 5.60 3.72 -6.11
N LEU A 29 5.34 3.05 -7.24
CA LEU A 29 4.56 1.82 -7.23
C LEU A 29 5.23 0.75 -6.37
N ARG A 30 6.50 0.48 -6.66
CA ARG A 30 7.25 -0.52 -5.90
C ARG A 30 7.29 -0.18 -4.42
N LEU A 31 7.38 1.12 -4.12
CA LEU A 31 7.43 1.58 -2.74
C LEU A 31 6.04 1.54 -2.10
N TYR A 32 5.01 1.75 -2.92
CA TYR A 32 3.64 1.73 -2.44
C TYR A 32 3.22 0.32 -2.06
N GLN A 33 3.48 -0.63 -2.94
CA GLN A 33 3.11 -2.03 -2.70
C GLN A 33 3.80 -2.55 -1.44
N HIS A 34 5.09 -2.27 -1.31
CA HIS A 34 5.87 -2.70 -0.15
C HIS A 34 5.29 -2.12 1.14
N ALA A 35 4.83 -0.88 1.07
CA ALA A 35 4.26 -0.21 2.24
C ALA A 35 2.95 -0.88 2.66
N VAL A 36 2.00 -0.95 1.74
CA VAL A 36 0.71 -1.56 2.02
C VAL A 36 0.86 -3.02 2.42
N GLU A 37 1.87 -3.67 1.86
CA GLU A 37 2.13 -5.08 2.16
C GLU A 37 2.42 -5.26 3.65
N TYR A 38 3.26 -4.40 4.20
CA TYR A 38 3.61 -4.47 5.61
C TYR A 38 2.43 -4.11 6.50
N PHE A 39 1.57 -3.23 6.00
CA PHE A 39 0.39 -2.80 6.73
C PHE A 39 -0.61 -3.94 6.88
N LEU A 40 -0.80 -4.69 5.80
CA LEU A 40 -1.72 -5.82 5.80
C LEU A 40 -1.32 -6.86 6.83
N HIS A 41 -0.04 -7.22 6.84
CA HIS A 41 0.47 -8.20 7.78
C HIS A 41 0.35 -7.70 9.21
N ALA A 42 0.44 -6.39 9.39
CA ALA A 42 0.33 -5.79 10.72
C ALA A 42 -1.08 -5.92 11.26
N ILE A 43 -2.07 -5.86 10.37
CA ILE A 43 -3.47 -5.98 10.77
C ILE A 43 -3.80 -7.41 11.18
N LYS A 44 -3.50 -8.36 10.31
CA LYS A 44 -3.76 -9.77 10.58
C LYS A 44 -3.02 -10.24 11.82
N TYR A 45 -1.86 -9.65 12.07
CA TYR A 45 -1.04 -10.00 13.24
C TYR A 45 -1.58 -9.33 14.49
N GLU A 46 -1.80 -8.02 14.43
CA GLU A 46 -2.31 -7.26 15.55
C GLU A 46 -3.29 -6.19 15.09
N ALA A 47 -4.15 -5.74 16.01
CA ALA A 47 -5.13 -4.72 15.70
C ALA A 47 -5.90 -4.29 16.94
N HIS A 48 -5.99 -3.00 17.17
CA HIS A 48 -6.70 -2.46 18.32
C HIS A 48 -8.17 -2.88 18.30
N SER A 49 -8.93 -2.24 17.42
CA SER A 49 -10.35 -2.53 17.30
C SER A 49 -10.82 -2.38 15.85
N ASP A 50 -12.13 -2.46 15.65
CA ASP A 50 -12.70 -2.32 14.31
C ASP A 50 -12.47 -0.92 13.76
N LYS A 51 -12.58 0.08 14.62
CA LYS A 51 -12.38 1.46 14.22
C LYS A 51 -10.96 1.67 13.68
N ALA A 52 -9.98 1.26 14.47
CA ALA A 52 -8.58 1.40 14.07
C ALA A 52 -8.28 0.60 12.81
N LYS A 53 -8.80 -0.62 12.75
CA LYS A 53 -8.59 -1.48 11.59
C LYS A 53 -9.15 -0.84 10.32
N GLU A 54 -10.21 -0.05 10.47
CA GLU A 54 -10.84 0.62 9.35
C GLU A 54 -9.96 1.76 8.84
N SER A 55 -9.40 2.53 9.77
CA SER A 55 -8.54 3.65 9.42
C SER A 55 -7.32 3.18 8.63
N ILE A 56 -6.68 2.13 9.11
CA ILE A 56 -5.50 1.58 8.47
C ILE A 56 -5.87 0.90 7.15
N ARG A 57 -7.02 0.24 7.13
CA ARG A 57 -7.50 -0.44 5.93
C ARG A 57 -7.89 0.56 4.85
N ALA A 58 -8.66 1.57 5.25
CA ALA A 58 -9.11 2.59 4.31
C ALA A 58 -7.93 3.25 3.62
N LYS A 59 -6.83 3.42 4.35
CA LYS A 59 -5.63 4.03 3.81
C LYS A 59 -4.93 3.09 2.84
N CYS A 60 -5.07 1.79 3.09
CA CYS A 60 -4.45 0.78 2.24
C CYS A 60 -5.21 0.63 0.93
N VAL A 61 -6.53 0.74 1.00
CA VAL A 61 -7.38 0.62 -0.18
C VAL A 61 -7.07 1.73 -1.18
N GLN A 62 -6.95 2.95 -0.68
CA GLN A 62 -6.65 4.10 -1.53
C GLN A 62 -5.22 4.03 -2.05
N TYR A 63 -4.32 3.54 -1.22
CA TYR A 63 -2.91 3.42 -1.60
C TYR A 63 -2.73 2.40 -2.70
N LEU A 64 -3.54 1.35 -2.67
CA LEU A 64 -3.47 0.29 -3.67
C LEU A 64 -4.04 0.77 -5.00
N ASP A 65 -5.02 1.67 -4.95
CA ASP A 65 -5.65 2.20 -6.14
C ASP A 65 -4.64 2.98 -6.99
N ARG A 66 -3.91 3.89 -6.34
CA ARG A 66 -2.91 4.70 -7.04
C ARG A 66 -1.78 3.82 -7.55
N ALA A 67 -1.45 2.78 -6.80
CA ALA A 67 -0.38 1.87 -7.18
C ALA A 67 -0.68 1.21 -8.53
N GLU A 68 -1.85 0.61 -8.64
CA GLU A 68 -2.25 -0.05 -9.88
C GLU A 68 -2.28 0.94 -11.05
N LYS A 69 -2.58 2.20 -10.74
CA LYS A 69 -2.64 3.23 -11.77
C LYS A 69 -1.25 3.54 -12.31
N LEU A 70 -0.27 3.60 -11.41
CA LEU A 70 1.10 3.88 -11.79
C LEU A 70 1.66 2.78 -12.69
N LYS A 71 1.18 1.56 -12.48
CA LYS A 71 1.63 0.42 -13.27
C LYS A 71 1.12 0.51 -14.70
N ASP A 72 -0.12 0.95 -14.85
CA ASP A 72 -0.74 1.09 -16.17
C ASP A 72 -0.04 2.17 -16.98
N TYR A 73 0.47 3.18 -16.29
CA TYR A 73 1.16 4.29 -16.95
C TYR A 73 2.44 3.80 -17.61
N LEU A 74 3.32 3.18 -16.83
CA LEU A 74 4.58 2.67 -17.33
C LEU A 74 4.35 1.54 -18.33
N ARG A 75 3.28 0.79 -18.12
CA ARG A 75 2.94 -0.33 -19.01
C ARG A 75 2.30 0.17 -20.30
N GLU B 5 -11.61 -5.99 3.35
CA GLU B 5 -10.18 -6.20 3.45
C GLU B 5 -9.70 -7.17 2.37
N ASP B 6 -10.57 -8.12 2.00
CA ASP B 6 -10.24 -9.10 0.98
C ASP B 6 -10.21 -8.48 -0.40
N GLN B 7 -11.01 -7.43 -0.59
CA GLN B 7 -11.08 -6.74 -1.87
C GLN B 7 -9.72 -6.20 -2.28
N LEU B 8 -9.16 -5.33 -1.45
CA LEU B 8 -7.85 -4.74 -1.73
C LEU B 8 -6.75 -5.80 -1.62
N SER B 9 -6.97 -6.79 -0.77
CA SER B 9 -5.99 -7.85 -0.56
C SER B 9 -5.78 -8.64 -1.85
N ARG B 10 -6.87 -8.91 -2.56
CA ARG B 10 -6.81 -9.66 -3.81
C ARG B 10 -6.12 -8.84 -4.90
N ARG B 11 -6.47 -7.57 -4.98
CA ARG B 11 -5.89 -6.67 -5.97
C ARG B 11 -4.38 -6.58 -5.80
N LEU B 12 -3.92 -6.68 -4.56
CA LEU B 12 -2.50 -6.60 -4.26
C LEU B 12 -1.77 -7.83 -4.78
N ALA B 13 -2.36 -8.99 -4.59
CA ALA B 13 -1.76 -10.25 -5.05
C ALA B 13 -1.56 -10.24 -6.56
N ALA B 14 -2.60 -9.84 -7.29
CA ALA B 14 -2.53 -9.79 -8.74
C ALA B 14 -1.55 -8.72 -9.21
N LEU B 15 -1.50 -7.61 -8.47
CA LEU B 15 -0.60 -6.50 -8.81
C LEU B 15 0.85 -6.96 -8.80
N ARG B 16 1.17 -7.88 -7.89
CA ARG B 16 2.52 -8.40 -7.77
C ARG B 16 2.90 -9.22 -9.00
N ASN B 17 2.10 -10.23 -9.30
CA ASN B 17 2.34 -11.10 -10.45
C ASN B 17 1.06 -11.34 -11.24
N THR A 5 7.50 -4.20 11.09
CA THR A 5 6.51 -4.17 10.02
C THR A 5 6.07 -2.74 9.72
N LEU A 6 5.62 -2.03 10.76
CA LEU A 6 5.18 -0.65 10.61
C LEU A 6 6.31 0.23 10.09
N GLN A 7 7.50 0.04 10.64
CA GLN A 7 8.66 0.83 10.23
C GLN A 7 8.96 0.61 8.75
N LYS A 8 8.78 -0.62 8.28
CA LYS A 8 9.02 -0.94 6.88
C LYS A 8 7.90 -0.45 5.99
N ALA A 9 6.68 -0.45 6.54
CA ALA A 9 5.51 0.00 5.80
C ALA A 9 5.63 1.48 5.42
N ILE A 10 5.89 2.32 6.42
CA ILE A 10 6.04 3.75 6.19
C ILE A 10 7.23 4.05 5.28
N ASP A 11 8.31 3.33 5.47
CA ASP A 11 9.51 3.51 4.68
C ASP A 11 9.23 3.25 3.20
N LEU A 12 8.39 2.26 2.92
CA LEU A 12 8.03 1.91 1.56
C LEU A 12 7.12 2.97 0.95
N VAL A 13 6.22 3.49 1.77
CA VAL A 13 5.27 4.51 1.31
C VAL A 13 6.01 5.82 0.97
N THR A 14 6.97 6.19 1.82
CA THR A 14 7.74 7.41 1.60
C THR A 14 8.44 7.38 0.25
N LYS A 15 9.15 6.28 -0.02
CA LYS A 15 9.88 6.12 -1.28
C LYS A 15 8.92 6.19 -2.46
N ALA A 16 7.69 5.73 -2.25
CA ALA A 16 6.68 5.73 -3.30
C ALA A 16 6.12 7.13 -3.52
N THR A 17 6.01 7.90 -2.43
CA THR A 17 5.49 9.26 -2.51
C THR A 17 6.36 10.12 -3.42
N GLU A 18 7.67 9.94 -3.32
CA GLU A 18 8.61 10.71 -4.14
C GLU A 18 8.54 10.26 -5.60
N GLU A 19 8.51 8.95 -5.81
CA GLU A 19 8.44 8.40 -7.16
C GLU A 19 7.20 8.90 -7.89
N ASP A 20 6.03 8.66 -7.29
CA ASP A 20 4.77 9.08 -7.88
C ASP A 20 4.77 10.58 -8.15
N LYS A 21 5.50 11.33 -7.32
CA LYS A 21 5.57 12.78 -7.46
C LYS A 21 6.66 13.17 -8.46
N ALA A 22 7.64 12.29 -8.63
CA ALA A 22 8.74 12.56 -9.56
C ALA A 22 8.49 11.89 -10.91
N LYS A 23 7.23 11.73 -11.27
CA LYS A 23 6.85 11.10 -12.53
C LYS A 23 7.41 9.68 -12.61
N ASN A 24 7.32 8.95 -11.51
CA ASN A 24 7.81 7.57 -11.46
C ASN A 24 6.72 6.63 -10.94
N TYR A 25 5.78 6.29 -11.83
CA TYR A 25 4.70 5.39 -11.47
C TYR A 25 5.19 3.95 -11.35
N GLU A 26 6.18 3.61 -12.16
CA GLU A 26 6.74 2.25 -12.14
C GLU A 26 7.31 1.92 -10.78
N GLU A 27 8.29 2.71 -10.34
CA GLU A 27 8.92 2.49 -9.04
C GLU A 27 7.93 2.71 -7.91
N ALA A 28 7.03 3.67 -8.09
CA ALA A 28 6.02 3.97 -7.08
C ALA A 28 5.14 2.76 -6.79
N LEU A 29 4.69 2.10 -7.85
CA LEU A 29 3.84 0.92 -7.71
C LEU A 29 4.58 -0.19 -6.97
N ARG A 30 5.86 -0.34 -7.26
CA ARG A 30 6.67 -1.38 -6.63
C ARG A 30 6.72 -1.17 -5.12
N LEU A 31 7.06 0.05 -4.70
CA LEU A 31 7.14 0.38 -3.29
C LEU A 31 5.75 0.51 -2.67
N TYR A 32 4.79 0.94 -3.47
CA TYR A 32 3.41 1.10 -3.02
C TYR A 32 2.83 -0.23 -2.59
N GLN A 33 2.95 -1.23 -3.45
CA GLN A 33 2.42 -2.57 -3.16
C GLN A 33 3.08 -3.15 -1.91
N HIS A 34 4.40 -3.11 -1.88
CA HIS A 34 5.16 -3.63 -0.74
C HIS A 34 4.78 -2.90 0.54
N ALA A 35 4.46 -1.61 0.41
CA ALA A 35 4.09 -0.80 1.56
C ALA A 35 2.78 -1.28 2.17
N VAL A 36 1.73 -1.29 1.36
CA VAL A 36 0.41 -1.72 1.82
C VAL A 36 0.45 -3.17 2.31
N GLU A 37 1.29 -3.98 1.68
CA GLU A 37 1.42 -5.38 2.05
C GLU A 37 1.89 -5.52 3.50
N TYR A 38 2.96 -4.79 3.84
CA TYR A 38 3.51 -4.82 5.19
C TYR A 38 2.48 -4.33 6.21
N PHE A 39 1.67 -3.36 5.80
CA PHE A 39 0.65 -2.80 6.68
C PHE A 39 -0.37 -3.87 7.08
N LEU A 40 -0.91 -4.57 6.08
CA LEU A 40 -1.89 -5.61 6.33
C LEU A 40 -1.31 -6.71 7.21
N HIS A 41 -0.05 -7.06 6.96
CA HIS A 41 0.63 -8.10 7.73
C HIS A 41 0.69 -7.71 9.20
N ALA A 42 0.79 -6.42 9.48
CA ALA A 42 0.87 -5.91 10.84
C ALA A 42 -0.48 -6.01 11.54
N ILE A 43 -1.56 -5.87 10.76
CA ILE A 43 -2.92 -5.95 11.30
C ILE A 43 -3.29 -7.38 11.64
N LYS A 44 -3.10 -8.29 10.68
CA LYS A 44 -3.43 -9.69 10.87
C LYS A 44 -2.63 -10.28 12.03
N TYR A 45 -1.42 -9.76 12.23
CA TYR A 45 -0.55 -10.24 13.30
C TYR A 45 -0.92 -9.60 14.63
N GLU A 46 -0.74 -8.29 14.73
CA GLU A 46 -1.07 -7.57 15.95
C GLU A 46 -1.71 -6.23 15.63
N ALA A 47 -2.97 -6.06 16.03
CA ALA A 47 -3.69 -4.82 15.79
C ALA A 47 -3.81 -3.99 17.06
N HIS A 48 -4.40 -2.81 16.94
CA HIS A 48 -4.57 -1.93 18.08
C HIS A 48 -6.02 -1.93 18.56
N SER A 49 -6.95 -1.67 17.65
CA SER A 49 -8.36 -1.63 17.97
C SER A 49 -9.21 -1.42 16.72
N ASP A 50 -10.52 -1.31 16.91
CA ASP A 50 -11.43 -1.09 15.79
C ASP A 50 -11.14 0.22 15.09
N LYS A 51 -10.95 1.28 15.87
CA LYS A 51 -10.67 2.59 15.32
C LYS A 51 -9.36 2.58 14.52
N ALA A 52 -8.37 1.86 15.03
CA ALA A 52 -7.08 1.75 14.36
C ALA A 52 -7.18 0.92 13.08
N LYS A 53 -7.90 -0.19 13.17
CA LYS A 53 -8.09 -1.07 12.02
C LYS A 53 -8.77 -0.34 10.87
N GLU A 54 -9.62 0.62 11.21
CA GLU A 54 -10.34 1.40 10.20
C GLU A 54 -9.40 2.40 9.53
N SER A 55 -8.58 3.06 10.32
CA SER A 55 -7.63 4.05 9.80
C SER A 55 -6.57 3.38 8.95
N ILE A 56 -6.05 2.25 9.43
CA ILE A 56 -5.02 1.52 8.71
C ILE A 56 -5.59 0.88 7.45
N ARG A 57 -6.76 0.26 7.58
CA ARG A 57 -7.41 -0.40 6.45
C ARG A 57 -7.85 0.63 5.42
N ALA A 58 -8.47 1.71 5.88
CA ALA A 58 -8.94 2.77 5.00
C ALA A 58 -7.80 3.32 4.16
N LYS A 59 -6.60 3.35 4.73
CA LYS A 59 -5.43 3.86 4.02
C LYS A 59 -4.94 2.85 2.99
N CYS A 60 -5.17 1.57 3.25
CA CYS A 60 -4.76 0.52 2.34
C CYS A 60 -5.70 0.45 1.14
N VAL A 61 -6.97 0.74 1.37
CA VAL A 61 -7.97 0.72 0.30
C VAL A 61 -7.69 1.81 -0.73
N GLN A 62 -7.49 3.03 -0.26
CA GLN A 62 -7.20 4.15 -1.14
C GLN A 62 -5.87 3.96 -1.87
N TYR A 63 -4.94 3.28 -1.21
CA TYR A 63 -3.63 3.03 -1.80
C TYR A 63 -3.72 2.00 -2.93
N LEU A 64 -4.59 1.01 -2.75
CA LEU A 64 -4.78 -0.03 -3.74
C LEU A 64 -5.26 0.56 -5.06
N ASP A 65 -6.25 1.44 -4.98
CA ASP A 65 -6.81 2.08 -6.17
C ASP A 65 -5.74 2.89 -6.90
N ARG A 66 -4.92 3.61 -6.14
CA ARG A 66 -3.86 4.42 -6.71
C ARG A 66 -2.79 3.55 -7.34
N ALA A 67 -2.41 2.48 -6.64
CA ALA A 67 -1.39 1.56 -7.12
C ALA A 67 -1.79 0.96 -8.46
N GLU A 68 -3.01 0.43 -8.53
CA GLU A 68 -3.52 -0.17 -9.75
C GLU A 68 -3.53 0.83 -10.90
N LYS A 69 -3.72 2.10 -10.56
CA LYS A 69 -3.75 3.16 -11.57
C LYS A 69 -2.37 3.38 -12.17
N LEU A 70 -1.34 3.20 -11.35
CA LEU A 70 0.04 3.38 -11.80
C LEU A 70 0.42 2.30 -12.80
N LYS A 71 0.24 1.04 -12.41
CA LYS A 71 0.57 -0.09 -13.28
C LYS A 71 -0.24 -0.04 -14.57
N ASP A 72 -1.48 0.42 -14.46
CA ASP A 72 -2.36 0.52 -15.62
C ASP A 72 -1.85 1.57 -16.61
N TYR A 73 -1.21 2.61 -16.07
CA TYR A 73 -0.67 3.68 -16.90
C TYR A 73 0.54 3.19 -17.69
N LEU A 74 1.35 2.36 -17.05
CA LEU A 74 2.56 1.84 -17.69
C LEU A 74 2.24 0.61 -18.53
N ARG A 75 1.24 -0.16 -18.08
CA ARG A 75 0.83 -1.36 -18.79
C ARG A 75 0.32 -1.03 -20.19
N GLU B 5 -12.54 -5.05 4.33
CA GLU B 5 -11.16 -5.51 4.34
C GLU B 5 -10.93 -6.59 3.27
N ASP B 6 -11.98 -7.36 3.00
CA ASP B 6 -11.90 -8.42 2.00
C ASP B 6 -11.75 -7.84 0.60
N GLN B 7 -12.32 -6.66 0.38
CA GLN B 7 -12.25 -6.00 -0.91
C GLN B 7 -10.81 -5.75 -1.32
N LEU B 8 -10.08 -4.99 -0.51
CA LEU B 8 -8.68 -4.68 -0.80
C LEU B 8 -7.80 -5.91 -0.57
N SER B 9 -8.20 -6.77 0.36
CA SER B 9 -7.45 -7.97 0.67
C SER B 9 -7.34 -8.87 -0.56
N ARG B 10 -8.47 -9.13 -1.20
CA ARG B 10 -8.50 -9.97 -2.39
C ARG B 10 -7.68 -9.35 -3.52
N ARG B 11 -7.89 -8.06 -3.75
CA ARG B 11 -7.17 -7.34 -4.81
C ARG B 11 -5.67 -7.33 -4.52
N LEU B 12 -5.31 -7.32 -3.24
CA LEU B 12 -3.90 -7.31 -2.84
C LEU B 12 -3.18 -8.53 -3.37
N ALA B 13 -3.71 -9.71 -3.07
CA ALA B 13 -3.11 -10.96 -3.51
C ALA B 13 -3.05 -11.03 -5.03
N ALA B 14 -4.01 -10.40 -5.69
CA ALA B 14 -4.07 -10.39 -7.14
C ALA B 14 -3.10 -9.35 -7.72
N LEU B 15 -3.03 -8.20 -7.07
CA LEU B 15 -2.14 -7.12 -7.52
C LEU B 15 -0.69 -7.57 -7.48
N ARG B 16 -0.35 -8.41 -6.51
CA ARG B 16 1.01 -8.91 -6.36
C ARG B 16 1.44 -9.68 -7.60
N ASN B 17 2.71 -10.07 -7.64
CA ASN B 17 3.25 -10.82 -8.76
C ASN B 17 4.61 -11.41 -8.44
N THR A 5 7.48 -3.47 11.41
CA THR A 5 6.65 -3.38 10.22
C THR A 5 5.95 -2.02 10.14
N LEU A 6 5.59 -1.48 11.30
CA LEU A 6 4.92 -0.20 11.36
C LEU A 6 5.79 0.91 10.77
N GLN A 7 6.99 1.06 11.31
CA GLN A 7 7.91 2.08 10.83
C GLN A 7 8.28 1.83 9.37
N LYS A 8 8.60 0.59 9.05
CA LYS A 8 8.98 0.21 7.69
C LYS A 8 7.80 0.39 6.74
N ALA A 9 6.60 0.19 7.25
CA ALA A 9 5.39 0.32 6.44
C ALA A 9 5.20 1.76 5.99
N ILE A 10 5.14 2.68 6.95
CA ILE A 10 4.95 4.10 6.64
C ILE A 10 6.11 4.63 5.81
N ASP A 11 7.30 4.10 6.06
CA ASP A 11 8.49 4.52 5.34
C ASP A 11 8.34 4.27 3.83
N LEU A 12 7.73 3.14 3.49
CA LEU A 12 7.52 2.78 2.09
C LEU A 12 6.49 3.71 1.44
N VAL A 13 5.47 4.08 2.21
CA VAL A 13 4.42 4.96 1.71
C VAL A 13 4.98 6.34 1.36
N THR A 14 5.72 6.92 2.30
CA THR A 14 6.32 8.24 2.09
C THR A 14 7.22 8.24 0.86
N LYS A 15 7.89 7.12 0.61
CA LYS A 15 8.78 7.00 -0.53
C LYS A 15 7.98 6.87 -1.83
N ALA A 16 6.77 6.33 -1.73
CA ALA A 16 5.92 6.14 -2.89
C ALA A 16 5.21 7.44 -3.26
N THR A 17 4.75 8.17 -2.25
CA THR A 17 4.06 9.43 -2.47
C THR A 17 4.95 10.42 -3.20
N GLU A 18 6.21 10.52 -2.75
CA GLU A 18 7.17 11.43 -3.37
C GLU A 18 7.54 10.97 -4.77
N GLU A 19 7.70 9.65 -4.93
CA GLU A 19 8.05 9.09 -6.23
C GLU A 19 7.00 9.42 -7.28
N ASP A 20 5.75 9.05 -7.00
CA ASP A 20 4.65 9.31 -7.92
C ASP A 20 4.54 10.79 -8.23
N LYS A 21 4.91 11.62 -7.26
CA LYS A 21 4.85 13.07 -7.43
C LYS A 21 6.09 13.59 -8.15
N ALA A 22 7.20 12.87 -8.00
CA ALA A 22 8.46 13.26 -8.64
C ALA A 22 8.68 12.51 -9.95
N LYS A 23 7.58 12.21 -10.64
CA LYS A 23 7.65 11.49 -11.91
C LYS A 23 8.33 10.13 -11.72
N ASN A 24 7.63 9.21 -11.07
CA ASN A 24 8.15 7.87 -10.84
C ASN A 24 7.03 6.89 -10.51
N TYR A 25 6.33 6.45 -11.55
CA TYR A 25 5.23 5.51 -11.39
C TYR A 25 5.76 4.10 -11.10
N GLU A 26 6.92 3.79 -11.66
CA GLU A 26 7.53 2.49 -11.47
C GLU A 26 7.94 2.29 -10.02
N GLU A 27 8.63 3.27 -9.46
CA GLU A 27 9.08 3.20 -8.07
C GLU A 27 7.91 3.34 -7.11
N ALA A 28 7.01 4.28 -7.41
CA ALA A 28 5.84 4.51 -6.56
C ALA A 28 4.98 3.26 -6.47
N LEU A 29 4.76 2.61 -7.61
CA LEU A 29 3.95 1.40 -7.66
C LEU A 29 4.56 0.31 -6.78
N ARG A 30 5.85 0.07 -6.94
CA ARG A 30 6.55 -0.94 -6.17
C ARG A 30 6.50 -0.63 -4.68
N LEU A 31 6.87 0.60 -4.33
CA LEU A 31 6.87 1.04 -2.94
C LEU A 31 5.47 0.95 -2.34
N TYR A 32 4.46 1.15 -3.18
CA TYR A 32 3.08 1.09 -2.73
C TYR A 32 2.68 -0.34 -2.36
N GLN A 33 3.28 -1.31 -3.04
CA GLN A 33 3.00 -2.71 -2.78
C GLN A 33 3.64 -3.17 -1.48
N HIS A 34 4.93 -2.87 -1.32
CA HIS A 34 5.67 -3.24 -0.13
C HIS A 34 5.05 -2.61 1.11
N ALA A 35 4.67 -1.35 1.00
CA ALA A 35 4.07 -0.63 2.11
C ALA A 35 2.78 -1.31 2.57
N VAL A 36 1.88 -1.56 1.62
CA VAL A 36 0.61 -2.20 1.93
C VAL A 36 0.82 -3.62 2.47
N GLU A 37 1.80 -4.32 1.89
CA GLU A 37 2.11 -5.68 2.32
C GLU A 37 2.53 -5.71 3.79
N TYR A 38 3.27 -4.69 4.20
CA TYR A 38 3.73 -4.60 5.59
C TYR A 38 2.59 -4.24 6.53
N PHE A 39 1.64 -3.47 6.02
CA PHE A 39 0.49 -3.05 6.81
C PHE A 39 -0.45 -4.23 7.08
N LEU A 40 -0.75 -4.99 6.03
CA LEU A 40 -1.63 -6.14 6.15
C LEU A 40 -1.05 -7.16 7.14
N HIS A 41 0.27 -7.34 7.10
CA HIS A 41 0.93 -8.28 7.98
C HIS A 41 0.98 -7.75 9.42
N ALA A 42 1.03 -6.43 9.56
CA ALA A 42 1.08 -5.81 10.87
C ALA A 42 -0.28 -5.90 11.57
N ILE A 43 -1.34 -5.63 10.82
CA ILE A 43 -2.69 -5.69 11.36
C ILE A 43 -3.17 -7.12 11.49
N LYS A 44 -2.70 -7.99 10.60
CA LYS A 44 -3.08 -9.39 10.62
C LYS A 44 -2.53 -10.09 11.84
N TYR A 45 -1.28 -9.79 12.18
CA TYR A 45 -0.62 -10.39 13.33
C TYR A 45 -1.07 -9.71 14.62
N GLU A 46 -1.26 -8.39 14.56
CA GLU A 46 -1.69 -7.63 15.71
C GLU A 46 -2.51 -6.41 15.30
N ALA A 47 -3.68 -6.26 15.89
CA ALA A 47 -4.56 -5.13 15.58
C ALA A 47 -5.01 -4.43 16.84
N HIS A 48 -5.13 -3.10 16.77
CA HIS A 48 -5.54 -2.30 17.91
C HIS A 48 -7.01 -2.57 18.25
N SER A 49 -7.91 -2.16 17.35
CA SER A 49 -9.34 -2.35 17.56
C SER A 49 -10.10 -2.21 16.24
N ASP A 50 -11.42 -2.33 16.32
CA ASP A 50 -12.25 -2.21 15.12
C ASP A 50 -12.10 -0.85 14.48
N LYS A 51 -12.14 0.21 15.29
CA LYS A 51 -12.00 1.57 14.78
C LYS A 51 -10.64 1.76 14.11
N ALA A 52 -9.57 1.41 14.81
CA ALA A 52 -8.23 1.54 14.28
C ALA A 52 -8.05 0.70 13.02
N LYS A 53 -8.57 -0.52 13.04
CA LYS A 53 -8.47 -1.42 11.90
C LYS A 53 -9.15 -0.81 10.68
N GLU A 54 -10.38 -0.34 10.85
CA GLU A 54 -11.13 0.27 9.76
C GLU A 54 -10.40 1.47 9.19
N SER A 55 -9.61 2.14 10.03
CA SER A 55 -8.85 3.31 9.62
C SER A 55 -7.57 2.91 8.91
N ILE A 56 -6.82 1.99 9.53
CA ILE A 56 -5.57 1.51 8.96
C ILE A 56 -5.80 0.85 7.61
N ARG A 57 -6.91 0.12 7.49
CA ARG A 57 -7.25 -0.56 6.25
C ARG A 57 -7.68 0.44 5.18
N ALA A 58 -8.41 1.47 5.60
CA ALA A 58 -8.87 2.49 4.68
C ALA A 58 -7.70 3.13 3.93
N LYS A 59 -6.62 3.37 4.65
CA LYS A 59 -5.43 3.98 4.06
C LYS A 59 -4.74 2.98 3.14
N CYS A 60 -4.79 1.69 3.51
CA CYS A 60 -4.17 0.64 2.71
C CYS A 60 -4.93 0.44 1.41
N VAL A 61 -6.25 0.56 1.47
CA VAL A 61 -7.10 0.39 0.30
C VAL A 61 -6.76 1.43 -0.76
N GLN A 62 -6.64 2.68 -0.34
CA GLN A 62 -6.32 3.76 -1.25
C GLN A 62 -4.95 3.56 -1.90
N TYR A 63 -4.02 2.99 -1.14
CA TYR A 63 -2.68 2.73 -1.64
C TYR A 63 -2.69 1.64 -2.69
N LEU A 64 -3.61 0.69 -2.55
CA LEU A 64 -3.73 -0.41 -3.49
C LEU A 64 -4.22 0.09 -4.85
N ASP A 65 -5.09 1.10 -4.81
CA ASP A 65 -5.64 1.67 -6.04
C ASP A 65 -4.55 2.39 -6.84
N ARG A 66 -3.70 3.14 -6.13
CA ARG A 66 -2.62 3.88 -6.77
C ARG A 66 -1.69 2.93 -7.51
N ALA A 67 -1.35 1.81 -6.89
CA ALA A 67 -0.47 0.83 -7.50
C ALA A 67 -1.05 0.30 -8.81
N GLU A 68 -2.31 -0.12 -8.77
CA GLU A 68 -2.98 -0.64 -9.96
C GLU A 68 -3.00 0.40 -11.06
N LYS A 69 -3.47 1.60 -10.73
CA LYS A 69 -3.55 2.68 -11.69
C LYS A 69 -2.16 3.06 -12.21
N LEU A 70 -1.16 2.89 -11.36
CA LEU A 70 0.22 3.20 -11.73
C LEU A 70 0.75 2.19 -12.75
N LYS A 71 0.33 0.94 -12.60
CA LYS A 71 0.77 -0.12 -13.50
C LYS A 71 0.31 0.15 -14.93
N ASP A 72 -0.95 0.53 -15.07
CA ASP A 72 -1.51 0.82 -16.39
C ASP A 72 -0.86 2.07 -17.00
N TYR A 73 -0.45 2.99 -16.13
CA TYR A 73 0.18 4.22 -16.59
C TYR A 73 1.46 3.92 -17.36
N LEU A 74 2.27 3.02 -16.82
CA LEU A 74 3.53 2.64 -17.46
C LEU A 74 3.30 1.57 -18.52
N ARG A 75 2.31 0.72 -18.28
CA ARG A 75 1.99 -0.37 -19.21
C ARG A 75 1.29 0.18 -20.45
N GLU B 5 -11.82 -6.16 4.13
CA GLU B 5 -10.43 -6.55 4.32
C GLU B 5 -9.97 -7.54 3.26
N ASP B 6 -10.91 -8.35 2.78
CA ASP B 6 -10.61 -9.34 1.75
C ASP B 6 -10.56 -8.71 0.37
N GLN B 7 -11.28 -7.60 0.21
CA GLN B 7 -11.32 -6.90 -1.07
C GLN B 7 -9.92 -6.50 -1.53
N LEU B 8 -9.24 -5.70 -0.72
CA LEU B 8 -7.89 -5.25 -1.05
C LEU B 8 -6.90 -6.39 -0.89
N SER B 9 -7.18 -7.29 0.05
CA SER B 9 -6.28 -8.42 0.30
C SER B 9 -6.15 -9.29 -0.94
N ARG B 10 -7.29 -9.62 -1.55
CA ARG B 10 -7.29 -10.45 -2.76
C ARG B 10 -6.58 -9.74 -3.91
N ARG B 11 -6.89 -8.46 -4.10
CA ARG B 11 -6.28 -7.68 -5.16
C ARG B 11 -4.78 -7.54 -4.95
N LEU B 12 -4.37 -7.52 -3.68
CA LEU B 12 -2.96 -7.39 -3.33
C LEU B 12 -2.15 -8.55 -3.92
N ALA B 13 -2.57 -9.77 -3.62
CA ALA B 13 -1.89 -10.96 -4.11
C ALA B 13 -1.89 -11.00 -5.63
N ALA B 14 -2.98 -10.55 -6.23
CA ALA B 14 -3.11 -10.54 -7.69
C ALA B 14 -2.19 -9.49 -8.30
N LEU B 15 -2.01 -8.39 -7.60
CA LEU B 15 -1.15 -7.31 -8.08
C LEU B 15 0.28 -7.79 -8.27
N ARG B 16 0.77 -8.56 -7.31
CA ARG B 16 2.13 -9.10 -7.37
C ARG B 16 2.25 -10.17 -8.43
N ASN B 17 3.31 -10.11 -9.23
CA ASN B 17 3.53 -11.09 -10.29
C ASN B 17 4.62 -12.08 -9.89
N THR A 5 7.08 -4.10 11.59
CA THR A 5 6.11 -4.05 10.50
C THR A 5 5.58 -2.62 10.32
N LEU A 6 5.44 -1.90 11.43
CA LEU A 6 4.95 -0.54 11.40
C LEU A 6 6.00 0.41 10.84
N GLN A 7 7.21 0.31 11.36
CA GLN A 7 8.31 1.17 10.91
C GLN A 7 8.59 0.98 9.43
N LYS A 8 8.64 -0.29 9.00
CA LYS A 8 8.90 -0.61 7.60
C LYS A 8 7.78 -0.10 6.72
N ALA A 9 6.55 -0.08 7.26
CA ALA A 9 5.40 0.38 6.51
C ALA A 9 5.56 1.84 6.10
N ILE A 10 5.76 2.71 7.08
CA ILE A 10 5.94 4.13 6.81
C ILE A 10 7.17 4.39 5.95
N ASP A 11 8.24 3.63 6.23
CA ASP A 11 9.47 3.78 5.47
C ASP A 11 9.25 3.52 3.99
N LEU A 12 8.54 2.44 3.69
CA LEU A 12 8.24 2.08 2.30
C LEU A 12 7.43 3.17 1.61
N VAL A 13 6.47 3.73 2.34
CA VAL A 13 5.62 4.78 1.80
C VAL A 13 6.43 6.03 1.49
N THR A 14 7.31 6.40 2.42
CA THR A 14 8.14 7.58 2.24
C THR A 14 8.93 7.52 0.93
N LYS A 15 9.39 6.32 0.58
CA LYS A 15 10.14 6.12 -0.65
C LYS A 15 9.23 6.21 -1.87
N ALA A 16 7.97 5.85 -1.69
CA ALA A 16 7.00 5.90 -2.79
C ALA A 16 6.55 7.33 -3.05
N THR A 17 6.30 8.07 -1.98
CA THR A 17 5.86 9.46 -2.10
C THR A 17 6.91 10.29 -2.82
N GLU A 18 8.18 10.01 -2.54
CA GLU A 18 9.28 10.74 -3.16
C GLU A 18 9.44 10.33 -4.62
N GLU A 19 9.13 9.08 -4.92
CA GLU A 19 9.23 8.58 -6.29
C GLU A 19 8.06 9.05 -7.14
N ASP A 20 6.86 8.90 -6.62
CA ASP A 20 5.65 9.33 -7.32
C ASP A 20 5.70 10.82 -7.64
N LYS A 21 6.37 11.58 -6.78
CA LYS A 21 6.50 13.02 -6.97
C LYS A 21 7.70 13.36 -7.84
N ALA A 22 8.67 12.45 -7.89
CA ALA A 22 9.87 12.66 -8.68
C ALA A 22 9.77 11.99 -10.04
N LYS A 23 8.54 11.89 -10.55
CA LYS A 23 8.30 11.27 -11.85
C LYS A 23 8.79 9.81 -11.87
N ASN A 24 8.52 9.10 -10.79
CA ASN A 24 8.93 7.70 -10.67
C ASN A 24 7.75 6.82 -10.28
N TYR A 25 6.89 6.54 -11.24
CA TYR A 25 5.71 5.70 -11.01
C TYR A 25 6.12 4.24 -10.84
N GLU A 26 7.15 3.83 -11.57
CA GLU A 26 7.62 2.45 -11.51
C GLU A 26 8.25 2.15 -10.15
N GLU A 27 8.96 3.13 -9.60
CA GLU A 27 9.61 2.98 -8.31
C GLU A 27 8.64 3.26 -7.17
N ALA A 28 7.68 4.15 -7.42
CA ALA A 28 6.69 4.51 -6.41
C ALA A 28 5.65 3.40 -6.26
N LEU A 29 5.34 2.74 -7.36
CA LEU A 29 4.36 1.66 -7.35
C LEU A 29 4.86 0.48 -6.53
N ARG A 30 6.04 -0.03 -6.88
CA ARG A 30 6.63 -1.16 -6.17
C ARG A 30 6.84 -0.83 -4.70
N LEU A 31 7.14 0.43 -4.42
CA LEU A 31 7.36 0.87 -3.05
C LEU A 31 6.04 1.00 -2.29
N TYR A 32 4.98 1.35 -3.02
CA TYR A 32 3.66 1.51 -2.42
C TYR A 32 3.06 0.15 -2.07
N GLN A 33 3.09 -0.77 -3.03
CA GLN A 33 2.55 -2.12 -2.84
C GLN A 33 3.24 -2.82 -1.68
N HIS A 34 4.55 -2.60 -1.56
CA HIS A 34 5.34 -3.22 -0.50
C HIS A 34 4.89 -2.72 0.87
N ALA A 35 4.65 -1.41 0.98
CA ALA A 35 4.22 -0.81 2.23
C ALA A 35 2.77 -1.19 2.55
N VAL A 36 1.91 -1.11 1.54
CA VAL A 36 0.50 -1.45 1.71
C VAL A 36 0.33 -2.91 2.14
N GLU A 37 1.16 -3.78 1.58
CA GLU A 37 1.11 -5.20 1.90
C GLU A 37 1.47 -5.44 3.36
N TYR A 38 2.47 -4.71 3.85
CA TYR A 38 2.91 -4.85 5.23
C TYR A 38 1.88 -4.27 6.20
N PHE A 39 1.20 -3.22 5.76
CA PHE A 39 0.18 -2.57 6.58
C PHE A 39 -0.94 -3.55 6.93
N LEU A 40 -1.52 -4.17 5.91
CA LEU A 40 -2.60 -5.12 6.11
C LEU A 40 -2.14 -6.30 6.96
N HIS A 41 -0.88 -6.70 6.78
CA HIS A 41 -0.31 -7.80 7.53
C HIS A 41 -0.33 -7.51 9.02
N ALA A 42 -0.19 -6.23 9.38
CA ALA A 42 -0.18 -5.82 10.77
C ALA A 42 -1.59 -5.76 11.34
N ILE A 43 -2.56 -5.48 10.48
CA ILE A 43 -3.97 -5.40 10.89
C ILE A 43 -4.54 -6.78 11.15
N LYS A 44 -4.05 -7.77 10.40
CA LYS A 44 -4.52 -9.15 10.55
C LYS A 44 -3.86 -9.82 11.73
N TYR A 45 -2.62 -9.44 12.01
CA TYR A 45 -1.88 -10.02 13.13
C TYR A 45 -2.29 -9.36 14.45
N GLU A 46 -1.82 -8.13 14.66
CA GLU A 46 -2.13 -7.40 15.88
C GLU A 46 -2.62 -5.99 15.56
N ALA A 47 -3.82 -5.67 16.03
CA ALA A 47 -4.40 -4.35 15.80
C ALA A 47 -4.68 -3.63 17.11
N HIS A 48 -5.09 -2.37 17.01
CA HIS A 48 -5.39 -1.57 18.19
C HIS A 48 -6.86 -1.70 18.58
N SER A 49 -7.74 -1.54 17.61
CA SER A 49 -9.18 -1.64 17.84
C SER A 49 -9.96 -1.50 16.54
N ASP A 50 -11.29 -1.60 16.64
CA ASP A 50 -12.14 -1.49 15.46
C ASP A 50 -11.96 -0.14 14.78
N LYS A 51 -12.07 0.93 15.56
CA LYS A 51 -11.93 2.29 15.04
C LYS A 51 -10.54 2.48 14.42
N ALA A 52 -9.51 2.15 15.19
CA ALA A 52 -8.14 2.29 14.73
C ALA A 52 -7.89 1.45 13.47
N LYS A 53 -8.38 0.21 13.50
CA LYS A 53 -8.22 -0.69 12.37
C LYS A 53 -8.84 -0.11 11.11
N GLU A 54 -10.03 0.46 11.26
CA GLU A 54 -10.74 1.06 10.12
C GLU A 54 -9.92 2.18 9.50
N SER A 55 -9.14 2.87 10.33
CA SER A 55 -8.31 3.97 9.86
C SER A 55 -7.16 3.45 8.99
N ILE A 56 -6.63 2.28 9.35
CA ILE A 56 -5.54 1.68 8.61
C ILE A 56 -6.02 1.12 7.28
N ARG A 57 -7.27 0.68 7.24
CA ARG A 57 -7.85 0.13 6.02
C ARG A 57 -8.11 1.22 5.00
N ALA A 58 -8.78 2.29 5.43
CA ALA A 58 -9.10 3.41 4.55
C ALA A 58 -7.84 3.96 3.89
N LYS A 59 -6.80 4.15 4.68
CA LYS A 59 -5.53 4.67 4.18
C LYS A 59 -4.91 3.69 3.18
N CYS A 60 -5.13 2.40 3.41
CA CYS A 60 -4.59 1.37 2.53
C CYS A 60 -5.35 1.34 1.20
N VAL A 61 -6.67 1.43 1.28
CA VAL A 61 -7.50 1.40 0.09
C VAL A 61 -7.14 2.53 -0.87
N GLN A 62 -6.81 3.69 -0.30
CA GLN A 62 -6.45 4.86 -1.11
C GLN A 62 -5.08 4.65 -1.75
N TYR A 63 -4.17 4.00 -1.02
CA TYR A 63 -2.83 3.75 -1.51
C TYR A 63 -2.86 2.78 -2.70
N LEU A 64 -3.82 1.87 -2.67
CA LEU A 64 -3.96 0.87 -3.73
C LEU A 64 -4.50 1.52 -5.01
N ASP A 65 -5.40 2.49 -4.84
CA ASP A 65 -5.99 3.19 -5.97
C ASP A 65 -4.92 3.89 -6.80
N ARG A 66 -4.11 4.72 -6.15
CA ARG A 66 -3.05 5.45 -6.83
C ARG A 66 -2.06 4.49 -7.47
N ALA A 67 -1.69 3.43 -6.74
CA ALA A 67 -0.75 2.45 -7.24
C ALA A 67 -1.26 1.80 -8.52
N GLU A 68 -2.54 1.43 -8.53
CA GLU A 68 -3.15 0.80 -9.70
C GLU A 68 -3.01 1.71 -10.92
N LYS A 69 -3.09 3.02 -10.69
CA LYS A 69 -2.98 3.99 -11.78
C LYS A 69 -1.52 4.19 -12.18
N LEU A 70 -0.62 4.00 -11.23
CA LEU A 70 0.81 4.17 -11.48
C LEU A 70 1.31 3.11 -12.46
N LYS A 71 0.97 1.86 -12.19
CA LYS A 71 1.39 0.75 -13.04
C LYS A 71 0.74 0.85 -14.42
N ASP A 72 -0.54 1.18 -14.44
CA ASP A 72 -1.27 1.32 -15.69
C ASP A 72 -0.67 2.42 -16.56
N TYR A 73 -0.12 3.44 -15.91
CA TYR A 73 0.49 4.55 -16.62
C TYR A 73 1.71 4.10 -17.42
N LEU A 74 2.63 3.43 -16.74
CA LEU A 74 3.85 2.92 -17.38
C LEU A 74 3.51 1.82 -18.39
N ARG A 75 2.46 1.07 -18.10
CA ARG A 75 2.05 -0.01 -18.98
C ARG A 75 1.31 0.52 -20.20
N GLU B 5 -12.03 -5.48 3.00
CA GLU B 5 -10.62 -5.79 3.22
C GLU B 5 -10.15 -6.92 2.32
N ASP B 6 -11.06 -7.85 2.02
CA ASP B 6 -10.75 -8.99 1.17
C ASP B 6 -10.64 -8.56 -0.29
N GLN B 7 -11.56 -7.69 -0.72
CA GLN B 7 -11.56 -7.20 -2.10
C GLN B 7 -10.31 -6.39 -2.39
N LEU B 8 -10.08 -5.34 -1.60
CA LEU B 8 -8.92 -4.49 -1.78
C LEU B 8 -7.63 -5.29 -1.63
N SER B 9 -7.63 -6.24 -0.71
CA SER B 9 -6.46 -7.08 -0.46
C SER B 9 -6.12 -7.91 -1.69
N ARG B 10 -7.15 -8.42 -2.36
CA ARG B 10 -6.95 -9.23 -3.56
C ARG B 10 -6.24 -8.44 -4.64
N ARG B 11 -6.63 -7.18 -4.80
CA ARG B 11 -6.03 -6.31 -5.81
C ARG B 11 -4.53 -6.14 -5.56
N LEU B 12 -4.17 -6.00 -4.29
CA LEU B 12 -2.76 -5.84 -3.92
C LEU B 12 -1.93 -7.05 -4.36
N ALA B 13 -2.47 -8.25 -4.12
CA ALA B 13 -1.78 -9.47 -4.49
C ALA B 13 -1.53 -9.52 -6.00
N ALA B 14 -2.53 -9.11 -6.78
CA ALA B 14 -2.41 -9.12 -8.23
C ALA B 14 -1.40 -8.08 -8.70
N LEU B 15 -1.30 -6.99 -7.95
CA LEU B 15 -0.36 -5.91 -8.29
C LEU B 15 1.07 -6.42 -8.32
N ARG B 16 1.53 -6.98 -7.20
CA ARG B 16 2.88 -7.50 -7.10
C ARG B 16 3.06 -8.73 -7.99
N ASN B 17 1.97 -9.48 -8.16
CA ASN B 17 2.01 -10.68 -8.99
C ASN B 17 0.62 -11.30 -9.13
N THR A 5 7.29 -3.09 12.70
CA THR A 5 6.61 -3.23 11.42
C THR A 5 5.89 -1.94 11.05
N LEU A 6 5.32 -1.27 12.05
CA LEU A 6 4.60 -0.03 11.83
C LEU A 6 5.54 1.05 11.30
N GLN A 7 6.70 1.19 11.93
CA GLN A 7 7.68 2.18 11.54
C GLN A 7 8.13 1.96 10.10
N LYS A 8 8.49 0.71 9.79
CA LYS A 8 8.95 0.36 8.45
C LYS A 8 7.83 0.55 7.43
N ALA A 9 6.59 0.34 7.87
CA ALA A 9 5.44 0.48 7.00
C ALA A 9 5.26 1.93 6.55
N ILE A 10 5.17 2.83 7.51
CA ILE A 10 5.00 4.26 7.22
C ILE A 10 6.17 4.79 6.39
N ASP A 11 7.36 4.26 6.66
CA ASP A 11 8.57 4.68 5.94
C ASP A 11 8.42 4.42 4.44
N LEU A 12 7.87 3.26 4.11
CA LEU A 12 7.67 2.88 2.71
C LEU A 12 6.68 3.82 2.03
N VAL A 13 5.66 4.23 2.78
CA VAL A 13 4.64 5.14 2.26
C VAL A 13 5.24 6.51 1.93
N THR A 14 5.98 7.06 2.87
CA THR A 14 6.62 8.37 2.69
C THR A 14 7.57 8.36 1.50
N LYS A 15 8.10 7.17 1.19
CA LYS A 15 9.02 7.03 0.06
C LYS A 15 8.26 7.05 -1.26
N ALA A 16 7.04 6.53 -1.25
CA ALA A 16 6.22 6.48 -2.45
C ALA A 16 5.63 7.85 -2.76
N THR A 17 5.13 8.54 -1.74
CA THR A 17 4.54 9.85 -1.91
C THR A 17 5.56 10.84 -2.47
N GLU A 18 6.76 10.83 -1.88
CA GLU A 18 7.82 11.72 -2.34
C GLU A 18 8.16 11.47 -3.80
N GLU A 19 8.29 10.19 -4.16
CA GLU A 19 8.60 9.82 -5.54
C GLU A 19 7.45 10.18 -6.46
N ASP A 20 6.23 10.14 -5.93
CA ASP A 20 5.05 10.46 -6.70
C ASP A 20 5.08 11.91 -7.19
N LYS A 21 5.65 12.79 -6.36
CA LYS A 21 5.75 14.20 -6.70
C LYS A 21 7.03 14.49 -7.49
N ALA A 22 8.03 13.63 -7.32
CA ALA A 22 9.31 13.80 -8.01
C ALA A 22 9.35 12.97 -9.30
N LYS A 23 8.18 12.67 -9.86
CA LYS A 23 8.09 11.89 -11.08
C LYS A 23 8.83 10.55 -10.94
N ASN A 24 8.30 9.68 -10.10
CA ASN A 24 8.90 8.37 -9.87
C ASN A 24 7.83 7.30 -9.69
N TYR A 25 7.01 7.11 -10.72
CA TYR A 25 5.94 6.12 -10.67
C TYR A 25 6.51 4.72 -10.57
N GLU A 26 7.68 4.50 -11.15
CA GLU A 26 8.34 3.21 -11.12
C GLU A 26 8.86 2.89 -9.73
N GLU A 27 9.34 3.92 -9.04
CA GLU A 27 9.87 3.76 -7.69
C GLU A 27 8.76 3.77 -6.65
N ALA A 28 7.85 4.72 -6.78
CA ALA A 28 6.72 4.85 -5.86
C ALA A 28 5.90 3.56 -5.83
N LEU A 29 5.86 2.86 -6.95
CA LEU A 29 5.11 1.61 -7.06
C LEU A 29 5.66 0.55 -6.10
N ARG A 30 6.95 0.27 -6.24
CA ARG A 30 7.60 -0.73 -5.40
C ARG A 30 7.50 -0.33 -3.92
N LEU A 31 7.56 0.97 -3.66
CA LEU A 31 7.48 1.48 -2.29
C LEU A 31 6.06 1.34 -1.74
N TYR A 32 5.08 1.44 -2.63
CA TYR A 32 3.68 1.33 -2.24
C TYR A 32 3.32 -0.11 -1.91
N GLN A 33 3.75 -1.04 -2.75
CA GLN A 33 3.47 -2.46 -2.55
C GLN A 33 4.05 -2.94 -1.22
N HIS A 34 5.23 -2.44 -0.88
CA HIS A 34 5.90 -2.82 0.37
C HIS A 34 5.12 -2.29 1.58
N ALA A 35 4.68 -1.04 1.49
CA ALA A 35 3.94 -0.42 2.58
C ALA A 35 2.66 -1.19 2.87
N VAL A 36 1.82 -1.34 1.86
CA VAL A 36 0.56 -2.07 2.01
C VAL A 36 0.80 -3.51 2.45
N GLU A 37 1.81 -4.14 1.87
CA GLU A 37 2.15 -5.52 2.20
C GLU A 37 2.51 -5.65 3.68
N TYR A 38 3.40 -4.79 4.16
CA TYR A 38 3.81 -4.81 5.54
C TYR A 38 2.65 -4.50 6.47
N PHE A 39 1.72 -3.68 5.99
CA PHE A 39 0.55 -3.30 6.77
C PHE A 39 -0.39 -4.49 6.95
N LEU A 40 -0.60 -5.25 5.88
CA LEU A 40 -1.48 -6.40 5.91
C LEU A 40 -0.98 -7.44 6.93
N HIS A 41 0.35 -7.55 7.03
CA HIS A 41 0.95 -8.49 7.96
C HIS A 41 0.83 -8.00 9.41
N ALA A 42 0.84 -6.68 9.57
CA ALA A 42 0.74 -6.08 10.89
C ALA A 42 -0.66 -6.25 11.46
N ILE A 43 -1.66 -6.29 10.59
CA ILE A 43 -3.04 -6.45 11.00
C ILE A 43 -3.30 -7.87 11.49
N LYS A 44 -3.00 -8.85 10.65
CA LYS A 44 -3.20 -10.25 10.99
C LYS A 44 -2.40 -10.63 12.23
N TYR A 45 -1.24 -9.98 12.41
CA TYR A 45 -0.38 -10.25 13.54
C TYR A 45 -0.92 -9.59 14.80
N GLU A 46 -0.77 -8.27 14.88
CA GLU A 46 -1.25 -7.52 16.04
C GLU A 46 -1.99 -6.26 15.59
N ALA A 47 -3.25 -6.14 16.00
CA ALA A 47 -4.06 -4.98 15.64
C ALA A 47 -4.50 -4.22 16.89
N HIS A 48 -4.70 -2.92 16.74
CA HIS A 48 -5.13 -2.08 17.85
C HIS A 48 -6.55 -2.41 18.28
N SER A 49 -7.50 -2.13 17.40
CA SER A 49 -8.91 -2.39 17.69
C SER A 49 -9.73 -2.43 16.41
N ASP A 50 -11.03 -2.62 16.54
CA ASP A 50 -11.93 -2.68 15.40
C ASP A 50 -11.97 -1.34 14.67
N LYS A 51 -12.14 -0.27 15.44
CA LYS A 51 -12.20 1.07 14.86
C LYS A 51 -10.91 1.41 14.14
N ALA A 52 -9.78 1.12 14.77
CA ALA A 52 -8.47 1.39 14.18
C ALA A 52 -8.26 0.57 12.92
N LYS A 53 -8.69 -0.69 12.97
CA LYS A 53 -8.54 -1.58 11.81
C LYS A 53 -9.28 -1.03 10.60
N GLU A 54 -10.39 -0.33 10.86
CA GLU A 54 -11.19 0.25 9.79
C GLU A 54 -10.47 1.42 9.13
N SER A 55 -9.79 2.22 9.95
CA SER A 55 -9.06 3.38 9.45
C SER A 55 -7.81 2.94 8.68
N ILE A 56 -7.06 2.00 9.26
CA ILE A 56 -5.85 1.50 8.63
C ILE A 56 -6.16 0.82 7.30
N ARG A 57 -7.35 0.22 7.22
CA ARG A 57 -7.77 -0.46 6.00
C ARG A 57 -7.94 0.53 4.85
N ALA A 58 -8.69 1.59 5.10
CA ALA A 58 -8.94 2.62 4.08
C ALA A 58 -7.62 3.20 3.57
N LYS A 59 -6.64 3.28 4.45
CA LYS A 59 -5.32 3.82 4.09
C LYS A 59 -4.57 2.85 3.18
N CYS A 60 -4.83 1.55 3.36
CA CYS A 60 -4.18 0.53 2.54
C CYS A 60 -4.85 0.41 1.18
N VAL A 61 -6.18 0.37 1.18
CA VAL A 61 -6.94 0.25 -0.06
C VAL A 61 -6.64 1.42 -1.00
N GLN A 62 -6.34 2.58 -0.42
CA GLN A 62 -6.03 3.77 -1.21
C GLN A 62 -4.60 3.71 -1.74
N TYR A 63 -3.68 3.26 -0.90
CA TYR A 63 -2.28 3.16 -1.29
C TYR A 63 -2.07 2.03 -2.29
N LEU A 64 -2.88 0.98 -2.16
CA LEU A 64 -2.80 -0.17 -3.05
C LEU A 64 -3.28 0.19 -4.45
N ASP A 65 -4.35 0.97 -4.53
CA ASP A 65 -4.91 1.39 -5.80
C ASP A 65 -3.94 2.30 -6.55
N ARG A 66 -3.21 3.11 -5.79
CA ARG A 66 -2.25 4.04 -6.38
C ARG A 66 -1.08 3.28 -7.01
N ALA A 67 -0.63 2.23 -6.34
CA ALA A 67 0.47 1.42 -6.84
C ALA A 67 0.15 0.82 -8.21
N GLU A 68 -1.01 0.19 -8.31
CA GLU A 68 -1.43 -0.43 -9.57
C GLU A 68 -1.54 0.62 -10.67
N LYS A 69 -1.89 1.84 -10.29
CA LYS A 69 -2.02 2.93 -11.25
C LYS A 69 -0.68 3.30 -11.85
N LEU A 70 0.35 3.32 -11.00
CA LEU A 70 1.70 3.66 -11.45
C LEU A 70 2.23 2.62 -12.43
N LYS A 71 1.81 1.37 -12.24
CA LYS A 71 2.24 0.28 -13.11
C LYS A 71 1.71 0.47 -14.52
N ASP A 72 0.43 0.84 -14.63
CA ASP A 72 -0.20 1.05 -15.93
C ASP A 72 0.32 2.32 -16.58
N TYR A 73 0.68 3.30 -15.76
CA TYR A 73 1.19 4.57 -16.27
C TYR A 73 2.47 4.36 -17.07
N LEU A 74 3.34 3.49 -16.57
CA LEU A 74 4.60 3.19 -17.25
C LEU A 74 4.41 2.13 -18.32
N ARG A 75 3.60 1.12 -18.01
CA ARG A 75 3.33 0.04 -18.95
C ARG A 75 2.55 0.55 -20.16
N GLU B 5 -11.47 -6.18 2.91
CA GLU B 5 -10.05 -6.55 2.93
C GLU B 5 -9.72 -7.49 1.78
N ASP B 6 -10.70 -8.30 1.39
CA ASP B 6 -10.51 -9.26 0.31
C ASP B 6 -10.39 -8.55 -1.03
N GLN B 7 -11.05 -7.40 -1.15
CA GLN B 7 -11.03 -6.62 -2.37
C GLN B 7 -9.60 -6.22 -2.74
N LEU B 8 -8.95 -5.47 -1.85
CA LEU B 8 -7.58 -5.03 -2.08
C LEU B 8 -6.60 -6.19 -1.95
N SER B 9 -6.95 -7.16 -1.12
CA SER B 9 -6.10 -8.33 -0.91
C SER B 9 -5.90 -9.11 -2.21
N ARG B 10 -6.97 -9.24 -2.98
CA ARG B 10 -6.92 -9.95 -4.26
C ARG B 10 -6.14 -9.15 -5.29
N ARG B 11 -6.41 -7.85 -5.34
CA ARG B 11 -5.73 -6.97 -6.28
C ARG B 11 -4.22 -6.97 -6.06
N LEU B 12 -3.82 -7.15 -4.80
CA LEU B 12 -2.40 -7.17 -4.45
C LEU B 12 -1.73 -8.44 -4.98
N ALA B 13 -2.42 -9.57 -4.82
CA ALA B 13 -1.88 -10.85 -5.28
C ALA B 13 -1.64 -10.83 -6.78
N ALA B 14 -2.46 -10.07 -7.51
CA ALA B 14 -2.33 -9.96 -8.95
C ALA B 14 -1.18 -9.05 -9.34
N LEU B 15 -0.95 -8.01 -8.54
CA LEU B 15 0.12 -7.06 -8.79
C LEU B 15 1.48 -7.73 -8.69
N ARG B 16 1.66 -8.52 -7.64
CA ARG B 16 2.92 -9.22 -7.42
C ARG B 16 3.02 -10.45 -8.32
N ASN B 17 1.88 -11.05 -8.60
CA ASN B 17 1.83 -12.24 -9.44
C ASN B 17 1.30 -11.90 -10.83
N THR A 5 7.39 -3.58 11.80
CA THR A 5 6.62 -3.66 10.56
C THR A 5 5.91 -2.34 10.28
N LEU A 6 5.54 -1.63 11.34
CA LEU A 6 4.85 -0.35 11.21
C LEU A 6 5.82 0.73 10.74
N GLN A 7 6.97 0.81 11.39
CA GLN A 7 7.99 1.80 11.06
C GLN A 7 8.45 1.63 9.62
N LYS A 8 8.60 0.38 9.20
CA LYS A 8 9.05 0.07 7.84
C LYS A 8 7.94 0.37 6.83
N ALA A 9 6.71 0.08 7.21
CA ALA A 9 5.56 0.31 6.34
C ALA A 9 5.40 1.80 6.04
N ILE A 10 5.47 2.62 7.08
CA ILE A 10 5.32 4.07 6.92
C ILE A 10 6.46 4.63 6.07
N ASP A 11 7.69 4.27 6.42
CA ASP A 11 8.86 4.76 5.68
C ASP A 11 8.79 4.34 4.22
N LEU A 12 8.16 3.20 3.96
CA LEU A 12 8.03 2.69 2.60
C LEU A 12 7.04 3.53 1.80
N VAL A 13 5.86 3.74 2.37
CA VAL A 13 4.82 4.52 1.71
C VAL A 13 5.23 5.99 1.60
N THR A 14 5.95 6.48 2.60
CA THR A 14 6.41 7.86 2.61
C THR A 14 7.29 8.15 1.40
N LYS A 15 8.33 7.37 1.23
CA LYS A 15 9.24 7.54 0.10
C LYS A 15 8.52 7.37 -1.22
N ALA A 16 7.50 6.52 -1.22
CA ALA A 16 6.71 6.27 -2.43
C ALA A 16 5.92 7.51 -2.84
N THR A 17 5.35 8.19 -1.85
CA THR A 17 4.57 9.40 -2.11
C THR A 17 5.43 10.46 -2.78
N GLU A 18 6.65 10.63 -2.30
CA GLU A 18 7.57 11.61 -2.86
C GLU A 18 7.88 11.29 -4.32
N GLU A 19 8.05 10.01 -4.61
CA GLU A 19 8.36 9.57 -5.97
C GLU A 19 7.27 10.01 -6.94
N ASP A 20 6.01 9.70 -6.60
CA ASP A 20 4.88 10.06 -7.45
C ASP A 20 4.84 11.57 -7.68
N LYS A 21 5.32 12.33 -6.70
CA LYS A 21 5.33 13.78 -6.80
C LYS A 21 6.49 14.26 -7.66
N ALA A 22 7.54 13.46 -7.74
CA ALA A 22 8.71 13.81 -8.54
C ALA A 22 8.66 13.15 -9.91
N LYS A 23 7.46 12.91 -10.41
CA LYS A 23 7.27 12.28 -11.71
C LYS A 23 7.92 10.90 -11.75
N ASN A 24 7.86 10.19 -10.62
CA ASN A 24 8.44 8.85 -10.53
C ASN A 24 7.38 7.82 -10.16
N TYR A 25 6.57 7.43 -11.15
CA TYR A 25 5.51 6.45 -10.92
C TYR A 25 6.10 5.05 -10.79
N GLU A 26 7.21 4.80 -11.49
CA GLU A 26 7.86 3.51 -11.46
C GLU A 26 8.35 3.18 -10.05
N GLU A 27 9.10 4.10 -9.46
CA GLU A 27 9.63 3.92 -8.12
C GLU A 27 8.52 4.00 -7.08
N ALA A 28 7.61 4.95 -7.27
CA ALA A 28 6.49 5.14 -6.35
C ALA A 28 5.63 3.88 -6.26
N LEU A 29 5.31 3.32 -7.42
CA LEU A 29 4.49 2.11 -7.48
C LEU A 29 5.15 0.96 -6.73
N ARG A 30 6.45 0.77 -6.98
CA ARG A 30 7.20 -0.30 -6.33
C ARG A 30 7.18 -0.13 -4.82
N LEU A 31 7.49 1.09 -4.36
CA LEU A 31 7.51 1.38 -2.92
C LEU A 31 6.10 1.39 -2.36
N TYR A 32 5.13 1.78 -3.17
CA TYR A 32 3.74 1.84 -2.75
C TYR A 32 3.24 0.46 -2.30
N GLN A 33 3.28 -0.49 -3.22
CA GLN A 33 2.83 -1.85 -2.93
C GLN A 33 3.66 -2.46 -1.80
N HIS A 34 4.92 -2.06 -1.71
CA HIS A 34 5.81 -2.56 -0.67
C HIS A 34 5.38 -2.07 0.70
N ALA A 35 4.98 -0.80 0.78
CA ALA A 35 4.54 -0.21 2.04
C ALA A 35 3.22 -0.83 2.50
N VAL A 36 2.35 -1.12 1.55
CA VAL A 36 1.05 -1.71 1.86
C VAL A 36 1.18 -3.17 2.25
N GLU A 37 2.12 -3.86 1.60
CA GLU A 37 2.36 -5.28 1.88
C GLU A 37 2.75 -5.49 3.34
N TYR A 38 3.64 -4.63 3.84
CA TYR A 38 4.09 -4.72 5.22
C TYR A 38 2.98 -4.34 6.19
N PHE A 39 2.14 -3.38 5.78
CA PHE A 39 1.04 -2.93 6.61
C PHE A 39 0.08 -4.08 6.91
N LEU A 40 -0.34 -4.79 5.87
CA LEU A 40 -1.26 -5.90 6.02
C LEU A 40 -0.67 -6.98 6.93
N HIS A 41 0.63 -7.23 6.77
CA HIS A 41 1.31 -8.24 7.58
C HIS A 41 1.24 -7.87 9.05
N ALA A 42 1.21 -6.59 9.35
CA ALA A 42 1.15 -6.11 10.72
C ALA A 42 -0.24 -6.35 11.31
N ILE A 43 -1.27 -6.25 10.48
CA ILE A 43 -2.64 -6.46 10.92
C ILE A 43 -2.90 -7.92 11.23
N LYS A 44 -2.56 -8.79 10.28
CA LYS A 44 -2.77 -10.23 10.45
C LYS A 44 -1.99 -10.75 11.66
N TYR A 45 -0.80 -10.18 11.87
CA TYR A 45 0.05 -10.60 12.98
C TYR A 45 -0.48 -10.04 14.30
N GLU A 46 -1.10 -8.87 14.24
CA GLU A 46 -1.65 -8.23 15.42
C GLU A 46 -2.61 -7.10 15.04
N ALA A 47 -3.54 -6.80 15.94
CA ALA A 47 -4.51 -5.74 15.70
C ALA A 47 -5.15 -5.27 17.00
N HIS A 48 -5.21 -3.96 17.19
CA HIS A 48 -5.80 -3.38 18.39
C HIS A 48 -7.28 -3.72 18.49
N SER A 49 -8.09 -3.06 17.68
CA SER A 49 -9.53 -3.30 17.67
C SER A 49 -10.10 -3.17 16.26
N ASP A 50 -11.41 -3.34 16.14
CA ASP A 50 -12.09 -3.24 14.84
C ASP A 50 -11.98 -1.83 14.28
N LYS A 51 -12.07 -0.84 15.15
CA LYS A 51 -11.98 0.56 14.74
C LYS A 51 -10.63 0.85 14.08
N ALA A 52 -9.56 0.49 14.77
CA ALA A 52 -8.22 0.71 14.25
C ALA A 52 -8.01 -0.02 12.93
N LYS A 53 -8.49 -1.27 12.87
CA LYS A 53 -8.36 -2.07 11.67
C LYS A 53 -9.06 -1.41 10.48
N GLU A 54 -10.14 -0.70 10.77
CA GLU A 54 -10.91 -0.01 9.73
C GLU A 54 -10.08 1.09 9.09
N SER A 55 -9.39 1.85 9.93
CA SER A 55 -8.55 2.95 9.44
C SER A 55 -7.47 2.45 8.51
N ILE A 56 -6.92 1.28 8.82
CA ILE A 56 -5.87 0.69 7.99
C ILE A 56 -6.44 0.18 6.67
N ARG A 57 -7.66 -0.34 6.72
CA ARG A 57 -8.32 -0.86 5.53
C ARG A 57 -8.51 0.24 4.49
N ALA A 58 -9.17 1.32 4.90
CA ALA A 58 -9.42 2.44 4.00
C ALA A 58 -8.11 3.03 3.48
N LYS A 59 -7.07 2.95 4.30
CA LYS A 59 -5.76 3.47 3.93
C LYS A 59 -5.08 2.57 2.92
N CYS A 60 -5.36 1.27 3.01
CA CYS A 60 -4.77 0.29 2.10
C CYS A 60 -5.53 0.26 0.78
N VAL A 61 -6.85 0.25 0.86
CA VAL A 61 -7.69 0.21 -0.34
C VAL A 61 -7.41 1.42 -1.23
N GLN A 62 -7.19 2.58 -0.60
CA GLN A 62 -6.92 3.81 -1.34
C GLN A 62 -5.51 3.77 -1.95
N TYR A 63 -4.55 3.25 -1.18
CA TYR A 63 -3.18 3.15 -1.66
C TYR A 63 -3.07 2.20 -2.85
N LEU A 64 -3.92 1.18 -2.86
CA LEU A 64 -3.92 0.20 -3.93
C LEU A 64 -4.49 0.81 -5.22
N ASP A 65 -5.50 1.67 -5.06
CA ASP A 65 -6.13 2.33 -6.21
C ASP A 65 -5.10 3.13 -7.00
N ARG A 66 -4.37 4.00 -6.31
CA ARG A 66 -3.37 4.83 -6.96
C ARG A 66 -2.27 3.97 -7.59
N ALA A 67 -1.86 2.93 -6.86
CA ALA A 67 -0.83 2.02 -7.34
C ALA A 67 -1.21 1.41 -8.69
N GLU A 68 -2.45 0.95 -8.79
CA GLU A 68 -2.95 0.34 -10.01
C GLU A 68 -2.86 1.32 -11.18
N LYS A 69 -3.12 2.59 -10.89
CA LYS A 69 -3.07 3.63 -11.91
C LYS A 69 -1.62 4.02 -12.23
N LEU A 70 -0.75 3.91 -11.24
CA LEU A 70 0.66 4.24 -11.42
C LEU A 70 1.35 3.23 -12.33
N LYS A 71 1.21 1.96 -12.00
CA LYS A 71 1.83 0.89 -12.78
C LYS A 71 1.28 0.89 -14.21
N ASP A 72 -0.01 1.16 -14.34
CA ASP A 72 -0.66 1.20 -15.65
C ASP A 72 -0.26 2.46 -16.42
N TYR A 73 0.02 3.53 -15.69
CA TYR A 73 0.42 4.79 -16.31
C TYR A 73 1.69 4.62 -17.13
N LEU A 74 2.66 3.93 -16.55
CA LEU A 74 3.93 3.68 -17.23
C LEU A 74 3.79 2.60 -18.29
N ARG A 75 2.91 1.65 -18.04
CA ARG A 75 2.67 0.55 -18.96
C ARG A 75 1.88 1.03 -20.19
N GLU B 5 -11.56 -6.50 2.90
CA GLU B 5 -10.11 -6.71 2.96
C GLU B 5 -9.64 -7.60 1.81
N ASP B 6 -10.50 -8.53 1.40
CA ASP B 6 -10.17 -9.44 0.32
C ASP B 6 -10.06 -8.70 -1.01
N GLN B 7 -10.80 -7.61 -1.15
CA GLN B 7 -10.78 -6.81 -2.37
C GLN B 7 -9.36 -6.28 -2.64
N LEU B 8 -8.85 -5.49 -1.71
CA LEU B 8 -7.51 -4.92 -1.85
C LEU B 8 -6.44 -5.99 -1.65
N SER B 9 -6.74 -6.99 -0.82
CA SER B 9 -5.80 -8.06 -0.54
C SER B 9 -5.46 -8.82 -1.82
N ARG B 10 -6.48 -9.16 -2.60
CA ARG B 10 -6.28 -9.89 -3.85
C ARG B 10 -5.56 -9.02 -4.87
N ARG B 11 -5.93 -7.74 -4.91
CA ARG B 11 -5.32 -6.80 -5.84
C ARG B 11 -3.84 -6.59 -5.52
N LEU B 12 -3.51 -6.58 -4.23
CA LEU B 12 -2.14 -6.39 -3.78
C LEU B 12 -1.24 -7.51 -4.31
N ALA B 13 -1.71 -8.74 -4.20
CA ALA B 13 -0.95 -9.89 -4.65
C ALA B 13 -0.67 -9.81 -6.16
N ALA B 14 -1.73 -9.62 -6.94
CA ALA B 14 -1.60 -9.52 -8.38
C ALA B 14 -0.70 -8.35 -8.77
N LEU B 15 -0.70 -7.31 -7.94
CA LEU B 15 0.12 -6.13 -8.20
C LEU B 15 1.60 -6.49 -8.28
N ARG B 16 2.08 -7.21 -7.27
CA ARG B 16 3.48 -7.63 -7.22
C ARG B 16 3.72 -8.84 -8.12
N ASN B 17 2.69 -9.68 -8.25
CA ASN B 17 2.79 -10.88 -9.08
C ASN B 17 1.41 -11.51 -9.28
N THR A 5 7.40 -3.81 11.82
CA THR A 5 6.64 -3.84 10.57
C THR A 5 6.03 -2.47 10.28
N LEU A 6 5.67 -1.74 11.34
CA LEU A 6 5.07 -0.42 11.19
C LEU A 6 6.09 0.57 10.63
N GLN A 7 7.30 0.53 11.17
CA GLN A 7 8.35 1.43 10.71
C GLN A 7 8.66 1.24 9.24
N LYS A 8 8.49 0.00 8.76
CA LYS A 8 8.73 -0.33 7.37
C LYS A 8 7.54 0.04 6.50
N ALA A 9 6.34 -0.17 7.03
CA ALA A 9 5.12 0.14 6.30
C ALA A 9 5.06 1.63 5.95
N ILE A 10 5.47 2.46 6.89
CA ILE A 10 5.46 3.91 6.68
C ILE A 10 6.63 4.35 5.80
N ASP A 11 7.80 3.80 6.08
CA ASP A 11 9.00 4.13 5.30
C ASP A 11 8.81 3.79 3.84
N LEU A 12 8.03 2.75 3.56
CA LEU A 12 7.76 2.32 2.20
C LEU A 12 6.86 3.32 1.48
N VAL A 13 5.69 3.57 2.06
CA VAL A 13 4.73 4.50 1.49
C VAL A 13 5.32 5.90 1.35
N THR A 14 6.17 6.26 2.31
CA THR A 14 6.80 7.58 2.30
C THR A 14 7.66 7.76 1.04
N LYS A 15 8.46 6.74 0.74
CA LYS A 15 9.32 6.79 -0.45
C LYS A 15 8.49 6.80 -1.73
N ALA A 16 7.36 6.12 -1.69
CA ALA A 16 6.47 6.05 -2.85
C ALA A 16 5.85 7.41 -3.15
N THR A 17 5.65 8.20 -2.11
CA THR A 17 5.07 9.53 -2.26
C THR A 17 6.04 10.46 -2.98
N GLU A 18 7.27 10.51 -2.49
CA GLU A 18 8.29 11.36 -3.09
C GLU A 18 8.57 10.97 -4.53
N GLU A 19 8.45 9.67 -4.82
CA GLU A 19 8.68 9.16 -6.16
C GLU A 19 7.72 9.79 -7.15
N ASP A 20 6.42 9.68 -6.87
CA ASP A 20 5.40 10.24 -7.74
C ASP A 20 5.60 11.74 -7.94
N LYS A 21 6.15 12.39 -6.91
CA LYS A 21 6.41 13.83 -6.96
C LYS A 21 7.62 14.14 -7.82
N ALA A 22 8.56 13.19 -7.89
CA ALA A 22 9.77 13.37 -8.69
C ALA A 22 9.64 12.72 -10.06
N LYS A 23 8.40 12.66 -10.56
CA LYS A 23 8.15 12.07 -11.87
C LYS A 23 8.61 10.61 -11.92
N ASN A 24 8.41 9.90 -10.81
CA ASN A 24 8.80 8.50 -10.73
C ASN A 24 7.60 7.62 -10.40
N TYR A 25 6.79 7.32 -11.40
CA TYR A 25 5.61 6.49 -11.22
C TYR A 25 5.99 5.02 -11.14
N GLU A 26 7.01 4.63 -11.90
CA GLU A 26 7.47 3.26 -11.90
C GLU A 26 8.10 2.88 -10.57
N GLU A 27 8.74 3.87 -9.93
CA GLU A 27 9.39 3.64 -8.64
C GLU A 27 8.38 3.74 -7.51
N ALA A 28 7.41 4.63 -7.66
CA ALA A 28 6.38 4.82 -6.64
C ALA A 28 5.50 3.59 -6.51
N LEU A 29 5.21 2.96 -7.65
CA LEU A 29 4.36 1.76 -7.66
C LEU A 29 5.00 0.66 -6.82
N ARG A 30 6.32 0.54 -6.90
CA ARG A 30 7.04 -0.48 -6.16
C ARG A 30 6.91 -0.25 -4.65
N LEU A 31 7.29 0.94 -4.21
CA LEU A 31 7.22 1.29 -2.79
C LEU A 31 5.78 1.19 -2.28
N TYR A 32 4.82 1.47 -3.16
CA TYR A 32 3.42 1.42 -2.79
C TYR A 32 2.97 -0.02 -2.58
N GLN A 33 3.57 -0.94 -3.31
CA GLN A 33 3.24 -2.36 -3.21
C GLN A 33 3.75 -2.94 -1.90
N HIS A 34 5.05 -2.78 -1.65
CA HIS A 34 5.67 -3.28 -0.43
C HIS A 34 5.03 -2.67 0.80
N ALA A 35 4.74 -1.37 0.73
CA ALA A 35 4.13 -0.66 1.84
C ALA A 35 2.78 -1.27 2.21
N VAL A 36 1.90 -1.39 1.22
CA VAL A 36 0.58 -1.96 1.45
C VAL A 36 0.67 -3.42 1.88
N GLU A 37 1.64 -4.13 1.31
CA GLU A 37 1.84 -5.54 1.63
C GLU A 37 2.14 -5.72 3.12
N TYR A 38 3.07 -4.91 3.62
CA TYR A 38 3.45 -4.98 5.03
C TYR A 38 2.29 -4.58 5.93
N PHE A 39 1.46 -3.66 5.43
CA PHE A 39 0.31 -3.18 6.19
C PHE A 39 -0.67 -4.31 6.48
N LEU A 40 -1.03 -5.04 5.43
CA LEU A 40 -1.97 -6.16 5.56
C LEU A 40 -1.41 -7.22 6.51
N HIS A 41 -0.09 -7.38 6.50
CA HIS A 41 0.56 -8.36 7.36
C HIS A 41 0.66 -7.84 8.79
N ALA A 42 0.79 -6.53 8.93
CA ALA A 42 0.90 -5.91 10.26
C ALA A 42 -0.42 -5.98 11.01
N ILE A 43 -1.52 -5.75 10.29
CA ILE A 43 -2.85 -5.79 10.89
C ILE A 43 -3.32 -7.23 11.09
N LYS A 44 -2.88 -8.12 10.21
CA LYS A 44 -3.25 -9.53 10.29
C LYS A 44 -2.55 -10.20 11.46
N TYR A 45 -1.33 -9.79 11.74
CA TYR A 45 -0.56 -10.35 12.84
C TYR A 45 -0.92 -9.69 14.16
N GLU A 46 -1.25 -8.40 14.10
CA GLU A 46 -1.62 -7.66 15.29
C GLU A 46 -2.47 -6.45 14.93
N ALA A 47 -3.51 -6.21 15.72
CA ALA A 47 -4.41 -5.08 15.48
C ALA A 47 -4.86 -4.46 16.80
N HIS A 48 -5.58 -3.35 16.70
CA HIS A 48 -6.08 -2.66 17.89
C HIS A 48 -7.57 -2.91 18.08
N SER A 49 -8.38 -2.42 17.15
CA SER A 49 -9.82 -2.59 17.21
C SER A 49 -10.48 -2.27 15.87
N ASP A 50 -11.81 -2.33 15.84
CA ASP A 50 -12.54 -2.05 14.61
C ASP A 50 -12.31 -0.61 14.14
N LYS A 51 -12.44 0.33 15.08
CA LYS A 51 -12.23 1.75 14.76
C LYS A 51 -10.81 1.99 14.26
N ALA A 52 -9.83 1.54 15.03
CA ALA A 52 -8.42 1.70 14.66
C ALA A 52 -8.13 1.03 13.34
N LYS A 53 -8.62 -0.19 13.18
CA LYS A 53 -8.40 -0.95 11.95
C LYS A 53 -8.99 -0.22 10.74
N GLU A 54 -10.06 0.52 10.98
CA GLU A 54 -10.72 1.27 9.91
C GLU A 54 -9.79 2.35 9.35
N SER A 55 -9.17 3.10 10.25
CA SER A 55 -8.25 4.16 9.85
C SER A 55 -7.09 3.61 9.04
N ILE A 56 -6.56 2.47 9.48
CA ILE A 56 -5.44 1.83 8.80
C ILE A 56 -5.88 1.22 7.49
N ARG A 57 -7.12 0.73 7.45
CA ARG A 57 -7.66 0.11 6.25
C ARG A 57 -7.87 1.16 5.15
N ALA A 58 -8.56 2.23 5.50
CA ALA A 58 -8.83 3.31 4.54
C ALA A 58 -7.54 3.87 3.97
N LYS A 59 -6.49 3.90 4.79
CA LYS A 59 -5.20 4.42 4.36
C LYS A 59 -4.54 3.46 3.37
N CYS A 60 -4.82 2.17 3.52
CA CYS A 60 -4.27 1.15 2.64
C CYS A 60 -5.01 1.11 1.31
N VAL A 61 -6.34 1.11 1.39
CA VAL A 61 -7.18 1.07 0.19
C VAL A 61 -6.87 2.25 -0.73
N GLN A 62 -6.49 3.38 -0.13
CA GLN A 62 -6.17 4.58 -0.89
C GLN A 62 -4.79 4.47 -1.54
N TYR A 63 -3.84 3.93 -0.80
CA TYR A 63 -2.48 3.76 -1.29
C TYR A 63 -2.44 2.70 -2.40
N LEU A 64 -3.26 1.68 -2.26
CA LEU A 64 -3.31 0.60 -3.25
C LEU A 64 -3.87 1.11 -4.57
N ASP A 65 -4.91 1.93 -4.50
CA ASP A 65 -5.54 2.48 -5.70
C ASP A 65 -4.55 3.32 -6.48
N ARG A 66 -3.72 4.08 -5.76
CA ARG A 66 -2.72 4.93 -6.40
C ARG A 66 -1.67 4.10 -7.12
N ALA A 67 -1.36 2.93 -6.57
CA ALA A 67 -0.37 2.03 -7.15
C ALA A 67 -0.80 1.57 -8.55
N GLU A 68 -2.03 1.06 -8.63
CA GLU A 68 -2.56 0.58 -9.91
C GLU A 68 -2.61 1.71 -10.94
N LYS A 69 -2.83 2.94 -10.46
CA LYS A 69 -2.89 4.10 -11.33
C LYS A 69 -1.53 4.38 -11.97
N LEU A 70 -0.47 4.21 -11.19
CA LEU A 70 0.88 4.44 -11.68
C LEU A 70 1.27 3.42 -12.74
N LYS A 71 0.78 2.19 -12.56
CA LYS A 71 1.08 1.12 -13.50
C LYS A 71 0.49 1.42 -14.88
N ASP A 72 -0.74 1.90 -14.90
CA ASP A 72 -1.41 2.23 -16.15
C ASP A 72 -0.71 3.38 -16.86
N TYR A 73 -0.13 4.28 -16.06
CA TYR A 73 0.58 5.43 -16.60
C TYR A 73 1.74 4.99 -17.50
N LEU A 74 2.59 4.13 -16.96
CA LEU A 74 3.75 3.63 -17.70
C LEU A 74 3.32 2.62 -18.76
N ARG A 75 2.37 1.77 -18.40
CA ARG A 75 1.87 0.75 -19.32
C ARG A 75 1.21 1.40 -20.53
N GLU B 5 -11.46 -5.61 3.76
CA GLU B 5 -10.06 -5.99 3.64
C GLU B 5 -9.82 -6.83 2.38
N ASP B 6 -10.84 -7.60 1.99
CA ASP B 6 -10.74 -8.45 0.81
C ASP B 6 -10.73 -7.60 -0.46
N GLN B 7 -11.39 -6.45 -0.42
CA GLN B 7 -11.45 -5.55 -1.56
C GLN B 7 -10.05 -5.13 -1.99
N LEU B 8 -9.34 -4.47 -1.08
CA LEU B 8 -7.97 -4.01 -1.38
C LEU B 8 -7.00 -5.18 -1.45
N SER B 9 -7.30 -6.23 -0.69
CA SER B 9 -6.44 -7.42 -0.67
C SER B 9 -6.43 -8.11 -2.03
N ARG B 10 -7.59 -8.15 -2.67
CA ARG B 10 -7.72 -8.78 -3.98
C ARG B 10 -6.99 -7.97 -5.04
N ARG B 11 -7.20 -6.66 -5.02
CA ARG B 11 -6.56 -5.78 -5.99
C ARG B 11 -5.04 -5.85 -5.88
N LEU B 12 -4.55 -6.11 -4.68
CA LEU B 12 -3.12 -6.22 -4.44
C LEU B 12 -2.53 -7.43 -5.16
N ALA B 13 -3.19 -8.57 -5.00
CA ALA B 13 -2.73 -9.81 -5.63
C ALA B 13 -2.71 -9.67 -7.14
N ALA B 14 -3.67 -8.92 -7.68
CA ALA B 14 -3.75 -8.71 -9.12
C ALA B 14 -2.68 -7.74 -9.60
N LEU B 15 -2.31 -6.80 -8.74
CA LEU B 15 -1.30 -5.81 -9.08
C LEU B 15 0.08 -6.45 -9.18
N ARG B 16 0.51 -7.09 -8.10
CA ARG B 16 1.81 -7.76 -8.07
C ARG B 16 1.86 -8.90 -9.08
N ASN B 17 0.71 -9.53 -9.30
CA ASN B 17 0.62 -10.64 -10.25
C ASN B 17 -0.60 -10.50 -11.15
#